data_1TWI
#
_entry.id   1TWI
#
_cell.length_a   70.242
_cell.length_b   147.070
_cell.length_c   89.389
_cell.angle_alpha   90.00
_cell.angle_beta   97.25
_cell.angle_gamma   90.00
#
_symmetry.space_group_name_H-M   'P 1 21 1'
#
loop_
_entity.id
_entity.type
_entity.pdbx_description
1 polymer 'Diaminopimelate decarboxylase'
2 non-polymer "PYRIDOXAL-5'-PHOSPHATE"
3 non-polymer 'MAGNESIUM ION'
4 non-polymer LYSINE
5 water water
#
_entity_poly.entity_id   1
_entity_poly.type   'polypeptide(L)'
_entity_poly.pdbx_seq_one_letter_code
;MLGNDTVEIKDGRFFIDGYDAIELAEKFGTPLYVMSEEQIKINYNRYIEAFKRWEEETGKEFIVAYAYKANANLAITRLL
AKLGCGADVVSGGELYIAKLSNVPSKKIVFNGNCKTKEEIIMGIEANIRAFNVDSISELILINETAKELGETANVAFRIN
PNVNPKTHPKISTGLKKNKFGLDVESGIAMKAIKMALEMEYVNVVGVHCHIGSQLTDISPFIEETRKVMDFVVELKEEGI
EIEDVNLGGGLGIPYYKDKQIPTQKDLADAIINTMLKYKDKVEMPNLILEPGRSLVATAGYLLGKVHHIKETPVTKWVMI
DAGMNDMMRPAMYEAYHHIINCKVKNEKEVVSIAGGLCESSDVFGRDRELDKVEVGDVLAIFDVGAYGISMANNYNARGR
PRMVLTSKKGVFLIRERETYADLIAKDIVPPHLL
;
_entity_poly.pdbx_strand_id   A,B,C,D
#
loop_
_chem_comp.id
_chem_comp.type
_chem_comp.name
_chem_comp.formula
MG non-polymer 'MAGNESIUM ION' 'Mg 2'
PLP non-polymer PYRIDOXAL-5'-PHOSPHATE 'C8 H10 N O6 P'
#
# COMPACT_ATOMS: atom_id res chain seq x y z
N MET A 1 17.49 58.58 5.35
CA MET A 1 16.81 59.46 6.29
C MET A 1 15.75 60.25 5.58
N LEU A 2 15.74 60.22 4.25
CA LEU A 2 14.75 60.98 3.43
C LEU A 2 13.34 60.62 3.93
N GLY A 3 12.58 61.64 4.33
CA GLY A 3 11.22 61.46 4.82
C GLY A 3 11.14 61.20 6.33
N ASN A 4 12.25 60.80 6.95
CA ASN A 4 12.19 60.46 8.41
C ASN A 4 12.79 61.65 9.12
N ASP A 5 11.96 62.66 9.22
CA ASP A 5 12.43 63.95 9.75
C ASP A 5 12.68 64.08 11.24
N THR A 6 12.19 63.11 12.01
CA THR A 6 12.31 63.25 13.43
C THR A 6 13.14 62.19 14.10
N VAL A 7 13.91 61.44 13.33
CA VAL A 7 14.74 60.41 13.91
C VAL A 7 16.17 60.77 13.78
N GLU A 8 17.03 60.20 14.61
CA GLU A 8 18.46 60.52 14.48
C GLU A 8 19.30 59.45 15.17
N ILE A 9 20.60 59.53 14.96
CA ILE A 9 21.51 58.61 15.62
C ILE A 9 22.20 59.60 16.56
N LYS A 10 22.18 59.31 17.86
CA LYS A 10 22.86 60.17 18.84
C LYS A 10 23.63 59.22 19.74
N ASP A 11 24.89 59.56 19.97
CA ASP A 11 25.73 58.76 20.82
C ASP A 11 25.69 57.27 20.47
N GLY A 12 25.77 56.97 19.17
CA GLY A 12 25.78 55.57 18.73
C GLY A 12 24.49 54.78 18.89
N ARG A 13 23.37 55.46 19.14
CA ARG A 13 22.07 54.83 19.27
C ARG A 13 21.01 55.53 18.44
N PHE A 14 19.96 54.78 18.09
CA PHE A 14 18.87 55.36 17.29
C PHE A 14 17.82 56.02 18.18
N PHE A 15 17.37 57.21 17.77
CA PHE A 15 16.34 57.98 18.50
C PHE A 15 15.13 58.34 17.63
N ILE A 16 13.93 58.36 18.21
CA ILE A 16 12.70 58.77 17.47
C ILE A 16 12.11 59.86 18.33
N ASP A 17 12.00 61.07 17.78
CA ASP A 17 11.49 62.20 18.55
C ASP A 17 12.25 62.44 19.85
N GLY A 18 13.54 62.11 19.84
CA GLY A 18 14.30 62.32 21.07
C GLY A 18 14.25 61.15 22.06
N TYR A 19 13.44 60.11 21.79
CA TYR A 19 13.40 58.96 22.70
C TYR A 19 14.29 57.82 22.20
N ASP A 20 15.11 57.28 23.09
CA ASP A 20 16.02 56.17 22.74
C ASP A 20 15.20 54.93 22.28
N ALA A 21 15.38 54.46 21.04
CA ALA A 21 14.55 53.36 20.56
C ALA A 21 14.73 52.06 21.29
N ILE A 22 15.97 51.76 21.63
CA ILE A 22 16.26 50.52 22.37
C ILE A 22 15.56 50.58 23.74
N GLU A 23 15.58 51.73 24.38
CA GLU A 23 14.89 51.87 25.68
C GLU A 23 13.39 51.73 25.50
N LEU A 24 12.86 52.16 24.36
CA LEU A 24 11.43 51.98 24.11
C LEU A 24 11.14 50.48 24.02
N ALA A 25 12.01 49.76 23.30
CA ALA A 25 11.84 48.31 23.15
C ALA A 25 11.91 47.63 24.53
N GLU A 26 12.79 48.15 25.39
CA GLU A 26 12.94 47.62 26.75
C GLU A 26 11.76 47.91 27.68
N LYS A 27 11.24 49.11 27.61
CA LYS A 27 10.14 49.43 28.47
C LYS A 27 8.81 48.80 28.01
N PHE A 28 8.56 48.81 26.70
CA PHE A 28 7.28 48.32 26.20
C PHE A 28 7.26 46.92 25.59
N GLY A 29 8.42 46.30 25.40
CA GLY A 29 8.48 44.97 24.83
C GLY A 29 8.52 45.01 23.32
N THR A 30 8.89 43.91 22.70
CA THR A 30 8.93 43.82 21.23
C THR A 30 8.01 42.63 20.81
N PRO A 31 7.49 42.61 19.55
CA PRO A 31 7.66 43.64 18.54
C PRO A 31 6.89 44.89 18.92
N LEU A 32 7.34 46.07 18.48
CA LEU A 32 6.67 47.32 18.87
C LEU A 32 6.57 48.35 17.72
N TYR A 33 5.39 48.90 17.49
CA TYR A 33 5.23 49.98 16.51
C TYR A 33 5.45 51.27 17.27
N VAL A 34 6.21 52.20 16.70
CA VAL A 34 6.40 53.51 17.34
C VAL A 34 5.89 54.51 16.26
N MET A 35 4.95 55.37 16.65
CA MET A 35 4.42 56.34 15.73
C MET A 35 4.88 57.68 16.21
N SER A 36 5.50 58.47 15.33
CA SER A 36 5.99 59.83 15.70
C SER A 36 4.88 60.86 15.48
N GLU A 37 4.41 61.46 16.57
CA GLU A 37 3.36 62.45 16.46
C GLU A 37 3.87 63.65 15.67
N GLU A 38 5.10 64.10 15.93
CA GLU A 38 5.60 65.25 15.17
C GLU A 38 5.76 64.91 13.66
N GLN A 39 6.20 63.71 13.31
CA GLN A 39 6.31 63.42 11.89
C GLN A 39 4.90 63.52 11.19
N ILE A 40 3.84 63.05 11.87
CA ILE A 40 2.50 63.16 11.30
C ILE A 40 2.15 64.65 11.13
N LYS A 41 2.47 65.47 12.12
CA LYS A 41 2.16 66.91 11.99
C LYS A 41 2.95 67.50 10.84
N ILE A 42 4.19 67.08 10.71
CA ILE A 42 5.00 67.60 9.56
C ILE A 42 4.39 67.17 8.22
N ASN A 43 4.02 65.89 8.10
CA ASN A 43 3.46 65.43 6.81
C ASN A 43 2.16 66.17 6.48
N TYR A 44 1.31 66.35 7.49
CA TYR A 44 0.04 67.02 7.30
C TYR A 44 0.29 68.49 6.91
N ASN A 45 1.17 69.15 7.66
CA ASN A 45 1.47 70.55 7.39
C ASN A 45 2.07 70.74 5.97
N ARG A 46 2.79 69.75 5.45
CA ARG A 46 3.31 69.87 4.10
C ARG A 46 2.15 69.99 3.08
N TYR A 47 1.10 69.21 3.31
CA TYR A 47 -0.05 69.34 2.44
C TYR A 47 -0.72 70.69 2.57
N ILE A 48 -0.86 71.15 3.81
CA ILE A 48 -1.56 72.42 4.01
C ILE A 48 -0.77 73.55 3.37
N GLU A 49 0.53 73.56 3.59
CA GLU A 49 1.36 74.62 3.06
C GLU A 49 1.39 74.58 1.53
N ALA A 50 1.48 73.37 0.98
CA ALA A 50 1.54 73.23 -0.44
C ALA A 50 0.21 73.59 -1.12
N PHE A 51 -0.92 73.27 -0.50
CA PHE A 51 -2.19 73.53 -1.17
C PHE A 51 -2.99 74.76 -0.70
N LYS A 52 -2.49 75.57 0.24
CA LYS A 52 -3.29 76.73 0.68
C LYS A 52 -3.50 77.72 -0.46
N ARG A 53 -2.64 77.67 -1.45
CA ARG A 53 -2.81 78.50 -2.60
C ARG A 53 -4.23 78.30 -3.23
N TRP A 54 -4.75 77.08 -3.18
CA TRP A 54 -6.10 76.85 -3.77
C TRP A 54 -7.12 77.79 -3.14
N GLU A 55 -7.19 77.81 -1.82
CA GLU A 55 -8.16 78.68 -1.11
C GLU A 55 -7.82 80.15 -1.36
N GLU A 56 -6.53 80.47 -1.37
CA GLU A 56 -6.08 81.84 -1.57
C GLU A 56 -6.52 82.40 -2.90
N GLU A 57 -6.37 81.60 -3.95
CA GLU A 57 -6.71 82.09 -5.26
C GLU A 57 -8.12 81.93 -5.77
N THR A 58 -8.87 80.93 -5.26
CA THR A 58 -10.23 80.64 -5.71
C THR A 58 -11.31 80.99 -4.66
N GLY A 59 -10.92 81.23 -3.42
CA GLY A 59 -11.94 81.48 -2.42
C GLY A 59 -12.69 80.19 -2.04
N LYS A 60 -12.36 79.06 -2.66
CA LYS A 60 -13.06 77.80 -2.30
C LYS A 60 -12.34 77.04 -1.19
N GLU A 61 -12.90 75.94 -0.72
CA GLU A 61 -12.21 75.24 0.35
C GLU A 61 -11.24 74.15 -0.17
N PHE A 62 -10.22 73.86 0.62
CA PHE A 62 -9.26 72.77 0.34
C PHE A 62 -9.40 71.83 1.55
N ILE A 63 -9.69 70.55 1.28
CA ILE A 63 -9.89 69.59 2.38
C ILE A 63 -9.03 68.37 2.24
N VAL A 64 -8.31 68.02 3.31
CA VAL A 64 -7.51 66.80 3.28
C VAL A 64 -8.41 65.71 3.92
N ALA A 65 -8.84 64.75 3.12
CA ALA A 65 -9.65 63.67 3.71
C ALA A 65 -8.71 62.47 3.89
N TYR A 66 -8.14 62.39 5.08
CA TYR A 66 -7.18 61.30 5.36
C TYR A 66 -7.76 59.93 5.10
N ALA A 67 -7.06 59.10 4.34
CA ALA A 67 -7.60 57.78 4.05
C ALA A 67 -7.40 56.83 5.24
N TYR A 68 -8.49 56.62 5.99
CA TYR A 68 -8.46 55.77 7.17
C TYR A 68 -7.93 54.39 6.93
N LYS A 69 -8.06 53.88 5.71
CA LYS A 69 -7.62 52.50 5.47
C LYS A 69 -6.13 52.35 5.75
N ALA A 70 -5.39 53.48 5.70
CA ALA A 70 -3.94 53.43 5.96
C ALA A 70 -3.55 53.19 7.42
N ASN A 71 -4.42 53.61 8.34
CA ASN A 71 -4.14 53.47 9.79
C ASN A 71 -5.32 54.17 10.48
N ALA A 72 -6.20 53.41 11.10
CA ALA A 72 -7.35 53.98 11.81
C ALA A 72 -7.26 53.80 13.33
N ASN A 73 -6.04 53.70 13.86
CA ASN A 73 -5.86 53.58 15.30
C ASN A 73 -6.51 54.86 15.92
N LEU A 74 -7.31 54.70 16.98
CA LEU A 74 -8.06 55.82 17.54
C LEU A 74 -7.22 57.01 17.97
N ALA A 75 -6.01 56.77 18.46
CA ALA A 75 -5.21 57.95 18.86
C ALA A 75 -4.74 58.70 17.58
N ILE A 76 -4.36 57.93 16.56
CA ILE A 76 -3.86 58.55 15.31
C ILE A 76 -4.97 59.37 14.65
N THR A 77 -6.20 58.82 14.57
CA THR A 77 -7.31 59.53 13.96
C THR A 77 -7.72 60.73 14.83
N ARG A 78 -7.63 60.62 16.15
CA ARG A 78 -7.97 61.79 16.97
C ARG A 78 -6.92 62.88 16.77
N LEU A 79 -5.65 62.47 16.63
CA LEU A 79 -4.58 63.45 16.37
C LEU A 79 -4.92 64.18 15.09
N LEU A 80 -5.13 63.40 14.00
CA LEU A 80 -5.44 64.01 12.73
C LEU A 80 -6.70 64.89 12.79
N ALA A 81 -7.75 64.47 13.51
CA ALA A 81 -8.95 65.30 13.63
C ALA A 81 -8.59 66.66 14.31
N LYS A 82 -7.83 66.58 15.39
CA LYS A 82 -7.44 67.78 16.09
C LYS A 82 -6.60 68.73 15.23
N LEU A 83 -5.89 68.21 14.24
CA LEU A 83 -5.14 69.09 13.35
C LEU A 83 -6.04 69.80 12.30
N GLY A 84 -7.32 69.44 12.23
CA GLY A 84 -8.23 70.04 11.26
C GLY A 84 -8.45 69.18 10.02
N CYS A 85 -7.89 67.98 10.06
CA CYS A 85 -7.97 67.08 8.93
C CYS A 85 -9.35 66.41 8.78
N GLY A 86 -9.74 66.10 7.53
CA GLY A 86 -11.00 65.38 7.28
C GLY A 86 -10.73 63.88 7.22
N ALA A 87 -11.69 63.11 6.68
CA ALA A 87 -11.54 61.65 6.60
C ALA A 87 -12.16 61.05 5.36
N ASP A 88 -11.41 60.16 4.73
CA ASP A 88 -11.90 59.35 3.59
C ASP A 88 -12.17 57.96 4.28
N VAL A 89 -13.44 57.56 4.46
CA VAL A 89 -13.75 56.28 5.11
C VAL A 89 -14.29 55.32 4.06
N VAL A 90 -14.04 54.02 4.22
CA VAL A 90 -14.49 53.06 3.19
C VAL A 90 -15.40 51.97 3.75
N SER A 91 -15.81 52.16 5.01
CA SER A 91 -16.70 51.19 5.66
C SER A 91 -17.43 51.83 6.86
N GLY A 92 -18.51 51.18 7.31
CA GLY A 92 -19.19 51.68 8.50
C GLY A 92 -18.21 51.74 9.70
N GLY A 93 -17.25 50.81 9.79
CA GLY A 93 -16.30 50.81 10.89
C GLY A 93 -15.43 52.06 10.86
N GLU A 94 -14.94 52.44 9.68
CA GLU A 94 -14.12 53.65 9.59
C GLU A 94 -14.98 54.87 9.84
N LEU A 95 -16.25 54.86 9.40
CA LEU A 95 -17.10 56.04 9.60
C LEU A 95 -17.33 56.19 11.14
N TYR A 96 -17.57 55.07 11.79
CA TYR A 96 -17.78 55.04 13.25
C TYR A 96 -16.54 55.65 13.92
N ILE A 97 -15.36 55.16 13.55
CA ILE A 97 -14.14 55.71 14.14
C ILE A 97 -13.98 57.23 13.82
N ALA A 98 -14.28 57.67 12.60
CA ALA A 98 -14.15 59.10 12.28
C ALA A 98 -15.04 59.94 13.17
N LYS A 99 -16.30 59.49 13.36
CA LYS A 99 -17.23 60.24 14.21
C LYS A 99 -16.76 60.18 15.65
N LEU A 100 -16.30 59.02 16.15
CA LEU A 100 -15.81 58.99 17.52
C LEU A 100 -14.49 59.81 17.62
N SER A 101 -13.88 60.14 16.51
CA SER A 101 -12.62 60.90 16.60
C SER A 101 -12.90 62.41 16.51
N ASN A 102 -14.18 62.74 16.37
CA ASN A 102 -14.66 64.10 16.26
C ASN A 102 -14.35 64.83 14.95
N VAL A 103 -14.17 64.07 13.87
CA VAL A 103 -13.97 64.68 12.54
C VAL A 103 -15.34 65.27 12.15
N PRO A 104 -15.38 66.56 11.80
CA PRO A 104 -16.64 67.22 11.40
C PRO A 104 -17.28 66.46 10.19
N SER A 105 -18.59 66.26 10.23
CA SER A 105 -19.25 65.55 9.17
C SER A 105 -19.05 66.16 7.79
N LYS A 106 -18.92 67.48 7.69
CA LYS A 106 -18.71 68.06 6.39
C LYS A 106 -17.32 67.82 5.86
N LYS A 107 -16.46 67.14 6.62
CA LYS A 107 -15.12 66.81 6.12
C LYS A 107 -15.00 65.29 5.99
N ILE A 108 -16.13 64.61 5.91
CA ILE A 108 -16.09 63.14 5.76
C ILE A 108 -16.66 62.73 4.40
N VAL A 109 -15.89 61.95 3.63
CA VAL A 109 -16.40 61.42 2.35
C VAL A 109 -16.32 59.90 2.50
N PHE A 110 -17.31 59.23 1.91
CA PHE A 110 -17.43 57.76 2.03
C PHE A 110 -17.20 57.08 0.66
N ASN A 111 -16.11 56.35 0.53
CA ASN A 111 -15.79 55.60 -0.71
C ASN A 111 -16.12 54.13 -0.51
N GLY A 112 -16.26 53.41 -1.61
CA GLY A 112 -16.46 51.97 -1.50
C GLY A 112 -17.32 51.42 -2.59
N ASN A 113 -16.99 50.25 -3.12
CA ASN A 113 -17.76 49.65 -4.20
C ASN A 113 -18.84 48.68 -3.71
N CYS A 114 -18.98 48.45 -2.40
CA CYS A 114 -20.07 47.57 -1.95
C CYS A 114 -20.67 48.12 -0.68
N LYS A 115 -21.21 49.32 -0.79
CA LYS A 115 -21.79 49.96 0.36
C LYS A 115 -23.12 49.27 0.65
N THR A 116 -23.34 48.88 1.89
CA THR A 116 -24.56 48.20 2.25
C THR A 116 -25.59 49.19 2.74
N LYS A 117 -26.82 48.73 2.79
CA LYS A 117 -27.88 49.60 3.24
C LYS A 117 -27.59 50.11 4.64
N GLU A 118 -27.10 49.23 5.52
CA GLU A 118 -26.80 49.71 6.89
C GLU A 118 -25.74 50.82 6.90
N GLU A 119 -24.73 50.70 6.04
CA GLU A 119 -23.68 51.73 5.98
C GLU A 119 -24.24 53.03 5.43
N ILE A 120 -25.15 52.91 4.47
CA ILE A 120 -25.74 54.12 3.89
C ILE A 120 -26.62 54.84 4.98
N ILE A 121 -27.35 54.06 5.78
CA ILE A 121 -28.19 54.64 6.83
C ILE A 121 -27.27 55.39 7.74
N MET A 122 -26.14 54.79 8.06
CA MET A 122 -25.19 55.43 8.97
C MET A 122 -24.65 56.73 8.44
N GLY A 123 -24.25 56.74 7.16
CA GLY A 123 -23.74 57.98 6.58
C GLY A 123 -24.81 59.07 6.51
N ILE A 124 -26.05 58.68 6.24
CA ILE A 124 -27.10 59.68 6.13
C ILE A 124 -27.38 60.26 7.52
N GLU A 125 -27.46 59.40 8.52
CA GLU A 125 -27.70 59.87 9.90
C GLU A 125 -26.54 60.77 10.39
N ALA A 126 -25.32 60.47 9.97
CA ALA A 126 -24.17 61.28 10.37
C ALA A 126 -24.01 62.51 9.48
N ASN A 127 -24.82 62.62 8.43
CA ASN A 127 -24.82 63.76 7.49
C ASN A 127 -23.40 64.06 6.94
N ILE A 128 -22.77 63.01 6.41
CA ILE A 128 -21.43 63.14 5.87
C ILE A 128 -21.48 64.07 4.66
N ARG A 129 -20.37 64.67 4.34
CA ARG A 129 -20.27 65.56 3.18
C ARG A 129 -20.76 64.88 1.87
N ALA A 130 -20.35 63.63 1.68
CA ALA A 130 -20.79 62.88 0.50
C ALA A 130 -20.46 61.41 0.49
N PHE A 131 -21.31 60.67 -0.20
CA PHE A 131 -20.99 59.29 -0.52
C PHE A 131 -20.33 59.47 -1.94
N ASN A 132 -19.14 58.89 -2.16
CA ASN A 132 -18.53 58.92 -3.50
C ASN A 132 -19.11 57.66 -4.15
N VAL A 133 -20.15 57.84 -4.96
CA VAL A 133 -20.88 56.74 -5.59
C VAL A 133 -20.07 55.98 -6.57
N ASP A 134 -20.10 54.66 -6.42
CA ASP A 134 -19.24 53.82 -7.23
C ASP A 134 -19.93 53.17 -8.43
N SER A 135 -21.26 53.07 -8.35
CA SER A 135 -22.05 52.41 -9.38
C SER A 135 -23.47 52.94 -9.40
N ILE A 136 -24.18 52.64 -10.50
CA ILE A 136 -25.55 53.10 -10.55
C ILE A 136 -26.37 52.35 -9.49
N SER A 137 -26.02 51.09 -9.25
CA SER A 137 -26.71 50.27 -8.25
C SER A 137 -26.63 50.98 -6.90
N GLU A 138 -25.42 51.44 -6.55
CA GLU A 138 -25.25 52.16 -5.28
C GLU A 138 -26.11 53.46 -5.27
N LEU A 139 -26.07 54.22 -6.37
CA LEU A 139 -26.88 55.46 -6.43
C LEU A 139 -28.36 55.12 -6.13
N ILE A 140 -28.88 54.09 -6.78
CA ILE A 140 -30.30 53.68 -6.57
C ILE A 140 -30.54 53.33 -5.09
N LEU A 141 -29.63 52.56 -4.50
CA LEU A 141 -29.80 52.20 -3.10
C LEU A 141 -29.74 53.41 -2.19
N ILE A 142 -28.85 54.36 -2.48
CA ILE A 142 -28.76 55.53 -1.63
C ILE A 142 -30.06 56.38 -1.72
N ASN A 143 -30.57 56.57 -2.94
CA ASN A 143 -31.78 57.39 -3.12
C ASN A 143 -32.97 56.67 -2.40
N GLU A 144 -33.07 55.35 -2.55
CA GLU A 144 -34.16 54.60 -1.89
C GLU A 144 -34.01 54.68 -0.35
N THR A 145 -32.79 54.60 0.16
CA THR A 145 -32.58 54.65 1.61
C THR A 145 -32.85 56.06 2.17
N ALA A 146 -32.38 57.06 1.44
CA ALA A 146 -32.64 58.45 1.83
C ALA A 146 -34.17 58.65 1.85
N LYS A 147 -34.86 58.12 0.84
CA LYS A 147 -36.34 58.23 0.80
C LYS A 147 -36.94 57.56 2.08
N GLU A 148 -36.45 56.38 2.45
CA GLU A 148 -36.98 55.72 3.65
C GLU A 148 -36.78 56.55 4.93
N LEU A 149 -35.64 57.20 5.06
CA LEU A 149 -35.38 57.99 6.26
C LEU A 149 -35.99 59.42 6.16
N GLY A 150 -36.59 59.79 5.03
CA GLY A 150 -37.16 61.13 4.93
C GLY A 150 -36.05 62.22 4.90
N GLU A 151 -34.93 61.89 4.27
CA GLU A 151 -33.78 62.79 4.19
C GLU A 151 -33.27 62.95 2.74
N THR A 152 -32.24 63.78 2.53
CA THR A 152 -31.65 63.95 1.20
C THR A 152 -30.15 63.62 1.35
N ALA A 153 -29.63 62.59 0.66
CA ALA A 153 -28.18 62.25 0.76
C ALA A 153 -27.34 63.07 -0.22
N ASN A 154 -26.15 63.48 0.19
CA ASN A 154 -25.24 64.21 -0.68
C ASN A 154 -24.49 63.17 -1.47
N VAL A 155 -24.45 63.28 -2.81
CA VAL A 155 -23.71 62.30 -3.60
C VAL A 155 -22.70 62.93 -4.54
N ALA A 156 -21.48 62.36 -4.51
CA ALA A 156 -20.40 62.72 -5.42
C ALA A 156 -20.29 61.44 -6.28
N PHE A 157 -19.56 61.47 -7.39
CA PHE A 157 -19.48 60.30 -8.22
C PHE A 157 -18.05 59.95 -8.50
N ARG A 158 -17.68 58.70 -8.23
CA ARG A 158 -16.29 58.28 -8.49
C ARG A 158 -16.26 57.90 -9.97
N ILE A 159 -15.49 58.64 -10.75
CA ILE A 159 -15.42 58.41 -12.19
C ILE A 159 -14.06 57.83 -12.60
N ASN A 160 -14.03 57.15 -13.74
CA ASN A 160 -12.81 56.61 -14.33
C ASN A 160 -12.64 57.42 -15.60
N PRO A 161 -11.87 58.51 -15.53
CA PRO A 161 -11.62 59.45 -16.65
C PRO A 161 -10.88 58.80 -17.78
N ASN A 162 -10.94 59.47 -18.93
CA ASN A 162 -10.38 58.93 -20.11
C ASN A 162 -8.85 59.24 -20.22
N VAL A 163 -8.07 58.67 -19.30
CA VAL A 163 -6.62 58.85 -19.25
C VAL A 163 -5.96 58.37 -20.55
N ASN A 164 -4.99 59.12 -21.06
CA ASN A 164 -4.32 58.72 -22.30
C ASN A 164 -3.59 57.36 -22.11
N PRO A 165 -4.07 56.30 -22.76
CA PRO A 165 -3.46 54.96 -22.64
C PRO A 165 -2.05 54.87 -23.27
N LYS A 166 -1.72 55.83 -24.14
CA LYS A 166 -0.41 55.80 -24.79
C LYS A 166 0.62 56.35 -23.79
N THR A 167 0.24 57.42 -23.10
CA THR A 167 1.13 58.05 -22.15
C THR A 167 1.07 57.43 -20.74
N HIS A 168 -0.09 56.88 -20.36
CA HIS A 168 -0.20 56.25 -19.03
C HIS A 168 -0.92 54.91 -19.14
N PRO A 169 -0.28 53.91 -19.77
CA PRO A 169 -0.95 52.61 -19.90
C PRO A 169 -1.30 51.92 -18.59
N LYS A 170 -0.43 51.96 -17.56
CA LYS A 170 -0.76 51.25 -16.33
C LYS A 170 -1.94 51.89 -15.58
N ILE A 171 -2.01 53.22 -15.61
CA ILE A 171 -3.11 53.89 -14.92
C ILE A 171 -4.42 53.58 -15.62
N SER A 172 -4.36 53.65 -16.93
CA SER A 172 -5.49 53.39 -17.79
C SER A 172 -6.04 51.98 -17.63
N THR A 173 -5.13 51.01 -17.62
CA THR A 173 -5.55 49.62 -17.49
C THR A 173 -6.25 49.41 -16.16
N GLY A 174 -5.73 50.07 -15.12
CA GLY A 174 -6.33 49.99 -13.79
C GLY A 174 -7.73 50.58 -13.79
N LEU A 175 -7.90 51.76 -14.35
CA LEU A 175 -9.22 52.37 -14.36
C LEU A 175 -10.26 51.56 -15.14
N LYS A 176 -9.82 50.82 -16.18
CA LYS A 176 -10.75 50.07 -17.01
C LYS A 176 -11.02 48.68 -16.52
N LYS A 177 -10.03 48.05 -15.93
CA LYS A 177 -10.19 46.66 -15.53
C LYS A 177 -10.54 46.43 -14.07
N ASN A 178 -10.42 47.44 -13.22
CA ASN A 178 -10.67 47.19 -11.80
C ASN A 178 -12.13 47.34 -11.51
N LYS A 179 -12.50 47.00 -10.28
CA LYS A 179 -13.92 46.98 -9.93
C LYS A 179 -14.49 48.35 -9.64
N PHE A 180 -13.66 49.38 -9.50
CA PHE A 180 -14.22 50.68 -9.06
C PHE A 180 -14.68 51.67 -10.09
N GLY A 181 -15.53 52.58 -9.62
CA GLY A 181 -15.92 53.70 -10.46
C GLY A 181 -16.86 53.55 -11.64
N LEU A 182 -17.22 54.73 -12.14
CA LEU A 182 -18.17 54.92 -13.25
C LEU A 182 -17.39 55.34 -14.46
N ASP A 183 -17.38 54.46 -15.47
CA ASP A 183 -16.61 54.73 -16.68
C ASP A 183 -17.11 56.02 -17.35
N VAL A 184 -16.20 56.94 -17.63
CA VAL A 184 -16.59 58.17 -18.30
C VAL A 184 -16.75 57.96 -19.82
N GLU A 185 -15.78 57.33 -20.45
CA GLU A 185 -15.81 57.24 -21.91
C GLU A 185 -17.01 56.60 -22.54
N SER A 186 -17.45 55.48 -21.95
CA SER A 186 -18.62 54.74 -22.44
C SER A 186 -19.94 55.45 -22.13
N GLY A 187 -19.88 56.57 -21.38
CA GLY A 187 -21.09 57.30 -21.03
C GLY A 187 -21.77 56.94 -19.71
N ILE A 188 -21.21 55.96 -18.99
CA ILE A 188 -21.80 55.53 -17.71
C ILE A 188 -21.80 56.63 -16.67
N ALA A 189 -20.69 57.31 -16.51
CA ALA A 189 -20.66 58.34 -15.49
C ALA A 189 -21.71 59.46 -15.78
N MET A 190 -21.83 59.87 -17.03
CA MET A 190 -22.82 60.92 -17.34
C MET A 190 -24.25 60.37 -17.09
N LYS A 191 -24.48 59.11 -17.47
CA LYS A 191 -25.82 58.51 -17.24
C LYS A 191 -26.16 58.50 -15.72
N ALA A 192 -25.18 58.12 -14.89
CA ALA A 192 -25.42 58.07 -13.45
C ALA A 192 -25.75 59.46 -12.88
N ILE A 193 -24.97 60.46 -13.28
CA ILE A 193 -25.22 61.77 -12.74
C ILE A 193 -26.57 62.33 -13.25
N LYS A 194 -26.92 62.07 -14.51
CA LYS A 194 -28.21 62.60 -14.99
C LYS A 194 -29.35 61.88 -14.24
N MET A 195 -29.16 60.58 -13.97
CA MET A 195 -30.15 59.83 -13.17
C MET A 195 -30.30 60.46 -11.80
N ALA A 196 -29.17 60.78 -11.16
CA ALA A 196 -29.25 61.36 -9.83
C ALA A 196 -29.99 62.71 -9.84
N LEU A 197 -29.82 63.49 -10.91
CA LEU A 197 -30.49 64.80 -10.92
C LEU A 197 -32.02 64.65 -11.02
N GLU A 198 -32.49 63.52 -11.54
CA GLU A 198 -33.92 63.24 -11.63
C GLU A 198 -34.43 62.60 -10.34
N MET A 199 -33.54 62.05 -9.52
CA MET A 199 -33.98 61.45 -8.27
C MET A 199 -34.36 62.55 -7.27
N GLU A 200 -35.33 62.28 -6.38
CA GLU A 200 -35.75 63.29 -5.44
C GLU A 200 -35.05 63.30 -4.12
N TYR A 201 -34.31 62.24 -3.79
CA TYR A 201 -33.67 62.21 -2.47
C TYR A 201 -32.16 62.26 -2.44
N VAL A 202 -31.53 62.75 -3.50
CA VAL A 202 -30.05 62.87 -3.47
C VAL A 202 -29.77 64.27 -4.00
N ASN A 203 -28.61 64.78 -3.63
CA ASN A 203 -28.13 66.08 -3.98
C ASN A 203 -26.71 65.88 -4.54
N VAL A 204 -26.55 66.18 -5.83
CA VAL A 204 -25.29 66.05 -6.57
C VAL A 204 -24.31 67.12 -6.12
N VAL A 205 -23.18 66.72 -5.52
CA VAL A 205 -22.21 67.71 -5.03
C VAL A 205 -20.75 67.59 -5.58
N GLY A 206 -20.42 66.55 -6.35
CA GLY A 206 -19.05 66.51 -6.84
C GLY A 206 -18.68 65.29 -7.65
N VAL A 207 -17.42 65.24 -8.08
CA VAL A 207 -16.89 64.07 -8.80
C VAL A 207 -15.60 63.69 -8.01
N HIS A 208 -15.24 62.43 -8.04
CA HIS A 208 -14.09 61.89 -7.30
C HIS A 208 -13.33 60.97 -8.27
N CYS A 209 -12.03 60.84 -8.02
CA CYS A 209 -11.22 59.93 -8.84
C CYS A 209 -10.01 59.57 -7.94
N HIS A 210 -9.62 58.32 -8.00
CA HIS A 210 -8.48 57.86 -7.25
C HIS A 210 -7.85 56.89 -8.21
N ILE A 211 -6.59 57.16 -8.55
CA ILE A 211 -5.95 56.36 -9.58
C ILE A 211 -4.95 55.29 -9.23
N GLY A 212 -4.50 55.20 -7.98
CA GLY A 212 -3.49 54.19 -7.70
C GLY A 212 -2.78 54.57 -6.42
N SER A 213 -1.68 53.90 -6.10
CA SER A 213 -0.98 54.16 -4.84
C SER A 213 0.53 53.99 -5.01
N GLN A 214 1.26 54.67 -4.14
CA GLN A 214 2.71 54.71 -4.14
C GLN A 214 3.22 55.10 -5.52
N LEU A 215 2.68 56.23 -6.02
CA LEU A 215 3.02 56.79 -7.33
C LEU A 215 4.06 57.88 -7.03
N THR A 216 5.28 57.67 -7.52
CA THR A 216 6.37 58.59 -7.28
C THR A 216 6.73 59.36 -8.57
N ASP A 217 5.72 59.70 -9.38
CA ASP A 217 5.92 60.47 -10.60
C ASP A 217 4.72 61.39 -10.58
N ILE A 218 4.91 62.66 -10.89
CA ILE A 218 3.78 63.60 -10.89
C ILE A 218 2.89 63.45 -12.15
N SER A 219 3.44 62.82 -13.18
CA SER A 219 2.74 62.71 -14.45
C SER A 219 1.31 62.11 -14.40
N PRO A 220 1.14 60.94 -13.76
CA PRO A 220 -0.20 60.31 -13.66
C PRO A 220 -1.23 61.28 -13.02
N PHE A 221 -0.76 62.05 -12.05
CA PHE A 221 -1.64 63.01 -11.39
C PHE A 221 -2.04 64.15 -12.31
N ILE A 222 -1.09 64.68 -13.07
CA ILE A 222 -1.44 65.73 -14.03
C ILE A 222 -2.51 65.17 -15.01
N GLU A 223 -2.28 63.96 -15.55
CA GLU A 223 -3.22 63.39 -16.51
C GLU A 223 -4.61 63.14 -15.87
N GLU A 224 -4.60 62.63 -14.64
CA GLU A 224 -5.87 62.46 -13.91
C GLU A 224 -6.55 63.83 -13.79
N THR A 225 -5.80 64.86 -13.42
CA THR A 225 -6.46 66.15 -13.22
C THR A 225 -7.05 66.72 -14.51
N ARG A 226 -6.29 66.58 -15.60
CA ARG A 226 -6.78 67.05 -16.87
C ARG A 226 -8.07 66.30 -17.26
N LYS A 227 -8.07 64.98 -17.13
CA LYS A 227 -9.24 64.23 -17.61
C LYS A 227 -10.49 64.36 -16.72
N VAL A 228 -10.25 64.58 -15.41
CA VAL A 228 -11.35 64.81 -14.49
C VAL A 228 -11.93 66.18 -14.82
N MET A 229 -11.08 67.19 -14.98
CA MET A 229 -11.61 68.50 -15.31
C MET A 229 -12.29 68.51 -16.69
N ASP A 230 -11.76 67.75 -17.66
CA ASP A 230 -12.40 67.68 -18.96
C ASP A 230 -13.84 67.18 -18.74
N PHE A 231 -14.01 66.24 -17.81
CA PHE A 231 -15.37 65.71 -17.58
C PHE A 231 -16.24 66.78 -16.89
N VAL A 232 -15.65 67.60 -16.02
CA VAL A 232 -16.42 68.67 -15.38
C VAL A 232 -16.90 69.63 -16.48
N VAL A 233 -16.07 69.84 -17.50
CA VAL A 233 -16.48 70.72 -18.62
C VAL A 233 -17.64 70.02 -19.36
N GLU A 234 -17.49 68.73 -19.66
CA GLU A 234 -18.58 67.99 -20.31
C GLU A 234 -19.91 68.10 -19.51
N LEU A 235 -19.83 68.03 -18.18
CA LEU A 235 -21.04 68.16 -17.37
C LEU A 235 -21.63 69.57 -17.52
N LYS A 236 -20.76 70.56 -17.50
CA LYS A 236 -21.20 71.95 -17.61
C LYS A 236 -21.93 72.20 -18.97
N GLU A 237 -21.47 71.57 -20.04
CA GLU A 237 -22.17 71.68 -21.32
C GLU A 237 -23.59 71.11 -21.20
N GLU A 238 -23.80 70.15 -20.29
CA GLU A 238 -25.16 69.64 -20.10
C GLU A 238 -25.93 70.48 -19.06
N GLY A 239 -25.40 71.64 -18.66
CA GLY A 239 -26.11 72.44 -17.65
C GLY A 239 -25.89 71.94 -16.22
N ILE A 240 -24.89 71.06 -16.02
CA ILE A 240 -24.65 70.50 -14.69
C ILE A 240 -23.39 71.11 -14.02
N GLU A 241 -23.54 71.66 -12.80
CA GLU A 241 -22.44 72.27 -12.05
C GLU A 241 -21.94 71.36 -10.94
N ILE A 242 -20.64 71.40 -10.75
CA ILE A 242 -19.94 70.57 -9.75
C ILE A 242 -19.35 71.40 -8.58
N GLU A 243 -19.77 71.14 -7.34
CA GLU A 243 -19.27 71.90 -6.19
C GLU A 243 -17.91 71.47 -5.66
N ASP A 244 -17.63 70.17 -5.76
CA ASP A 244 -16.42 69.54 -5.23
C ASP A 244 -15.72 68.68 -6.25
N VAL A 245 -14.40 68.79 -6.34
CA VAL A 245 -13.60 67.89 -7.16
C VAL A 245 -12.65 67.23 -6.14
N ASN A 246 -12.71 65.90 -6.05
CA ASN A 246 -11.89 65.16 -5.08
C ASN A 246 -10.98 64.32 -5.94
N LEU A 247 -9.66 64.57 -5.84
CA LEU A 247 -8.74 63.83 -6.70
C LEU A 247 -8.09 62.61 -6.06
N GLY A 248 -8.63 62.16 -4.92
CA GLY A 248 -8.11 60.90 -4.37
C GLY A 248 -6.74 61.01 -3.71
N GLY A 249 -6.09 59.87 -3.50
CA GLY A 249 -4.79 59.91 -2.88
C GLY A 249 -3.75 59.28 -3.82
N GLY A 250 -2.78 58.61 -3.24
CA GLY A 250 -1.79 57.91 -4.04
C GLY A 250 -0.38 58.49 -4.07
N LEU A 251 -0.13 59.71 -3.54
CA LEU A 251 1.28 60.21 -3.58
C LEU A 251 2.23 59.20 -2.90
N GLY A 252 3.32 58.84 -3.58
CA GLY A 252 4.27 57.86 -3.05
C GLY A 252 5.17 58.43 -1.96
N ILE A 253 5.67 57.57 -1.07
CA ILE A 253 6.54 58.06 -0.01
C ILE A 253 7.95 57.46 -0.25
N PRO A 254 8.99 58.07 0.34
CA PRO A 254 10.33 57.51 0.09
C PRO A 254 10.77 56.23 0.82
N TYR A 255 10.31 55.05 0.35
CA TYR A 255 10.73 53.83 0.99
C TYR A 255 12.24 53.67 0.74
N TYR A 256 12.68 53.92 -0.50
CA TYR A 256 14.09 53.90 -0.88
C TYR A 256 14.60 55.29 -0.48
N LYS A 257 15.77 55.37 0.12
CA LYS A 257 16.32 56.63 0.61
C LYS A 257 17.39 57.33 -0.25
N ASP A 258 17.75 56.72 -1.37
CA ASP A 258 18.81 57.24 -2.27
C ASP A 258 18.33 58.22 -3.37
N LYS A 259 17.04 58.28 -3.64
CA LYS A 259 16.57 59.20 -4.69
C LYS A 259 15.43 60.13 -4.28
N GLN A 260 15.49 61.37 -4.71
CA GLN A 260 14.41 62.28 -4.36
C GLN A 260 13.20 61.89 -5.17
N ILE A 261 12.03 62.20 -4.63
CA ILE A 261 10.79 61.91 -5.31
C ILE A 261 9.91 63.15 -5.15
N PRO A 262 8.83 63.20 -5.91
CA PRO A 262 7.91 64.35 -5.84
C PRO A 262 7.32 64.53 -4.44
N THR A 263 7.20 65.79 -4.02
CA THR A 263 6.64 66.15 -2.71
C THR A 263 5.26 66.71 -2.87
N GLN A 264 4.67 67.08 -1.75
CA GLN A 264 3.33 67.66 -1.74
C GLN A 264 3.35 68.94 -2.58
N LYS A 265 4.43 69.70 -2.47
CA LYS A 265 4.56 70.93 -3.26
C LYS A 265 4.53 70.64 -4.74
N ASP A 266 5.24 69.60 -5.15
CA ASP A 266 5.24 69.21 -6.57
C ASP A 266 3.80 68.80 -7.01
N LEU A 267 3.12 68.07 -6.14
CA LEU A 267 1.76 67.66 -6.43
C LEU A 267 0.81 68.87 -6.60
N ALA A 268 0.92 69.86 -5.71
CA ALA A 268 0.07 71.04 -5.78
C ALA A 268 0.39 71.89 -6.99
N ASP A 269 1.67 72.06 -7.32
CA ASP A 269 1.98 72.86 -8.49
C ASP A 269 1.26 72.22 -9.68
N ALA A 270 1.38 70.91 -9.77
CA ALA A 270 0.78 70.17 -10.85
C ALA A 270 -0.76 70.22 -10.89
N ILE A 271 -1.39 69.91 -9.76
CA ILE A 271 -2.85 69.93 -9.72
C ILE A 271 -3.44 71.33 -9.91
N ILE A 272 -2.93 72.29 -9.15
CA ILE A 272 -3.50 73.62 -9.17
C ILE A 272 -3.34 74.33 -10.52
N ASN A 273 -2.15 74.27 -11.09
CA ASN A 273 -1.95 74.90 -12.41
C ASN A 273 -2.80 74.16 -13.46
N THR A 274 -3.07 72.87 -13.27
CA THR A 274 -3.89 72.22 -14.27
C THR A 274 -5.33 72.66 -14.10
N MET A 275 -5.88 72.60 -12.88
CA MET A 275 -7.28 72.99 -12.69
C MET A 275 -7.57 74.45 -13.07
N LEU A 276 -6.62 75.37 -12.82
CA LEU A 276 -6.88 76.77 -13.18
C LEU A 276 -6.97 77.05 -14.69
N LYS A 277 -6.53 76.12 -15.53
CA LYS A 277 -6.67 76.25 -16.98
C LYS A 277 -8.13 76.24 -17.37
N TYR A 278 -8.97 75.72 -16.47
CA TYR A 278 -10.42 75.58 -16.80
C TYR A 278 -11.33 76.64 -16.24
N LYS A 279 -10.74 77.64 -15.57
CA LYS A 279 -11.50 78.71 -14.91
C LYS A 279 -12.40 79.55 -15.80
N ASP A 280 -12.21 79.54 -17.10
CA ASP A 280 -13.15 80.29 -17.86
C ASP A 280 -14.29 79.44 -18.38
N LYS A 281 -14.21 78.13 -18.20
CA LYS A 281 -15.28 77.24 -18.65
C LYS A 281 -16.19 76.78 -17.51
N VAL A 282 -15.63 76.67 -16.30
CA VAL A 282 -16.45 76.25 -15.18
C VAL A 282 -15.99 76.98 -13.94
N GLU A 283 -16.86 77.09 -12.95
CA GLU A 283 -16.44 77.72 -11.72
C GLU A 283 -15.48 76.81 -10.98
N MET A 284 -14.45 77.38 -10.39
CA MET A 284 -13.52 76.55 -9.67
C MET A 284 -14.21 75.94 -8.46
N PRO A 285 -13.99 74.62 -8.25
CA PRO A 285 -14.64 73.93 -7.12
C PRO A 285 -13.82 73.87 -5.81
N ASN A 286 -14.45 73.33 -4.75
CA ASN A 286 -13.66 73.05 -3.55
C ASN A 286 -12.78 71.90 -3.99
N LEU A 287 -11.58 71.78 -3.44
CA LEU A 287 -10.67 70.73 -3.84
C LEU A 287 -10.46 69.77 -2.67
N ILE A 288 -10.57 68.46 -2.90
CA ILE A 288 -10.35 67.50 -1.81
C ILE A 288 -9.30 66.49 -2.27
N LEU A 289 -8.38 66.11 -1.37
CA LEU A 289 -7.41 65.06 -1.68
C LEU A 289 -7.60 64.01 -0.59
N GLU A 290 -7.20 62.77 -0.88
CA GLU A 290 -7.38 61.67 0.09
C GLU A 290 -6.09 60.97 0.38
N PRO A 291 -5.04 61.73 0.79
CA PRO A 291 -3.80 61.02 1.06
C PRO A 291 -3.94 60.05 2.24
N GLY A 292 -3.26 58.90 2.13
CA GLY A 292 -3.23 57.91 3.20
C GLY A 292 -1.75 57.74 3.59
N ARG A 293 -1.05 56.94 2.79
CA ARG A 293 0.37 56.65 2.97
C ARG A 293 1.16 57.92 3.16
N SER A 294 0.94 58.95 2.34
CA SER A 294 1.75 60.16 2.49
C SER A 294 1.51 61.01 3.75
N LEU A 295 0.50 60.66 4.56
CA LEU A 295 0.37 61.34 5.84
C LEU A 295 0.98 60.54 6.98
N VAL A 296 0.88 59.21 6.94
CA VAL A 296 1.36 58.46 8.08
C VAL A 296 2.51 57.48 7.93
N ALA A 297 2.82 57.06 6.71
CA ALA A 297 3.83 56.03 6.54
C ALA A 297 5.17 56.33 7.19
N THR A 298 5.73 57.51 6.88
CA THR A 298 7.06 57.85 7.40
C THR A 298 7.08 58.13 8.91
N ALA A 299 5.91 58.19 9.55
CA ALA A 299 5.87 58.43 10.98
C ALA A 299 6.00 57.11 11.80
N GLY A 300 5.89 55.98 11.12
CA GLY A 300 5.92 54.68 11.81
C GLY A 300 7.16 53.83 11.71
N TYR A 301 7.61 53.28 12.83
CA TYR A 301 8.80 52.42 12.83
C TYR A 301 8.40 51.18 13.58
N LEU A 302 8.89 50.02 13.13
CA LEU A 302 8.59 48.76 13.82
C LEU A 302 9.90 48.19 14.40
N LEU A 303 9.93 48.04 15.74
CA LEU A 303 11.11 47.50 16.41
C LEU A 303 10.93 46.03 16.68
N GLY A 304 11.95 45.25 16.36
CA GLY A 304 11.90 43.82 16.56
C GLY A 304 13.24 43.38 17.16
N LYS A 305 13.18 42.60 18.23
CA LYS A 305 14.37 42.14 18.84
C LYS A 305 14.89 40.88 18.17
N VAL A 306 16.22 40.79 18.09
CA VAL A 306 16.89 39.63 17.50
C VAL A 306 16.99 38.49 18.49
N HIS A 307 16.37 37.34 18.18
CA HIS A 307 16.47 36.21 19.13
C HIS A 307 17.48 35.17 18.65
N HIS A 308 17.74 35.12 17.35
CA HIS A 308 18.71 34.12 16.82
C HIS A 308 19.45 34.62 15.60
N ILE A 309 20.73 34.21 15.49
CA ILE A 309 21.52 34.50 14.29
C ILE A 309 21.82 33.11 13.72
N LYS A 310 21.71 32.97 12.41
CA LYS A 310 21.91 31.67 11.78
C LYS A 310 22.72 31.71 10.47
N GLU A 311 23.94 31.20 10.49
CA GLU A 311 24.73 31.19 9.27
C GLU A 311 24.38 29.98 8.42
N THR A 312 24.15 30.19 7.12
CA THR A 312 23.88 29.05 6.24
C THR A 312 24.88 29.16 5.10
N PRO A 313 24.94 28.15 4.25
CA PRO A 313 25.87 28.22 3.13
C PRO A 313 25.65 29.44 2.25
N VAL A 314 24.39 29.83 2.03
CA VAL A 314 24.09 30.96 1.16
C VAL A 314 23.79 32.32 1.84
N THR A 315 23.33 32.31 3.08
CA THR A 315 23.07 33.59 3.70
C THR A 315 23.09 33.58 5.20
N LYS A 316 23.42 34.74 5.77
CA LYS A 316 23.41 34.83 7.22
C LYS A 316 22.06 35.47 7.57
N TRP A 317 21.26 34.67 8.28
CA TRP A 317 19.93 35.09 8.68
C TRP A 317 19.92 35.62 10.09
N VAL A 318 19.14 36.67 10.29
CA VAL A 318 18.95 37.32 11.58
C VAL A 318 17.44 37.15 11.83
N MET A 319 17.06 36.48 12.94
CA MET A 319 15.65 36.21 13.21
C MET A 319 15.13 37.15 14.28
N ILE A 320 14.08 37.89 13.97
CA ILE A 320 13.53 38.82 14.94
C ILE A 320 12.10 38.48 15.40
N ASP A 321 11.65 39.10 16.50
CA ASP A 321 10.32 38.80 16.99
C ASP A 321 9.15 39.55 16.34
N ALA A 322 9.47 40.36 15.34
CA ALA A 322 8.44 41.01 14.51
C ALA A 322 8.24 40.00 13.38
N GLY A 323 7.06 39.97 12.80
CA GLY A 323 6.81 39.00 11.75
C GLY A 323 5.75 39.52 10.79
N MET A 324 5.53 38.81 9.69
CA MET A 324 4.55 39.25 8.71
C MET A 324 3.14 39.51 9.30
N ASN A 325 2.74 38.81 10.36
CA ASN A 325 1.41 39.08 10.93
C ASN A 325 1.37 40.53 11.56
N ASP A 326 2.54 41.02 11.98
CA ASP A 326 2.64 42.39 12.54
C ASP A 326 2.69 43.48 11.43
N MET A 327 3.26 43.12 10.28
CA MET A 327 3.48 44.07 9.20
C MET A 327 3.63 43.22 7.95
N MET A 328 2.57 43.21 7.15
CA MET A 328 2.45 42.36 5.98
C MET A 328 3.06 42.84 4.67
N ARG A 329 3.57 44.07 4.61
CA ARG A 329 4.00 44.56 3.28
C ARG A 329 5.07 43.76 2.56
N PRO A 330 6.19 43.44 3.23
CA PRO A 330 7.20 42.64 2.51
C PRO A 330 6.70 41.26 2.09
N ALA A 331 6.05 40.51 3.00
CA ALA A 331 5.56 39.20 2.64
C ALA A 331 4.53 39.18 1.50
N MET A 332 3.66 40.17 1.50
CA MET A 332 2.62 40.29 0.53
C MET A 332 3.00 40.89 -0.83
N TYR A 333 3.88 41.89 -0.83
CA TYR A 333 4.20 42.59 -2.06
C TYR A 333 5.68 42.58 -2.40
N GLU A 334 6.48 41.91 -1.58
CA GLU A 334 7.93 41.87 -1.69
C GLU A 334 8.42 43.31 -1.67
N ALA A 335 7.70 44.13 -0.93
CA ALA A 335 8.00 45.54 -0.85
C ALA A 335 9.24 45.88 0.00
N TYR A 336 9.98 46.89 -0.46
CA TYR A 336 11.16 47.34 0.24
C TYR A 336 10.92 48.35 1.40
N HIS A 337 11.50 48.04 2.57
CA HIS A 337 11.52 48.93 3.72
C HIS A 337 12.99 48.99 4.19
N HIS A 338 13.46 50.18 4.52
CA HIS A 338 14.81 50.40 5.04
C HIS A 338 14.85 49.78 6.47
N ILE A 339 15.95 49.12 6.81
CA ILE A 339 16.08 48.46 8.10
C ILE A 339 17.46 48.77 8.66
N ILE A 340 17.56 49.06 9.96
CA ILE A 340 18.84 49.31 10.62
C ILE A 340 18.90 48.63 11.99
N ASN A 341 20.12 48.56 12.52
CA ASN A 341 20.32 48.08 13.87
C ASN A 341 20.14 49.37 14.66
N CYS A 342 19.44 49.33 15.77
CA CYS A 342 19.31 50.54 16.59
C CYS A 342 20.60 50.92 17.29
N LYS A 343 21.61 50.04 17.25
CA LYS A 343 22.89 50.32 17.91
C LYS A 343 23.99 50.38 16.86
N VAL A 344 24.75 51.47 16.87
CA VAL A 344 25.87 51.62 15.94
C VAL A 344 26.98 50.70 16.45
N LYS A 345 27.62 49.99 15.53
CA LYS A 345 28.69 49.06 15.88
C LYS A 345 29.97 49.45 15.09
N ASN A 346 31.10 48.84 15.39
CA ASN A 346 32.33 49.18 14.66
C ASN A 346 32.61 48.15 13.60
N GLU A 347 31.54 47.46 13.18
CA GLU A 347 31.64 46.44 12.17
C GLU A 347 30.29 46.38 11.48
N LYS A 348 30.27 46.11 10.17
CA LYS A 348 29.03 45.97 9.40
C LYS A 348 29.05 44.62 8.70
N GLU A 349 27.90 44.13 8.30
CA GLU A 349 27.85 42.83 7.65
C GLU A 349 26.56 42.78 6.87
N VAL A 350 26.49 41.88 5.91
CA VAL A 350 25.32 41.75 5.06
C VAL A 350 24.53 40.55 5.57
N VAL A 351 23.25 40.76 5.84
CA VAL A 351 22.38 39.71 6.35
C VAL A 351 20.96 39.83 5.78
N SER A 352 20.16 38.78 5.95
CA SER A 352 18.76 38.78 5.53
C SER A 352 17.97 38.73 6.86
N ILE A 353 16.86 39.43 6.95
CA ILE A 353 16.13 39.55 8.22
C ILE A 353 14.77 38.87 8.10
N ALA A 354 14.48 37.96 9.00
CA ALA A 354 13.18 37.25 8.96
C ALA A 354 12.43 37.23 10.28
N GLY A 355 11.10 37.04 10.19
CA GLY A 355 10.29 36.91 11.38
C GLY A 355 10.24 35.40 11.66
N GLY A 356 9.47 34.98 12.65
CA GLY A 356 9.40 33.56 12.96
C GLY A 356 8.20 32.75 12.44
N LEU A 357 7.46 33.29 11.47
CA LEU A 357 6.30 32.54 10.99
C LEU A 357 6.73 31.49 9.97
N CYS A 358 5.89 30.45 9.82
CA CYS A 358 6.11 29.30 8.89
C CYS A 358 6.18 29.65 7.43
N GLU A 359 5.80 30.86 7.08
CA GLU A 359 5.71 31.32 5.71
C GLU A 359 7.08 31.69 5.14
N SER A 360 7.40 31.13 3.97
CA SER A 360 8.68 31.38 3.35
C SER A 360 8.84 32.85 3.06
N SER A 361 7.72 33.50 2.77
CA SER A 361 7.69 34.90 2.46
C SER A 361 7.77 35.80 3.70
N ASP A 362 7.82 35.22 4.92
CA ASP A 362 7.94 36.03 6.13
C ASP A 362 9.44 36.42 6.31
N VAL A 363 9.87 37.35 5.47
CA VAL A 363 11.22 37.85 5.42
C VAL A 363 11.06 39.37 5.24
N PHE A 364 11.67 40.16 6.09
CA PHE A 364 11.55 41.63 5.98
C PHE A 364 12.55 42.25 4.99
N GLY A 365 13.68 41.59 4.75
CA GLY A 365 14.65 42.18 3.82
C GLY A 365 15.75 41.16 3.57
N ARG A 366 16.36 41.24 2.40
CA ARG A 366 17.44 40.31 2.02
C ARG A 366 18.72 41.07 1.64
N ASP A 367 19.87 40.48 1.97
CA ASP A 367 21.14 41.08 1.63
C ASP A 367 21.24 42.53 2.05
N ARG A 368 20.90 42.82 3.31
CA ARG A 368 20.98 44.17 3.81
C ARG A 368 22.27 44.39 4.58
N GLU A 369 22.88 45.54 4.37
CA GLU A 369 24.09 45.85 5.13
C GLU A 369 23.64 46.51 6.42
N LEU A 370 23.99 45.91 7.54
CA LEU A 370 23.59 46.52 8.80
C LEU A 370 24.79 46.53 9.76
N ASP A 371 24.77 47.40 10.75
CA ASP A 371 25.80 47.32 11.79
C ASP A 371 25.62 45.94 12.41
N LYS A 372 26.77 45.31 12.69
CA LYS A 372 26.90 43.95 13.20
C LYS A 372 25.76 43.57 14.17
N VAL A 373 25.01 42.56 13.77
CA VAL A 373 23.87 42.11 14.59
C VAL A 373 24.21 41.06 15.65
N GLU A 374 23.80 41.32 16.90
CA GLU A 374 23.98 40.38 18.00
C GLU A 374 22.61 40.03 18.58
N VAL A 375 22.47 38.84 19.15
CA VAL A 375 21.19 38.46 19.78
C VAL A 375 20.94 39.50 20.82
N GLY A 376 19.71 40.01 20.89
CA GLY A 376 19.39 41.01 21.90
C GLY A 376 19.37 42.42 21.30
N ASP A 377 19.95 42.57 20.12
CA ASP A 377 19.91 43.88 19.48
C ASP A 377 18.45 44.08 19.05
N VAL A 378 18.10 45.33 18.79
CA VAL A 378 16.76 45.71 18.35
C VAL A 378 16.94 46.29 16.94
N LEU A 379 16.19 45.77 15.97
CA LEU A 379 16.26 46.32 14.63
C LEU A 379 15.04 47.22 14.44
N ALA A 380 15.17 48.29 13.65
CA ALA A 380 14.04 49.15 13.34
C ALA A 380 13.73 49.03 11.83
N ILE A 381 12.46 48.78 11.52
CA ILE A 381 12.03 48.67 10.13
C ILE A 381 11.30 49.97 9.92
N PHE A 382 11.81 50.75 8.96
CA PHE A 382 11.23 52.07 8.67
C PHE A 382 9.96 52.11 7.85
N ASP A 383 9.23 53.21 8.02
CA ASP A 383 8.12 53.57 7.17
C ASP A 383 6.99 52.54 7.19
N VAL A 384 6.56 52.20 8.39
CA VAL A 384 5.48 51.23 8.53
C VAL A 384 4.23 51.89 9.12
N GLY A 385 4.16 53.22 9.07
CA GLY A 385 2.95 53.88 9.62
C GLY A 385 1.65 53.67 8.84
N ALA A 386 1.77 53.25 7.58
CA ALA A 386 0.62 53.04 6.68
C ALA A 386 0.60 51.58 6.21
N TYR A 387 -0.56 50.94 6.22
CA TYR A 387 -0.76 49.55 5.81
C TYR A 387 0.19 48.71 6.61
N GLY A 388 0.33 49.09 7.87
CA GLY A 388 1.15 48.33 8.79
C GLY A 388 0.20 47.72 9.80
N ILE A 389 -0.11 48.44 10.87
CA ILE A 389 -1.04 47.86 11.84
C ILE A 389 -2.39 47.68 11.14
N SER A 390 -2.72 48.50 10.15
CA SER A 390 -4.05 48.35 9.53
C SER A 390 -4.25 47.01 8.80
N MET A 391 -3.17 46.31 8.46
CA MET A 391 -3.33 44.99 7.81
C MET A 391 -2.80 43.90 8.74
N ALA A 392 -2.43 44.23 9.97
CA ALA A 392 -1.87 43.21 10.88
C ALA A 392 -2.89 42.10 11.15
N ASN A 393 -2.46 40.88 11.50
CA ASN A 393 -3.44 39.85 11.75
C ASN A 393 -2.87 38.89 12.79
N ASN A 394 -3.54 37.77 13.04
CA ASN A 394 -3.10 36.82 14.05
C ASN A 394 -2.54 35.54 13.44
N TYR A 395 -2.10 35.62 12.20
CA TYR A 395 -1.55 34.42 11.56
C TYR A 395 -0.47 33.75 12.39
N ASN A 396 -0.54 32.42 12.47
CA ASN A 396 0.36 31.57 13.28
C ASN A 396 0.02 31.78 14.78
N ALA A 397 -1.22 32.23 15.06
CA ALA A 397 -1.70 32.48 16.43
C ALA A 397 -0.75 33.37 17.23
N ARG A 398 -0.47 34.54 16.66
CA ARG A 398 0.42 35.52 17.28
C ARG A 398 -0.42 36.77 17.53
N GLY A 399 -0.36 37.31 18.74
CA GLY A 399 -1.12 38.51 19.03
C GLY A 399 -0.65 39.77 18.25
N ARG A 400 -1.58 40.69 17.94
CA ARG A 400 -1.13 41.90 17.24
C ARG A 400 -0.32 42.65 18.26
N PRO A 401 0.72 43.35 17.80
CA PRO A 401 1.61 44.08 18.69
C PRO A 401 1.16 45.37 19.35
N ARG A 402 1.92 45.76 20.36
CA ARG A 402 1.68 47.03 21.03
C ARG A 402 2.15 48.13 20.09
N MET A 403 1.65 49.35 20.31
CA MET A 403 2.07 50.53 19.57
C MET A 403 2.14 51.69 20.56
N VAL A 404 3.16 52.55 20.43
CA VAL A 404 3.27 53.72 21.27
C VAL A 404 3.35 54.94 20.35
N LEU A 405 3.00 56.11 20.91
CA LEU A 405 3.06 57.39 20.23
C LEU A 405 4.14 58.21 20.94
N THR A 406 5.15 58.69 20.20
CA THR A 406 6.20 59.51 20.78
C THR A 406 5.74 60.91 20.46
N SER A 407 5.78 61.76 21.48
CA SER A 407 5.25 63.10 21.42
C SER A 407 6.09 64.02 22.31
N LYS A 408 6.02 65.32 22.08
CA LYS A 408 6.77 66.23 22.95
C LYS A 408 6.24 66.04 24.40
N LYS A 409 4.99 65.61 24.53
CA LYS A 409 4.39 65.40 25.85
C LYS A 409 4.84 64.16 26.62
N GLY A 410 5.46 63.21 25.91
CA GLY A 410 5.90 61.96 26.55
C GLY A 410 5.69 60.81 25.56
N VAL A 411 5.89 59.56 25.97
CA VAL A 411 5.67 58.44 25.07
C VAL A 411 4.41 57.78 25.61
N PHE A 412 3.43 57.54 24.74
CA PHE A 412 2.19 56.96 25.22
C PHE A 412 1.79 55.65 24.54
N LEU A 413 1.30 54.70 25.34
CA LEU A 413 0.85 53.44 24.75
C LEU A 413 -0.46 53.78 24.00
N ILE A 414 -0.52 53.52 22.70
CA ILE A 414 -1.77 53.80 21.99
C ILE A 414 -2.44 52.53 21.45
N ARG A 415 -1.77 51.39 21.58
CA ARG A 415 -2.45 50.14 21.23
C ARG A 415 -1.90 49.10 22.17
N GLU A 416 -2.75 48.35 22.85
CA GLU A 416 -2.24 47.32 23.75
C GLU A 416 -2.03 46.05 22.96
N ARG A 417 -1.15 45.18 23.41
CA ARG A 417 -0.95 43.97 22.64
C ARG A 417 -2.01 42.94 22.95
N GLU A 418 -2.09 41.92 22.13
CA GLU A 418 -3.05 40.84 22.39
C GLU A 418 -2.35 39.68 23.13
N THR A 419 -3.00 39.11 24.15
CA THR A 419 -2.44 37.98 24.90
C THR A 419 -2.93 36.70 24.30
N TYR A 420 -2.41 35.58 24.81
CA TYR A 420 -2.88 34.28 24.35
C TYR A 420 -4.39 34.23 24.59
N ALA A 421 -4.88 34.82 25.70
CA ALA A 421 -6.32 34.78 25.98
C ALA A 421 -7.09 35.53 24.92
N ASP A 422 -6.49 36.60 24.37
CA ASP A 422 -7.21 37.33 23.33
C ASP A 422 -7.36 36.51 22.02
N LEU A 423 -6.39 35.63 21.74
CA LEU A 423 -6.39 34.85 20.51
C LEU A 423 -7.68 34.03 20.37
N ILE A 424 -8.19 33.52 21.49
CA ILE A 424 -9.40 32.69 21.46
C ILE A 424 -10.61 33.38 22.04
N ALA A 425 -10.55 34.70 22.20
CA ALA A 425 -11.68 35.39 22.85
C ALA A 425 -12.97 35.51 22.04
N LYS A 426 -12.96 35.12 20.76
CA LYS A 426 -14.16 35.10 19.93
C LYS A 426 -14.57 33.62 19.62
N ASP A 427 -13.82 32.65 20.17
CA ASP A 427 -14.08 31.23 19.89
C ASP A 427 -15.01 30.62 20.92
N ILE A 428 -15.94 29.81 20.46
CA ILE A 428 -16.89 29.15 21.39
C ILE A 428 -16.96 27.65 21.09
N VAL A 429 -16.65 26.84 22.08
CA VAL A 429 -16.68 25.38 21.94
C VAL A 429 -18.10 24.86 22.19
N PRO A 430 -18.66 24.08 21.26
CA PRO A 430 -20.03 23.53 21.39
C PRO A 430 -19.99 22.49 22.47
N PRO A 431 -21.15 22.20 23.09
CA PRO A 431 -21.25 21.22 24.18
C PRO A 431 -20.64 19.86 23.88
N HIS A 432 -20.87 19.33 22.69
CA HIS A 432 -20.31 17.99 22.40
C HIS A 432 -18.82 17.96 22.21
N LEU A 433 -18.19 19.13 22.17
CA LEU A 433 -16.74 19.21 21.98
C LEU A 433 -16.04 19.67 23.29
N LEU A 434 -16.79 19.85 24.37
CA LEU A 434 -16.17 20.27 25.65
C LEU A 434 -15.43 19.08 26.26
N MET B 1 -16.88 19.34 -7.47
CA MET B 1 -17.33 18.68 -6.21
C MET B 1 -16.24 17.80 -5.62
N LEU B 2 -15.17 17.58 -6.37
CA LEU B 2 -14.07 16.76 -5.87
C LEU B 2 -13.58 17.32 -4.51
N GLY B 3 -13.54 16.48 -3.47
CA GLY B 3 -13.08 16.91 -2.15
C GLY B 3 -14.18 17.40 -1.22
N ASN B 4 -15.28 17.87 -1.79
CA ASN B 4 -16.40 18.38 -1.00
C ASN B 4 -17.45 17.28 -0.88
N ASP B 5 -17.14 16.37 0.01
CA ASP B 5 -17.94 15.19 0.22
C ASP B 5 -19.25 15.37 0.94
N THR B 6 -19.40 16.48 1.66
CA THR B 6 -20.59 16.62 2.43
C THR B 6 -21.59 17.64 1.96
N VAL B 7 -21.39 18.20 0.78
CA VAL B 7 -22.30 19.21 0.28
C VAL B 7 -23.05 18.66 -0.92
N GLU B 8 -24.16 19.28 -1.24
CA GLU B 8 -24.93 18.80 -2.36
C GLU B 8 -25.89 19.87 -2.85
N ILE B 9 -26.43 19.63 -4.03
CA ILE B 9 -27.44 20.51 -4.58
C ILE B 9 -28.76 19.73 -4.41
N LYS B 10 -29.72 20.23 -3.65
CA LYS B 10 -30.97 19.51 -3.51
C LYS B 10 -32.07 20.47 -3.81
N ASP B 11 -33.02 20.03 -4.61
CA ASP B 11 -34.15 20.90 -4.93
C ASP B 11 -33.68 22.32 -5.36
N GLY B 12 -32.67 22.40 -6.23
CA GLY B 12 -32.23 23.71 -6.67
C GLY B 12 -31.52 24.58 -5.63
N ARG B 13 -31.06 24.02 -4.51
CA ARG B 13 -30.35 24.80 -3.47
C ARG B 13 -29.14 24.05 -2.92
N PHE B 14 -28.11 24.81 -2.56
CA PHE B 14 -26.86 24.29 -2.00
C PHE B 14 -27.04 23.94 -0.51
N PHE B 15 -26.59 22.75 -0.15
CA PHE B 15 -26.70 22.23 1.25
C PHE B 15 -25.33 21.79 1.74
N ILE B 16 -25.02 22.09 3.00
CA ILE B 16 -23.75 21.68 3.61
C ILE B 16 -24.19 20.79 4.80
N ASP B 17 -23.72 19.56 4.80
CA ASP B 17 -24.07 18.56 5.81
C ASP B 17 -25.57 18.51 5.98
N GLY B 18 -26.32 18.66 4.89
CA GLY B 18 -27.76 18.62 4.96
C GLY B 18 -28.43 19.92 5.46
N TYR B 19 -27.65 20.98 5.71
CA TYR B 19 -28.26 22.24 6.13
C TYR B 19 -28.27 23.16 4.92
N ASP B 20 -29.40 23.80 4.68
CA ASP B 20 -29.58 24.71 3.53
C ASP B 20 -28.63 25.93 3.71
N ALA B 21 -27.76 26.19 2.75
CA ALA B 21 -26.81 27.29 2.89
C ALA B 21 -27.38 28.69 2.95
N ILE B 22 -28.41 28.99 2.15
CA ILE B 22 -29.00 30.30 2.16
C ILE B 22 -29.67 30.52 3.54
N GLU B 23 -30.29 29.47 4.07
CA GLU B 23 -30.90 29.62 5.39
C GLU B 23 -29.83 29.87 6.47
N LEU B 24 -28.65 29.23 6.35
CA LEU B 24 -27.60 29.51 7.35
C LEU B 24 -27.19 31.01 7.24
N ALA B 25 -27.00 31.47 6.00
CA ALA B 25 -26.67 32.86 5.75
C ALA B 25 -27.73 33.77 6.35
N GLU B 26 -29.01 33.43 6.21
CA GLU B 26 -30.10 34.26 6.75
C GLU B 26 -30.14 34.17 8.27
N LYS B 27 -29.88 33.01 8.84
CA LYS B 27 -29.96 32.91 10.30
C LYS B 27 -28.82 33.58 11.03
N PHE B 28 -27.59 33.38 10.53
CA PHE B 28 -26.39 33.91 11.19
C PHE B 28 -25.78 35.19 10.66
N GLY B 29 -26.23 35.65 9.49
CA GLY B 29 -25.69 36.86 8.89
C GLY B 29 -24.54 36.50 7.95
N THR B 30 -24.19 37.44 7.06
CA THR B 30 -23.09 37.22 6.12
C THR B 30 -22.14 38.40 6.31
N PRO B 31 -20.85 38.23 5.99
CA PRO B 31 -20.20 37.03 5.44
C PRO B 31 -20.15 35.97 6.56
N LEU B 32 -20.21 34.71 6.17
CA LEU B 32 -20.25 33.63 7.15
C LEU B 32 -19.34 32.47 6.75
N TYR B 33 -18.44 32.04 7.65
CA TYR B 33 -17.65 30.84 7.40
C TYR B 33 -18.50 29.66 7.91
N VAL B 34 -18.51 28.55 7.15
CA VAL B 34 -19.23 27.31 7.54
C VAL B 34 -18.20 26.20 7.47
N MET B 35 -18.01 25.52 8.61
CA MET B 35 -17.05 24.44 8.68
C MET B 35 -17.86 23.17 8.88
N SER B 36 -17.61 22.17 8.03
CA SER B 36 -18.32 20.90 8.11
C SER B 36 -17.58 19.93 9.04
N GLU B 37 -18.18 19.60 10.18
CA GLU B 37 -17.55 18.65 11.10
C GLU B 37 -17.29 17.30 10.43
N GLU B 38 -18.29 16.83 9.69
CA GLU B 38 -18.13 15.50 9.04
C GLU B 38 -17.01 15.51 7.98
N GLN B 39 -16.89 16.61 7.22
CA GLN B 39 -15.84 16.67 6.22
C GLN B 39 -14.48 16.57 6.89
N ILE B 40 -14.33 17.18 8.07
CA ILE B 40 -13.04 17.11 8.77
C ILE B 40 -12.77 15.65 9.18
N LYS B 41 -13.81 14.99 9.67
CA LYS B 41 -13.66 13.58 10.08
C LYS B 41 -13.25 12.72 8.89
N ILE B 42 -13.88 12.96 7.74
CA ILE B 42 -13.57 12.24 6.53
C ILE B 42 -12.13 12.45 6.14
N ASN B 43 -11.66 13.72 6.15
CA ASN B 43 -10.27 14.00 5.78
C ASN B 43 -9.29 13.37 6.71
N TYR B 44 -9.60 13.41 7.99
CA TYR B 44 -8.71 12.81 8.95
C TYR B 44 -8.66 11.27 8.79
N ASN B 45 -9.84 10.68 8.63
CA ASN B 45 -9.94 9.20 8.47
C ASN B 45 -9.15 8.70 7.23
N ARG B 46 -9.11 9.49 6.15
CA ARG B 46 -8.37 9.12 4.95
C ARG B 46 -6.89 8.98 5.29
N TYR B 47 -6.37 9.84 6.18
CA TYR B 47 -4.97 9.75 6.56
C TYR B 47 -4.67 8.49 7.41
N ILE B 48 -5.54 8.27 8.39
CA ILE B 48 -5.41 7.11 9.28
C ILE B 48 -5.52 5.81 8.43
N GLU B 49 -6.48 5.78 7.52
CA GLU B 49 -6.70 4.59 6.66
C GLU B 49 -5.53 4.33 5.71
N ALA B 50 -5.02 5.38 5.09
CA ALA B 50 -3.91 5.33 4.19
C ALA B 50 -2.61 4.84 4.82
N PHE B 51 -2.31 5.33 6.02
CA PHE B 51 -1.08 5.00 6.70
C PHE B 51 -1.17 3.88 7.73
N LYS B 52 -2.28 3.18 7.78
CA LYS B 52 -2.38 2.12 8.78
C LYS B 52 -1.32 1.03 8.56
N ARG B 53 -0.93 0.81 7.31
CA ARG B 53 0.06 -0.21 7.08
C ARG B 53 1.39 0.10 7.78
N TRP B 54 1.63 1.36 8.15
CA TRP B 54 2.91 1.61 8.80
C TRP B 54 3.14 0.86 10.09
N GLU B 55 2.11 0.86 10.95
CA GLU B 55 2.18 0.23 12.25
C GLU B 55 1.99 -1.28 12.12
N GLU B 56 1.30 -1.66 11.06
CA GLU B 56 1.02 -3.06 10.74
C GLU B 56 2.30 -3.79 10.39
N GLU B 57 3.11 -3.14 9.56
CA GLU B 57 4.37 -3.69 9.10
C GLU B 57 5.58 -3.36 9.96
N THR B 58 5.53 -2.29 10.73
CA THR B 58 6.70 -1.93 11.52
C THR B 58 6.52 -1.99 13.02
N GLY B 59 5.27 -2.05 13.49
CA GLY B 59 5.07 -2.05 14.92
C GLY B 59 5.26 -0.63 15.51
N LYS B 60 5.66 0.34 14.67
CA LYS B 60 5.84 1.70 15.17
C LYS B 60 4.57 2.56 14.99
N GLU B 61 4.56 3.70 15.62
CA GLU B 61 3.42 4.59 15.51
C GLU B 61 3.42 5.51 14.32
N PHE B 62 2.22 5.83 13.87
CA PHE B 62 2.02 6.81 12.81
C PHE B 62 1.21 7.89 13.53
N ILE B 63 1.69 9.13 13.49
CA ILE B 63 1.02 10.25 14.18
C ILE B 63 0.72 11.39 13.19
N VAL B 64 -0.48 11.91 13.27
CA VAL B 64 -0.90 13.04 12.44
C VAL B 64 -0.76 14.28 13.32
N ALA B 65 0.18 15.16 12.99
CA ALA B 65 0.34 16.37 13.79
C ALA B 65 -0.32 17.47 12.97
N TYR B 66 -1.60 17.71 13.20
CA TYR B 66 -2.29 18.73 12.43
C TYR B 66 -1.60 20.08 12.56
N ALA B 67 -1.32 20.72 11.41
CA ALA B 67 -0.67 22.01 11.36
C ALA B 67 -1.65 23.13 11.76
N TYR B 68 -1.49 23.59 12.98
CA TYR B 68 -2.43 24.61 13.48
C TYR B 68 -2.46 25.88 12.67
N LYS B 69 -1.35 26.19 11.98
CA LYS B 69 -1.33 27.43 11.22
C LYS B 69 -2.46 27.49 10.19
N ALA B 70 -2.96 26.33 9.79
CA ALA B 70 -4.09 26.31 8.83
C ALA B 70 -5.43 26.80 9.41
N ASN B 71 -5.66 26.57 10.70
CA ASN B 71 -6.92 26.97 11.36
C ASN B 71 -6.79 26.53 12.80
N ALA B 72 -6.80 27.46 13.74
CA ALA B 72 -6.65 27.12 15.15
C ALA B 72 -7.84 27.58 15.96
N ASN B 73 -9.01 27.69 15.32
CA ASN B 73 -10.26 28.05 16.03
C ASN B 73 -10.42 26.95 17.08
N LEU B 74 -10.71 27.34 18.32
CA LEU B 74 -10.80 26.42 19.46
C LEU B 74 -11.76 25.20 19.31
N ALA B 75 -12.89 25.38 18.62
CA ALA B 75 -13.82 24.28 18.42
C ALA B 75 -13.19 23.29 17.43
N ILE B 76 -12.59 23.83 16.38
CA ILE B 76 -11.95 22.99 15.39
C ILE B 76 -10.80 22.20 16.01
N THR B 77 -9.95 22.85 16.80
CA THR B 77 -8.87 22.12 17.41
C THR B 77 -9.40 21.16 18.46
N ARG B 78 -10.45 21.49 19.19
CA ARG B 78 -10.91 20.48 20.17
C ARG B 78 -11.51 19.27 19.40
N LEU B 79 -12.12 19.54 18.24
CA LEU B 79 -12.68 18.44 17.42
C LEU B 79 -11.53 17.53 17.00
N LEU B 80 -10.48 18.09 16.42
CA LEU B 80 -9.36 17.26 16.02
C LEU B 80 -8.73 16.52 17.19
N ALA B 81 -8.62 17.16 18.35
CA ALA B 81 -8.07 16.45 19.52
C ALA B 81 -8.98 15.26 19.91
N LYS B 82 -10.29 15.46 19.90
CA LYS B 82 -11.18 14.36 20.24
C LYS B 82 -11.05 13.21 19.23
N LEU B 83 -10.63 13.52 18.00
CA LEU B 83 -10.49 12.49 16.99
C LEU B 83 -9.20 11.67 17.20
N GLY B 84 -8.30 12.17 18.06
CA GLY B 84 -7.03 11.52 18.37
C GLY B 84 -5.82 12.07 17.60
N CYS B 85 -6.05 13.19 16.92
CA CYS B 85 -5.05 13.85 16.14
C CYS B 85 -4.08 14.64 17.01
N GLY B 86 -2.83 14.72 16.56
CA GLY B 86 -1.80 15.47 17.26
C GLY B 86 -1.67 16.90 16.73
N ALA B 87 -0.63 17.64 17.11
CA ALA B 87 -0.55 19.02 16.67
C ALA B 87 0.85 19.47 16.28
N ASP B 88 0.98 20.13 15.11
CA ASP B 88 2.24 20.73 14.68
C ASP B 88 1.98 22.22 15.03
N VAL B 89 2.63 22.75 16.07
CA VAL B 89 2.42 24.17 16.47
C VAL B 89 3.67 24.97 16.14
N VAL B 90 3.51 26.27 15.81
CA VAL B 90 4.67 27.11 15.43
C VAL B 90 4.84 28.35 16.27
N SER B 91 4.06 28.44 17.35
CA SER B 91 4.21 29.58 18.23
C SER B 91 3.67 29.24 19.59
N GLY B 92 4.02 30.06 20.56
CA GLY B 92 3.51 29.84 21.91
C GLY B 92 1.98 29.91 21.85
N GLY B 93 1.46 30.77 20.96
CA GLY B 93 0.00 30.88 20.87
C GLY B 93 -0.64 29.56 20.44
N GLU B 94 -0.06 28.91 19.42
CA GLU B 94 -0.60 27.62 18.95
C GLU B 94 -0.39 26.53 20.00
N LEU B 95 0.76 26.54 20.71
CA LEU B 95 0.97 25.52 21.77
C LEU B 95 -0.12 25.69 22.88
N TYR B 96 -0.41 26.95 23.17
CA TYR B 96 -1.39 27.31 24.20
C TYR B 96 -2.76 26.73 23.83
N ILE B 97 -3.16 27.02 22.61
CA ILE B 97 -4.43 26.51 22.13
C ILE B 97 -4.45 24.97 22.12
N ALA B 98 -3.36 24.36 21.67
CA ALA B 98 -3.27 22.88 21.64
C ALA B 98 -3.46 22.29 23.02
N LYS B 99 -2.81 22.88 24.03
CA LYS B 99 -2.94 22.37 25.40
C LYS B 99 -4.38 22.68 25.92
N LEU B 100 -4.92 23.86 25.64
CA LEU B 100 -6.29 24.11 26.09
C LEU B 100 -7.25 23.24 25.32
N SER B 101 -6.82 22.66 24.20
CA SER B 101 -7.69 21.76 23.46
C SER B 101 -7.52 20.29 23.92
N ASN B 102 -6.61 20.03 24.87
CA ASN B 102 -6.38 18.68 25.41
C ASN B 102 -5.61 17.75 24.48
N VAL B 103 -4.86 18.32 23.53
CA VAL B 103 -4.05 17.48 22.68
C VAL B 103 -2.96 16.99 23.60
N PRO B 104 -2.70 15.69 23.61
CA PRO B 104 -1.66 15.16 24.48
C PRO B 104 -0.26 15.64 24.06
N SER B 105 0.57 16.06 25.02
CA SER B 105 1.91 16.54 24.73
C SER B 105 2.75 15.55 23.88
N LYS B 106 2.52 14.25 24.09
CA LYS B 106 3.20 13.25 23.32
C LYS B 106 2.87 13.29 21.82
N LYS B 107 1.86 14.05 21.43
CA LYS B 107 1.54 14.15 20.03
C LYS B 107 1.69 15.58 19.55
N ILE B 108 2.48 16.37 20.27
CA ILE B 108 2.72 17.75 19.88
C ILE B 108 4.19 17.98 19.49
N VAL B 109 4.42 18.55 18.31
CA VAL B 109 5.77 18.91 17.84
C VAL B 109 5.70 20.41 17.57
N PHE B 110 6.79 21.09 17.91
CA PHE B 110 6.86 22.54 17.82
C PHE B 110 7.86 22.97 16.70
N ASN B 111 7.35 23.59 15.64
CA ASN B 111 8.19 24.07 14.53
C ASN B 111 8.41 25.56 14.65
N GLY B 112 9.42 26.07 13.94
CA GLY B 112 9.63 27.52 13.93
C GLY B 112 11.08 27.92 13.86
N ASN B 113 11.39 28.96 13.10
CA ASN B 113 12.78 29.42 12.98
C ASN B 113 13.12 30.56 13.96
N CYS B 114 12.16 31.04 14.74
CA CYS B 114 12.53 32.07 15.71
C CYS B 114 11.88 31.74 17.06
N LYS B 115 12.12 30.54 17.56
CA LYS B 115 11.55 30.18 18.86
C LYS B 115 12.12 31.04 19.99
N THR B 116 11.27 31.72 20.77
CA THR B 116 11.76 32.54 21.85
C THR B 116 11.95 31.76 23.15
N LYS B 117 12.72 32.34 24.06
CA LYS B 117 12.91 31.64 25.34
C LYS B 117 11.53 31.40 26.02
N GLU B 118 10.66 32.39 25.97
CA GLU B 118 9.35 32.18 26.59
C GLU B 118 8.59 30.98 25.96
N GLU B 119 8.65 30.86 24.63
CA GLU B 119 8.01 29.75 23.94
C GLU B 119 8.68 28.42 24.29
N ILE B 120 10.00 28.44 24.43
CA ILE B 120 10.71 27.21 24.77
C ILE B 120 10.35 26.79 26.19
N ILE B 121 10.21 27.75 27.09
CA ILE B 121 9.84 27.38 28.46
C ILE B 121 8.48 26.67 28.43
N MET B 122 7.55 27.19 27.62
CA MET B 122 6.24 26.53 27.53
C MET B 122 6.30 25.08 27.01
N GLY B 123 7.04 24.86 25.95
CA GLY B 123 7.13 23.52 25.38
C GLY B 123 7.83 22.57 26.33
N ILE B 124 8.82 23.08 27.08
CA ILE B 124 9.50 22.20 28.04
C ILE B 124 8.58 21.87 29.19
N GLU B 125 7.97 22.89 29.80
CA GLU B 125 7.04 22.63 30.89
C GLU B 125 5.87 21.75 30.42
N ALA B 126 5.44 21.83 29.15
CA ALA B 126 4.34 20.96 28.73
C ALA B 126 4.85 19.58 28.32
N ASN B 127 6.17 19.36 28.30
CA ASN B 127 6.79 18.07 27.94
C ASN B 127 6.42 17.61 26.53
N ILE B 128 6.46 18.54 25.57
CA ILE B 128 6.08 18.22 24.20
C ILE B 128 7.01 17.14 23.64
N ARG B 129 6.47 16.41 22.67
CA ARG B 129 7.22 15.30 22.05
C ARG B 129 8.54 15.79 21.47
N ALA B 130 8.52 16.99 20.91
CA ALA B 130 9.76 17.49 20.34
C ALA B 130 9.69 18.90 19.87
N PHE B 131 10.85 19.56 19.95
CA PHE B 131 11.02 20.87 19.34
C PHE B 131 11.70 20.43 18.04
N ASN B 132 11.20 20.89 16.88
CA ASN B 132 11.84 20.58 15.59
C ASN B 132 12.86 21.72 15.45
N VAL B 133 14.09 21.45 15.88
CA VAL B 133 15.12 22.46 15.90
C VAL B 133 15.47 22.98 14.54
N ASP B 134 15.46 24.30 14.43
CA ASP B 134 15.68 24.95 13.16
C ASP B 134 17.11 25.42 12.92
N SER B 135 17.81 25.65 14.01
CA SER B 135 19.19 26.16 13.95
C SER B 135 20.00 25.77 15.19
N ILE B 136 21.31 25.92 15.10
CA ILE B 136 22.18 25.62 16.23
C ILE B 136 21.94 26.64 17.35
N SER B 137 21.59 27.88 16.98
CA SER B 137 21.28 28.91 17.97
C SER B 137 20.05 28.44 18.83
N GLU B 138 19.04 27.94 18.18
CA GLU B 138 17.86 27.44 18.90
C GLU B 138 18.25 26.29 19.84
N LEU B 139 19.04 25.33 19.35
CA LEU B 139 19.47 24.20 20.16
C LEU B 139 20.12 24.62 21.45
N ILE B 140 21.03 25.58 21.35
CA ILE B 140 21.76 26.12 22.50
C ILE B 140 20.81 26.75 23.51
N LEU B 141 19.82 27.50 23.01
CA LEU B 141 18.83 28.13 23.87
C LEU B 141 17.96 27.07 24.58
N ILE B 142 17.55 26.04 23.83
CA ILE B 142 16.72 24.98 24.39
C ILE B 142 17.50 24.29 25.55
N ASN B 143 18.76 23.93 25.30
CA ASN B 143 19.58 23.28 26.33
C ASN B 143 19.75 24.16 27.58
N GLU B 144 20.03 25.43 27.39
CA GLU B 144 20.20 26.36 28.51
C GLU B 144 18.90 26.54 29.32
N THR B 145 17.80 26.65 28.61
CA THR B 145 16.50 26.85 29.22
C THR B 145 16.10 25.57 30.00
N ALA B 146 16.33 24.40 29.40
CA ALA B 146 16.03 23.14 30.09
C ALA B 146 16.84 23.07 31.39
N LYS B 147 18.13 23.42 31.31
CA LYS B 147 18.94 23.41 32.52
C LYS B 147 18.31 24.31 33.57
N GLU B 148 17.92 25.52 33.20
CA GLU B 148 17.34 26.44 34.16
C GLU B 148 16.04 25.92 34.80
N LEU B 149 15.26 25.15 34.05
CA LEU B 149 13.99 24.59 34.56
C LEU B 149 14.17 23.28 35.32
N GLY B 150 15.38 22.74 35.25
CA GLY B 150 15.67 21.47 35.88
C GLY B 150 14.98 20.36 35.10
N GLU B 151 14.77 20.58 33.81
CA GLU B 151 14.11 19.56 33.02
C GLU B 151 14.95 19.16 31.84
N THR B 152 14.50 18.15 31.10
CA THR B 152 15.20 17.71 29.91
C THR B 152 14.28 17.99 28.71
N ALA B 153 14.78 18.65 27.65
CA ALA B 153 13.93 18.91 26.50
C ALA B 153 14.11 17.88 25.38
N ASN B 154 13.01 17.52 24.73
CA ASN B 154 13.13 16.57 23.61
C ASN B 154 13.39 17.37 22.33
N VAL B 155 14.43 16.98 21.56
CA VAL B 155 14.76 17.68 20.30
C VAL B 155 14.88 16.81 19.03
N ALA B 156 14.20 17.28 17.99
CA ALA B 156 14.32 16.68 16.68
C ALA B 156 15.04 17.81 15.88
N PHE B 157 15.41 17.52 14.65
CA PHE B 157 16.15 18.48 13.87
C PHE B 157 15.52 18.63 12.52
N ARG B 158 15.12 19.87 12.20
CA ARG B 158 14.56 20.10 10.87
C ARG B 158 15.77 20.20 9.93
N ILE B 159 15.84 19.29 8.97
CA ILE B 159 16.94 19.30 8.04
C ILE B 159 16.49 19.69 6.65
N ASN B 160 17.47 20.07 5.85
CA ASN B 160 17.33 20.38 4.42
C ASN B 160 18.16 19.32 3.73
N PRO B 161 17.53 18.20 3.37
CA PRO B 161 18.19 17.08 2.71
C PRO B 161 18.73 17.44 1.32
N ASN B 162 19.71 16.65 0.92
CA ASN B 162 20.37 16.82 -0.38
C ASN B 162 19.44 16.48 -1.57
N VAL B 163 18.37 17.25 -1.72
CA VAL B 163 17.40 17.03 -2.80
C VAL B 163 18.11 17.27 -4.13
N ASN B 164 17.73 16.50 -5.15
CA ASN B 164 18.36 16.58 -6.47
C ASN B 164 17.84 17.81 -7.22
N PRO B 165 18.68 18.86 -7.33
CA PRO B 165 18.32 20.12 -8.01
C PRO B 165 18.10 19.97 -9.51
N LYS B 166 18.51 18.84 -10.07
CA LYS B 166 18.29 18.64 -11.51
C LYS B 166 16.86 18.14 -11.71
N THR B 167 16.45 17.20 -10.87
CA THR B 167 15.10 16.63 -10.97
C THR B 167 13.99 17.46 -10.25
N HIS B 168 14.35 18.14 -9.16
CA HIS B 168 13.39 18.96 -8.41
C HIS B 168 13.99 20.34 -8.14
N PRO B 169 14.14 21.16 -9.19
CA PRO B 169 14.71 22.52 -9.07
C PRO B 169 14.00 23.45 -8.09
N LYS B 170 12.67 23.47 -8.14
CA LYS B 170 11.93 24.35 -7.25
C LYS B 170 12.10 23.92 -5.80
N ILE B 171 12.08 22.62 -5.56
CA ILE B 171 12.23 22.12 -4.22
C ILE B 171 13.60 22.38 -3.60
N SER B 172 14.64 22.13 -4.38
CA SER B 172 16.04 22.29 -3.95
C SER B 172 16.36 23.74 -3.64
N THR B 173 15.81 24.65 -4.45
CA THR B 173 16.04 26.10 -4.29
C THR B 173 15.48 26.53 -2.93
N GLY B 174 14.22 26.19 -2.67
CA GLY B 174 13.63 26.59 -1.40
C GLY B 174 14.45 26.09 -0.23
N LEU B 175 14.75 24.80 -0.27
CA LEU B 175 15.54 24.26 0.80
C LEU B 175 16.84 25.01 1.02
N LYS B 176 17.47 25.52 -0.05
CA LYS B 176 18.74 26.20 0.17
C LYS B 176 18.67 27.69 0.51
N LYS B 177 17.83 28.42 -0.21
CA LYS B 177 17.72 29.86 -0.01
C LYS B 177 16.71 30.32 1.05
N ASN B 178 15.81 29.43 1.46
CA ASN B 178 14.80 29.79 2.47
C ASN B 178 15.42 29.81 3.86
N LYS B 179 14.73 30.46 4.80
CA LYS B 179 15.25 30.65 6.14
C LYS B 179 15.24 29.43 7.10
N PHE B 180 14.58 28.37 6.67
CA PHE B 180 14.35 27.16 7.46
C PHE B 180 15.35 26.04 7.36
N GLY B 181 15.47 25.29 8.45
CA GLY B 181 16.26 24.07 8.47
C GLY B 181 17.75 24.13 8.60
N LEU B 182 18.33 22.95 8.83
CA LEU B 182 19.77 22.77 8.98
C LEU B 182 20.23 22.04 7.70
N ASP B 183 21.12 22.69 6.96
CA ASP B 183 21.64 22.14 5.71
C ASP B 183 22.40 20.83 5.94
N VAL B 184 22.06 19.81 5.17
CA VAL B 184 22.73 18.53 5.32
C VAL B 184 24.05 18.53 4.52
N GLU B 185 23.94 18.85 3.24
CA GLU B 185 25.12 18.89 2.36
C GLU B 185 26.38 19.47 3.00
N SER B 186 26.28 20.65 3.58
CA SER B 186 27.40 21.38 4.19
C SER B 186 27.89 20.85 5.53
N GLY B 187 27.24 19.82 6.06
CA GLY B 187 27.65 19.30 7.35
C GLY B 187 26.99 19.99 8.56
N ILE B 188 26.14 20.98 8.32
CA ILE B 188 25.53 21.67 9.48
C ILE B 188 24.55 20.80 10.31
N ALA B 189 23.72 19.98 9.67
CA ALA B 189 22.78 19.12 10.39
C ALA B 189 23.49 18.09 11.27
N MET B 190 24.53 17.45 10.73
CA MET B 190 25.29 16.46 11.53
C MET B 190 25.96 17.19 12.70
N LYS B 191 26.54 18.36 12.46
CA LYS B 191 27.19 19.07 13.57
C LYS B 191 26.18 19.44 14.68
N ALA B 192 25.00 19.84 14.27
CA ALA B 192 23.98 20.20 15.23
C ALA B 192 23.58 19.00 16.09
N ILE B 193 23.36 17.86 15.46
CA ILE B 193 22.94 16.65 16.19
C ILE B 193 24.07 16.12 17.09
N LYS B 194 25.31 16.13 16.61
CA LYS B 194 26.38 15.66 17.46
C LYS B 194 26.52 16.62 18.62
N MET B 195 26.28 17.91 18.40
CA MET B 195 26.34 18.87 19.50
C MET B 195 25.27 18.53 20.55
N ALA B 196 24.04 18.28 20.09
CA ALA B 196 22.95 17.94 21.01
C ALA B 196 23.29 16.71 21.87
N LEU B 197 23.91 15.70 21.23
CA LEU B 197 24.32 14.46 21.89
C LEU B 197 25.29 14.70 23.03
N GLU B 198 26.01 15.81 23.00
CA GLU B 198 26.94 16.13 24.05
C GLU B 198 26.26 16.99 25.13
N MET B 199 25.15 17.68 24.81
CA MET B 199 24.47 18.49 25.82
C MET B 199 23.74 17.63 26.88
N GLU B 200 23.71 18.11 28.10
CA GLU B 200 23.12 17.33 29.17
C GLU B 200 21.62 17.44 29.32
N TYR B 201 21.02 18.53 28.83
CA TYR B 201 19.59 18.72 29.03
C TYR B 201 18.64 18.59 27.84
N VAL B 202 19.10 17.91 26.81
CA VAL B 202 18.29 17.67 25.63
C VAL B 202 18.39 16.21 25.32
N ASN B 203 17.32 15.73 24.72
CA ASN B 203 17.11 14.32 24.33
C ASN B 203 16.80 14.27 22.84
N VAL B 204 17.72 13.70 22.05
CA VAL B 204 17.60 13.61 20.60
C VAL B 204 16.58 12.55 20.18
N VAL B 205 15.47 12.97 19.56
CA VAL B 205 14.46 12.00 19.19
C VAL B 205 14.07 11.86 17.72
N GLY B 206 14.45 12.79 16.86
CA GLY B 206 14.07 12.58 15.48
C GLY B 206 14.63 13.59 14.51
N VAL B 207 14.24 13.41 13.26
CA VAL B 207 14.61 14.34 12.18
C VAL B 207 13.28 14.77 11.57
N HIS B 208 13.25 16.00 11.10
CA HIS B 208 12.03 16.59 10.51
C HIS B 208 12.41 17.26 9.18
N CYS B 209 11.46 17.35 8.25
CA CYS B 209 11.68 18.02 6.96
C CYS B 209 10.29 18.42 6.43
N HIS B 210 10.20 19.60 5.83
CA HIS B 210 8.93 20.08 5.30
C HIS B 210 9.32 20.82 4.06
N ILE B 211 8.82 20.38 2.92
CA ILE B 211 9.28 20.94 1.64
C ILE B 211 8.48 22.01 0.94
N GLY B 212 7.21 22.13 1.26
CA GLY B 212 6.38 23.13 0.58
C GLY B 212 4.92 22.90 0.89
N SER B 213 4.08 23.60 0.15
CA SER B 213 2.64 23.47 0.37
C SER B 213 1.94 23.43 -0.97
N GLN B 214 0.70 22.90 -0.95
CA GLN B 214 -0.18 22.73 -2.11
C GLN B 214 0.57 21.98 -3.22
N LEU B 215 1.24 20.90 -2.85
CA LEU B 215 1.96 20.11 -3.83
C LEU B 215 1.00 19.03 -4.35
N THR B 216 0.73 19.02 -5.65
CA THR B 216 -0.16 18.00 -6.20
C THR B 216 0.55 16.97 -7.09
N ASP B 217 1.81 16.70 -6.76
CA ASP B 217 2.62 15.73 -7.47
C ASP B 217 3.39 14.98 -6.39
N ILE B 218 3.32 13.65 -6.46
CA ILE B 218 3.97 12.75 -5.51
C ILE B 218 5.49 12.77 -5.59
N SER B 219 6.01 13.06 -6.78
CA SER B 219 7.45 13.11 -6.97
C SER B 219 8.30 13.79 -5.86
N PRO B 220 8.04 15.07 -5.55
CA PRO B 220 8.83 15.77 -4.51
C PRO B 220 8.84 15.06 -3.16
N PHE B 221 7.75 14.40 -2.84
CA PHE B 221 7.69 13.69 -1.55
C PHE B 221 8.57 12.44 -1.57
N ILE B 222 8.62 11.76 -2.73
CA ILE B 222 9.48 10.57 -2.81
C ILE B 222 10.95 11.04 -2.59
N GLU B 223 11.32 12.12 -3.29
CA GLU B 223 12.67 12.70 -3.20
C GLU B 223 12.96 13.12 -1.73
N GLU B 224 12.00 13.81 -1.13
CA GLU B 224 12.15 14.21 0.26
C GLU B 224 12.44 12.97 1.13
N THR B 225 11.58 11.97 1.03
CA THR B 225 11.75 10.80 1.89
C THR B 225 13.09 10.10 1.70
N ARG B 226 13.43 9.90 0.44
CA ARG B 226 14.67 9.24 0.09
C ARG B 226 15.86 9.97 0.68
N LYS B 227 15.87 11.30 0.54
CA LYS B 227 17.00 12.06 1.04
C LYS B 227 16.99 12.19 2.55
N VAL B 228 15.82 12.23 3.16
CA VAL B 228 15.78 12.28 4.62
C VAL B 228 16.33 10.93 5.15
N MET B 229 15.87 9.83 4.58
CA MET B 229 16.34 8.49 5.05
C MET B 229 17.83 8.28 4.79
N ASP B 230 18.34 8.83 3.68
CA ASP B 230 19.78 8.77 3.38
C ASP B 230 20.54 9.42 4.52
N PHE B 231 20.01 10.52 5.07
CA PHE B 231 20.70 11.14 6.17
C PHE B 231 20.54 10.28 7.40
N VAL B 232 19.39 9.63 7.56
CA VAL B 232 19.19 8.73 8.76
C VAL B 232 20.28 7.61 8.73
N VAL B 233 20.63 7.15 7.54
CA VAL B 233 21.68 6.13 7.44
C VAL B 233 23.01 6.71 7.84
N GLU B 234 23.31 7.90 7.31
CA GLU B 234 24.58 8.58 7.61
C GLU B 234 24.67 8.77 9.13
N LEU B 235 23.53 8.99 9.78
CA LEU B 235 23.57 9.15 11.24
C LEU B 235 23.84 7.78 11.89
N LYS B 236 23.18 6.74 11.40
CA LYS B 236 23.37 5.40 11.92
C LYS B 236 24.88 5.02 11.88
N GLU B 237 25.52 5.29 10.73
CA GLU B 237 26.93 5.01 10.53
C GLU B 237 27.78 5.72 11.58
N GLU B 238 27.25 6.79 12.13
CA GLU B 238 27.93 7.57 13.16
C GLU B 238 27.56 7.05 14.53
N GLY B 239 26.78 5.97 14.57
CA GLY B 239 26.36 5.42 15.86
C GLY B 239 25.13 6.13 16.47
N ILE B 240 24.43 6.91 15.65
CA ILE B 240 23.27 7.72 16.10
C ILE B 240 21.94 7.14 15.65
N GLU B 241 21.03 6.82 16.58
CA GLU B 241 19.74 6.26 16.18
C GLU B 241 18.64 7.33 16.18
N ILE B 242 17.65 7.16 15.32
CA ILE B 242 16.53 8.11 15.18
C ILE B 242 15.18 7.44 15.51
N GLU B 243 14.53 7.91 16.56
CA GLU B 243 13.25 7.34 16.99
C GLU B 243 12.05 7.75 16.14
N ASP B 244 12.03 9.01 15.68
CA ASP B 244 10.91 9.55 14.91
C ASP B 244 11.41 10.16 13.61
N VAL B 245 10.66 9.94 12.52
CA VAL B 245 10.94 10.61 11.24
C VAL B 245 9.64 11.35 10.93
N ASN B 246 9.73 12.68 10.83
CA ASN B 246 8.57 13.55 10.57
C ASN B 246 8.78 14.18 9.19
N LEU B 247 7.93 13.85 8.22
CA LEU B 247 8.14 14.38 6.88
C LEU B 247 7.34 15.65 6.53
N GLY B 248 6.84 16.36 7.54
CA GLY B 248 6.11 17.60 7.26
C GLY B 248 4.72 17.44 6.64
N GLY B 249 4.24 18.52 6.04
CA GLY B 249 2.91 18.52 5.45
C GLY B 249 2.99 18.85 3.97
N GLY B 250 1.99 19.53 3.42
CA GLY B 250 2.09 19.91 2.03
C GLY B 250 1.29 19.20 0.97
N LEU B 251 0.61 18.09 1.26
CA LEU B 251 -0.19 17.44 0.21
C LEU B 251 -1.23 18.46 -0.23
N GLY B 252 -1.38 18.62 -1.55
CA GLY B 252 -2.34 19.58 -2.06
C GLY B 252 -3.80 19.19 -2.04
N ILE B 253 -4.70 20.14 -2.07
CA ILE B 253 -6.09 19.75 -2.11
C ILE B 253 -6.66 20.16 -3.47
N PRO B 254 -7.83 19.63 -3.81
CA PRO B 254 -8.43 19.95 -5.11
C PRO B 254 -9.19 21.28 -5.25
N TYR B 255 -8.46 22.41 -5.39
CA TYR B 255 -9.11 23.71 -5.57
C TYR B 255 -9.84 23.69 -6.92
N TYR B 256 -9.16 23.19 -7.95
CA TYR B 256 -9.79 23.01 -9.28
C TYR B 256 -10.53 21.68 -9.19
N LYS B 257 -11.75 21.67 -9.69
CA LYS B 257 -12.60 20.48 -9.62
C LYS B 257 -12.59 19.56 -10.86
N ASP B 258 -11.80 19.92 -11.87
CA ASP B 258 -11.77 19.15 -13.11
C ASP B 258 -10.70 18.06 -13.19
N LYS B 259 -9.66 18.14 -12.38
CA LYS B 259 -8.63 17.09 -12.47
C LYS B 259 -8.31 16.36 -11.17
N GLN B 260 -8.03 15.07 -11.31
CA GLN B 260 -7.65 14.22 -10.18
C GLN B 260 -6.22 14.51 -9.72
N ILE B 261 -6.02 14.55 -8.41
CA ILE B 261 -4.69 14.80 -7.89
C ILE B 261 -4.38 13.70 -6.88
N PRO B 262 -3.12 13.56 -6.48
CA PRO B 262 -2.75 12.53 -5.52
C PRO B 262 -3.60 12.64 -4.25
N THR B 263 -3.93 11.48 -3.68
CA THR B 263 -4.71 11.43 -2.46
C THR B 263 -3.77 10.98 -1.35
N GLN B 264 -4.35 10.83 -0.16
CA GLN B 264 -3.56 10.39 0.97
C GLN B 264 -2.98 8.98 0.71
N LYS B 265 -3.77 8.13 0.04
CA LYS B 265 -3.29 6.76 -0.27
C LYS B 265 -2.05 6.87 -1.16
N ASP B 266 -2.14 7.67 -2.21
CA ASP B 266 -0.98 7.85 -3.07
C ASP B 266 0.23 8.31 -2.28
N LEU B 267 0.01 9.22 -1.34
CA LEU B 267 1.13 9.72 -0.55
C LEU B 267 1.71 8.59 0.33
N ALA B 268 0.81 7.84 0.96
CA ALA B 268 1.24 6.75 1.86
C ALA B 268 2.05 5.71 1.10
N ASP B 269 1.61 5.37 -0.11
CA ASP B 269 2.34 4.32 -0.86
C ASP B 269 3.75 4.78 -1.11
N ALA B 270 3.88 5.99 -1.64
CA ALA B 270 5.17 6.56 -1.95
C ALA B 270 6.05 6.62 -0.69
N ILE B 271 5.53 7.23 0.36
CA ILE B 271 6.32 7.35 1.57
C ILE B 271 6.68 6.02 2.24
N ILE B 272 5.70 5.16 2.50
CA ILE B 272 5.97 3.92 3.20
C ILE B 272 6.87 2.99 2.33
N ASN B 273 6.55 2.83 1.06
CA ASN B 273 7.40 2.00 0.20
C ASN B 273 8.84 2.54 0.16
N THR B 274 9.02 3.85 0.18
CA THR B 274 10.39 4.38 0.12
C THR B 274 11.16 4.17 1.40
N MET B 275 10.50 4.35 2.53
CA MET B 275 11.13 4.18 3.83
C MET B 275 11.49 2.71 4.13
N LEU B 276 10.63 1.78 3.73
CA LEU B 276 10.89 0.38 3.99
C LEU B 276 12.15 -0.15 3.30
N LYS B 277 12.61 0.53 2.28
CA LYS B 277 13.81 0.12 1.58
C LYS B 277 15.03 0.32 2.45
N TYR B 278 14.87 0.95 3.60
CA TYR B 278 16.01 1.15 4.47
C TYR B 278 16.00 0.22 5.68
N LYS B 279 14.99 -0.64 5.75
CA LYS B 279 14.79 -1.59 6.84
C LYS B 279 16.01 -2.41 7.23
N ASP B 280 16.97 -2.55 6.31
CA ASP B 280 18.15 -3.34 6.65
C ASP B 280 19.34 -2.47 7.05
N LYS B 281 19.16 -1.15 6.98
CA LYS B 281 20.22 -0.23 7.37
C LYS B 281 19.91 0.42 8.71
N VAL B 282 18.64 0.73 8.97
CA VAL B 282 18.28 1.34 10.26
C VAL B 282 16.94 0.75 10.66
N GLU B 283 16.59 0.81 11.95
CA GLU B 283 15.30 0.27 12.41
C GLU B 283 14.22 1.28 12.06
N MET B 284 13.08 0.82 11.57
CA MET B 284 12.05 1.75 11.19
C MET B 284 11.62 2.60 12.38
N PRO B 285 11.47 3.91 12.16
CA PRO B 285 11.06 4.74 13.29
C PRO B 285 9.56 5.05 13.33
N ASN B 286 9.14 5.84 14.30
CA ASN B 286 7.75 6.25 14.30
C ASN B 286 7.70 7.22 13.10
N LEU B 287 6.55 7.31 12.42
CA LEU B 287 6.38 8.21 11.29
C LEU B 287 5.34 9.30 11.64
N ILE B 288 5.74 10.56 11.47
CA ILE B 288 4.82 11.68 11.75
C ILE B 288 4.61 12.50 10.49
N LEU B 289 3.37 12.89 10.16
CA LEU B 289 3.14 13.82 9.06
C LEU B 289 2.49 15.09 9.72
N GLU B 290 2.58 16.23 9.05
CA GLU B 290 2.04 17.50 9.57
C GLU B 290 1.07 18.15 8.57
N PRO B 291 0.02 17.43 8.15
CA PRO B 291 -0.88 18.04 7.21
C PRO B 291 -1.67 19.16 7.84
N GLY B 292 -1.93 20.20 7.06
CA GLY B 292 -2.80 21.31 7.53
C GLY B 292 -3.95 21.46 6.55
N ARG B 293 -3.60 21.95 5.36
CA ARG B 293 -4.54 22.16 4.31
C ARG B 293 -5.33 20.88 4.03
N SER B 294 -4.63 19.76 3.92
CA SER B 294 -5.36 18.55 3.56
C SER B 294 -6.29 17.99 4.61
N LEU B 295 -6.30 18.58 5.81
CA LEU B 295 -7.24 18.12 6.81
C LEU B 295 -8.49 19.00 6.88
N VAL B 296 -8.30 20.31 6.76
CA VAL B 296 -9.39 21.26 6.90
C VAL B 296 -9.85 22.14 5.72
N ALA B 297 -9.05 22.28 4.66
CA ALA B 297 -9.46 23.16 3.60
C ALA B 297 -10.83 22.86 3.01
N THR B 298 -11.06 21.59 2.61
CA THR B 298 -12.35 21.27 1.96
C THR B 298 -13.57 21.22 2.83
N ALA B 299 -13.36 21.42 4.12
CA ALA B 299 -14.48 21.43 5.05
C ALA B 299 -15.04 22.86 5.25
N GLY B 300 -14.35 23.89 4.75
CA GLY B 300 -14.79 25.26 4.96
C GLY B 300 -15.38 25.94 3.73
N TYR B 301 -16.49 26.66 3.94
CA TYR B 301 -17.17 27.36 2.84
C TYR B 301 -17.40 28.77 3.32
N LEU B 302 -17.23 29.77 2.45
CA LEU B 302 -17.48 31.17 2.86
C LEU B 302 -18.68 31.69 2.09
N LEU B 303 -19.74 32.08 2.80
CA LEU B 303 -20.96 32.56 2.19
C LEU B 303 -20.97 34.08 2.22
N GLY B 304 -21.25 34.67 1.06
CA GLY B 304 -21.28 36.11 0.95
C GLY B 304 -22.55 36.51 0.22
N LYS B 305 -23.27 37.47 0.78
CA LYS B 305 -24.49 37.97 0.16
C LYS B 305 -24.15 39.03 -0.91
N VAL B 306 -24.90 38.96 -2.01
CA VAL B 306 -24.72 39.89 -3.15
C VAL B 306 -25.55 41.17 -2.85
N HIS B 307 -24.87 42.32 -2.80
CA HIS B 307 -25.52 43.59 -2.53
C HIS B 307 -25.68 44.46 -3.74
N HIS B 308 -24.84 44.28 -4.75
CA HIS B 308 -24.91 45.09 -5.93
C HIS B 308 -24.42 44.29 -7.12
N ILE B 309 -25.01 44.60 -8.27
CA ILE B 309 -24.60 44.01 -9.54
C ILE B 309 -24.14 45.24 -10.34
N LYS B 310 -22.98 45.14 -10.98
CA LYS B 310 -22.46 46.28 -11.68
C LYS B 310 -21.99 45.95 -13.08
N GLU B 311 -22.63 46.54 -14.08
CA GLU B 311 -22.23 46.30 -15.48
C GLU B 311 -21.23 47.36 -15.89
N THR B 312 -20.12 46.95 -16.49
CA THR B 312 -19.11 47.89 -16.96
C THR B 312 -18.71 47.44 -18.36
N PRO B 313 -18.06 48.32 -19.13
CA PRO B 313 -17.68 47.83 -20.46
C PRO B 313 -16.77 46.55 -20.42
N VAL B 314 -15.84 46.44 -19.48
CA VAL B 314 -14.97 45.27 -19.45
C VAL B 314 -15.55 43.98 -18.82
N THR B 315 -16.44 44.15 -17.84
CA THR B 315 -16.95 43.01 -17.11
C THR B 315 -18.20 43.28 -16.29
N LYS B 316 -18.94 42.23 -15.96
CA LYS B 316 -20.08 42.42 -15.11
C LYS B 316 -19.63 41.94 -13.71
N TRP B 317 -19.65 42.88 -12.78
CA TRP B 317 -19.24 42.68 -11.40
C TRP B 317 -20.38 42.37 -10.45
N VAL B 318 -20.15 41.41 -9.55
CA VAL B 318 -21.13 41.11 -8.52
C VAL B 318 -20.36 41.39 -7.23
N MET B 319 -20.92 42.31 -6.43
CA MET B 319 -20.27 42.77 -5.20
C MET B 319 -20.90 42.06 -4.00
N ILE B 320 -20.09 41.39 -3.21
CA ILE B 320 -20.59 40.63 -2.06
C ILE B 320 -20.03 41.16 -0.77
N ASP B 321 -20.65 40.79 0.35
CA ASP B 321 -20.18 41.31 1.64
C ASP B 321 -19.05 40.54 2.29
N ALA B 322 -18.52 39.53 1.59
CA ALA B 322 -17.30 38.83 2.06
C ALA B 322 -16.20 39.67 1.40
N GLY B 323 -15.04 39.77 2.05
CA GLY B 323 -13.95 40.53 1.47
C GLY B 323 -12.61 39.88 1.74
N MET B 324 -11.56 40.47 1.17
CA MET B 324 -10.23 39.92 1.36
C MET B 324 -9.83 39.87 2.83
N ASN B 325 -10.35 40.79 3.68
CA ASN B 325 -9.98 40.71 5.11
C ASN B 325 -10.61 39.45 5.72
N ASP B 326 -11.71 38.94 5.14
CA ASP B 326 -12.29 37.69 5.64
C ASP B 326 -11.52 36.46 5.17
N MET B 327 -10.96 36.55 3.96
CA MET B 327 -10.31 35.42 3.34
C MET B 327 -9.36 36.01 2.31
N MET B 328 -8.08 35.91 2.65
CA MET B 328 -6.99 36.57 1.92
C MET B 328 -6.32 35.89 0.71
N ARG B 329 -6.64 34.60 0.48
CA ARG B 329 -5.94 33.86 -0.54
C ARG B 329 -6.00 34.44 -1.96
N PRO B 330 -7.18 34.75 -2.48
CA PRO B 330 -7.25 35.34 -3.84
C PRO B 330 -6.44 36.64 -3.89
N ALA B 331 -6.63 37.53 -2.91
CA ALA B 331 -5.89 38.81 -2.92
C ALA B 331 -4.37 38.67 -2.79
N MET B 332 -3.90 37.81 -1.90
CA MET B 332 -2.46 37.64 -1.72
C MET B 332 -1.71 36.82 -2.74
N TYR B 333 -2.32 35.72 -3.19
CA TYR B 333 -1.62 34.80 -4.06
C TYR B 333 -2.29 34.65 -5.39
N GLU B 334 -3.33 35.42 -5.62
CA GLU B 334 -4.12 35.26 -6.84
C GLU B 334 -4.52 33.77 -6.94
N ALA B 335 -4.84 33.17 -5.80
CA ALA B 335 -5.21 31.73 -5.75
C ALA B 335 -6.66 31.52 -6.22
N TYR B 336 -6.90 30.37 -6.84
CA TYR B 336 -8.23 30.05 -7.35
C TYR B 336 -9.08 29.25 -6.32
N HIS B 337 -10.32 29.69 -6.12
CA HIS B 337 -11.28 28.99 -5.25
C HIS B 337 -12.53 28.85 -6.12
N HIS B 338 -13.16 27.67 -6.09
CA HIS B 338 -14.38 27.43 -6.83
C HIS B 338 -15.48 28.28 -6.18
N ILE B 339 -16.36 28.88 -6.99
CA ILE B 339 -17.42 29.73 -6.46
C ILE B 339 -18.73 29.41 -7.16
N ILE B 340 -19.85 29.35 -6.45
CA ILE B 340 -21.14 29.05 -7.08
C ILE B 340 -22.20 29.95 -6.45
N ASN B 341 -23.34 30.05 -7.10
CA ASN B 341 -24.51 30.76 -6.56
C ASN B 341 -25.16 29.66 -5.70
N CYS B 342 -25.72 29.96 -4.52
CA CYS B 342 -26.37 28.88 -3.73
C CYS B 342 -27.76 28.44 -4.31
N LYS B 343 -28.31 29.21 -5.25
CA LYS B 343 -29.60 28.93 -5.85
C LYS B 343 -29.35 28.55 -7.33
N VAL B 344 -29.86 27.39 -7.74
CA VAL B 344 -29.72 26.96 -9.13
C VAL B 344 -30.67 27.85 -9.98
N LYS B 345 -30.18 28.30 -11.13
CA LYS B 345 -30.94 29.15 -12.04
C LYS B 345 -31.08 28.51 -13.42
N ASN B 346 -32.09 28.95 -14.15
CA ASN B 346 -32.33 28.43 -15.48
C ASN B 346 -31.47 29.13 -16.52
N GLU B 347 -30.53 29.94 -16.04
CA GLU B 347 -29.67 30.70 -16.91
C GLU B 347 -28.32 30.97 -16.21
N LYS B 348 -27.23 30.97 -16.96
CA LYS B 348 -25.92 31.21 -16.38
C LYS B 348 -25.29 32.44 -17.05
N GLU B 349 -24.30 33.04 -16.39
CA GLU B 349 -23.64 34.21 -16.98
C GLU B 349 -22.22 34.29 -16.48
N VAL B 350 -21.38 35.03 -17.20
CA VAL B 350 -20.00 35.12 -16.78
C VAL B 350 -19.87 36.42 -15.98
N VAL B 351 -19.39 36.32 -14.73
CA VAL B 351 -19.21 37.51 -13.89
C VAL B 351 -17.90 37.45 -13.09
N SER B 352 -17.48 38.61 -12.57
CA SER B 352 -16.31 38.68 -11.67
C SER B 352 -16.94 39.01 -10.32
N ILE B 353 -16.31 38.49 -9.28
CA ILE B 353 -16.87 38.60 -7.93
C ILE B 353 -15.87 39.32 -7.05
N ALA B 354 -16.32 40.40 -6.44
CA ALA B 354 -15.43 41.17 -5.59
C ALA B 354 -16.06 41.49 -4.23
N GLY B 355 -15.18 41.78 -3.26
CA GLY B 355 -15.59 42.21 -1.95
C GLY B 355 -15.70 43.73 -2.00
N GLY B 356 -15.93 44.35 -0.84
CA GLY B 356 -16.08 45.79 -0.80
C GLY B 356 -14.87 46.60 -0.35
N LEU B 357 -13.70 45.99 -0.21
CA LEU B 357 -12.57 46.79 0.26
C LEU B 357 -11.99 47.66 -0.84
N CYS B 358 -11.37 48.78 -0.45
CA CYS B 358 -10.83 49.68 -1.46
C CYS B 358 -9.45 49.37 -1.92
N GLU B 359 -9.23 48.08 -2.21
CA GLU B 359 -7.98 47.48 -2.70
C GLU B 359 -8.37 46.79 -3.98
N SER B 360 -7.60 47.06 -5.00
CA SER B 360 -7.85 46.54 -6.30
C SER B 360 -7.77 44.99 -6.29
N SER B 361 -6.91 44.45 -5.45
CA SER B 361 -6.73 43.00 -5.37
C SER B 361 -7.87 42.28 -4.64
N ASP B 362 -8.77 43.04 -4.02
CA ASP B 362 -9.91 42.42 -3.33
C ASP B 362 -10.99 41.95 -4.33
N VAL B 363 -10.65 40.87 -5.03
CA VAL B 363 -11.50 40.23 -6.03
C VAL B 363 -11.34 38.71 -5.77
N PHE B 364 -12.45 38.01 -5.64
CA PHE B 364 -12.42 36.57 -5.37
C PHE B 364 -12.27 35.72 -6.63
N GLY B 365 -12.82 36.18 -7.76
CA GLY B 365 -12.66 35.39 -8.99
C GLY B 365 -13.03 36.24 -10.17
N ARG B 366 -12.46 35.97 -11.33
CA ARG B 366 -12.78 36.76 -12.53
C ARG B 366 -13.30 35.81 -13.60
N ASP B 367 -14.20 36.33 -14.43
CA ASP B 367 -14.83 35.63 -15.54
C ASP B 367 -15.23 34.23 -15.12
N ARG B 368 -16.11 34.14 -14.12
CA ARG B 368 -16.56 32.84 -13.64
C ARG B 368 -17.95 32.72 -14.14
N GLU B 369 -18.31 31.50 -14.55
CA GLU B 369 -19.66 31.29 -15.03
C GLU B 369 -20.48 30.87 -13.81
N LEU B 370 -21.49 31.64 -13.47
CA LEU B 370 -22.34 31.37 -12.33
C LEU B 370 -23.80 31.31 -12.73
N ASP B 371 -24.61 30.61 -11.94
CA ASP B 371 -26.05 30.62 -12.17
C ASP B 371 -26.37 32.09 -11.95
N LYS B 372 -27.26 32.58 -12.81
CA LYS B 372 -27.70 33.97 -12.88
C LYS B 372 -27.71 34.68 -11.55
N VAL B 373 -26.87 35.71 -11.39
CA VAL B 373 -26.85 36.38 -10.11
C VAL B 373 -27.86 37.54 -9.90
N GLU B 374 -28.60 37.51 -8.79
CA GLU B 374 -29.53 38.60 -8.45
C GLU B 374 -29.12 39.17 -7.07
N VAL B 375 -29.46 40.42 -6.82
CA VAL B 375 -29.14 41.03 -5.55
C VAL B 375 -29.84 40.19 -4.49
N GLY B 376 -29.15 39.86 -3.39
CA GLY B 376 -29.81 39.10 -2.34
C GLY B 376 -29.44 37.64 -2.41
N ASP B 377 -28.89 37.24 -3.54
CA ASP B 377 -28.42 35.86 -3.66
C ASP B 377 -27.21 35.67 -2.75
N VAL B 378 -26.94 34.42 -2.40
CA VAL B 378 -25.79 34.11 -1.57
C VAL B 378 -24.81 33.31 -2.37
N LEU B 379 -23.56 33.76 -2.44
CA LEU B 379 -22.55 32.95 -3.14
C LEU B 379 -21.75 32.17 -2.10
N ALA B 380 -21.29 30.99 -2.50
CA ALA B 380 -20.46 30.10 -1.67
C ALA B 380 -19.08 30.02 -2.30
N ILE B 381 -18.06 30.31 -1.50
CA ILE B 381 -16.68 30.24 -1.96
C ILE B 381 -16.15 28.97 -1.28
N PHE B 382 -15.78 27.98 -2.11
CA PHE B 382 -15.32 26.66 -1.61
C PHE B 382 -13.88 26.66 -1.13
N ASP B 383 -13.57 25.62 -0.33
CA ASP B 383 -12.25 25.28 0.17
C ASP B 383 -11.50 26.41 0.96
N VAL B 384 -12.21 27.00 1.92
CA VAL B 384 -11.64 28.07 2.73
C VAL B 384 -11.40 27.65 4.16
N GLY B 385 -11.44 26.36 4.42
CA GLY B 385 -11.20 25.92 5.78
C GLY B 385 -9.76 26.08 6.24
N ALA B 386 -8.83 26.26 5.29
CA ALA B 386 -7.41 26.38 5.65
C ALA B 386 -6.89 27.72 5.16
N TYR B 387 -6.10 28.39 6.00
CA TYR B 387 -5.56 29.72 5.64
C TYR B 387 -6.69 30.67 5.23
N GLY B 388 -7.84 30.51 5.89
CA GLY B 388 -9.00 31.36 5.66
C GLY B 388 -9.16 32.24 6.92
N ILE B 389 -9.86 31.75 7.94
CA ILE B 389 -10.01 32.55 9.16
C ILE B 389 -8.63 32.77 9.77
N SER B 390 -7.70 31.81 9.60
CA SER B 390 -6.41 31.99 10.24
C SER B 390 -5.61 33.17 9.69
N MET B 391 -5.98 33.70 8.53
CA MET B 391 -5.27 34.85 8.02
C MET B 391 -6.26 36.05 7.93
N ALA B 392 -7.46 35.91 8.48
CA ALA B 392 -8.38 37.02 8.43
C ALA B 392 -7.86 38.24 9.25
N ASN B 393 -8.33 39.44 8.93
CA ASN B 393 -7.79 40.62 9.62
C ASN B 393 -8.86 41.69 9.61
N ASN B 394 -8.54 42.89 10.09
CA ASN B 394 -9.53 43.97 10.12
C ASN B 394 -9.31 45.07 9.08
N TYR B 395 -8.53 44.80 8.02
CA TYR B 395 -8.29 45.81 7.00
C TYR B 395 -9.61 46.48 6.53
N ASN B 396 -9.55 47.79 6.38
CA ASN B 396 -10.68 48.69 6.03
C ASN B 396 -11.64 48.79 7.24
N ALA B 397 -11.11 48.53 8.43
CA ALA B 397 -11.90 48.52 9.68
C ALA B 397 -13.17 47.68 9.53
N ARG B 398 -12.98 46.43 9.16
CA ARG B 398 -14.09 45.48 9.04
C ARG B 398 -13.89 44.38 10.12
N GLY B 399 -14.91 44.01 10.87
CA GLY B 399 -14.69 42.98 11.87
C GLY B 399 -14.50 41.63 11.20
N ARG B 400 -13.78 40.72 11.86
CA ARG B 400 -13.62 39.35 11.35
C ARG B 400 -15.03 38.68 11.47
N PRO B 401 -15.40 37.83 10.52
CA PRO B 401 -16.72 37.18 10.51
C PRO B 401 -17.05 36.06 11.47
N ARG B 402 -18.34 35.77 11.54
CA ARG B 402 -18.83 34.65 12.33
C ARG B 402 -18.43 33.39 11.61
N MET B 403 -18.37 32.29 12.36
CA MET B 403 -18.11 30.98 11.78
C MET B 403 -19.02 30.01 12.50
N VAL B 404 -19.67 29.13 11.74
CA VAL B 404 -20.52 28.08 12.34
C VAL B 404 -19.95 26.71 11.98
N LEU B 405 -20.30 25.70 12.78
CA LEU B 405 -19.82 24.33 12.57
C LEU B 405 -21.14 23.55 12.31
N THR B 406 -21.24 22.83 11.16
CA THR B 406 -22.45 22.08 10.83
C THR B 406 -22.11 20.68 11.29
N SER B 407 -23.00 20.09 12.07
CA SER B 407 -22.71 18.78 12.66
C SER B 407 -23.99 17.92 12.73
N LYS B 408 -23.86 16.63 12.97
CA LYS B 408 -25.06 15.76 13.12
C LYS B 408 -25.79 16.23 14.36
N LYS B 409 -25.07 16.91 15.27
CA LYS B 409 -25.69 17.41 16.51
C LYS B 409 -26.40 18.76 16.35
N GLY B 410 -26.26 19.42 15.20
CA GLY B 410 -26.89 20.73 15.05
C GLY B 410 -25.90 21.73 14.43
N VAL B 411 -26.24 23.00 14.33
CA VAL B 411 -25.32 23.97 13.74
C VAL B 411 -24.91 24.86 14.91
N PHE B 412 -23.61 25.02 15.11
CA PHE B 412 -23.15 25.78 16.28
C PHE B 412 -22.31 26.99 15.96
N LEU B 413 -22.54 28.11 16.64
CA LEU B 413 -21.70 29.28 16.37
C LEU B 413 -20.36 29.00 17.07
N ILE B 414 -19.26 28.80 16.33
CA ILE B 414 -17.95 28.58 16.95
C ILE B 414 -16.99 29.80 16.92
N ARG B 415 -17.35 30.86 16.20
CA ARG B 415 -16.59 32.11 16.25
C ARG B 415 -17.64 33.25 16.19
N GLU B 416 -17.65 34.13 17.20
CA GLU B 416 -18.59 35.27 17.16
C GLU B 416 -17.96 36.38 16.26
N ARG B 417 -18.77 37.18 15.60
CA ARG B 417 -18.24 38.25 14.78
C ARG B 417 -17.81 39.46 15.62
N GLU B 418 -16.95 40.31 15.09
CA GLU B 418 -16.46 41.52 15.82
C GLU B 418 -17.36 42.72 15.53
N THR B 419 -17.68 43.49 16.55
CA THR B 419 -18.56 44.65 16.42
C THR B 419 -17.68 45.86 16.23
N TYR B 420 -18.29 47.03 16.01
CA TYR B 420 -17.47 48.23 15.85
C TYR B 420 -16.68 48.51 17.11
N ALA B 421 -17.24 48.16 18.26
CA ALA B 421 -16.55 48.41 19.52
C ALA B 421 -15.32 47.54 19.59
N ASP B 422 -15.39 46.34 19.01
CA ASP B 422 -14.21 45.46 19.05
C ASP B 422 -13.09 46.01 18.20
N LEU B 423 -13.45 46.72 17.11
CA LEU B 423 -12.39 47.29 16.24
C LEU B 423 -11.41 48.16 16.98
N ILE B 424 -11.92 48.92 17.96
CA ILE B 424 -11.07 49.85 18.73
C ILE B 424 -10.82 49.42 20.17
N ALA B 425 -11.09 48.15 20.47
CA ALA B 425 -10.94 47.66 21.84
C ALA B 425 -9.51 47.57 22.39
N LYS B 426 -8.51 47.69 21.53
CA LYS B 426 -7.13 47.69 22.00
C LYS B 426 -6.52 49.09 21.84
N ASP B 427 -7.28 50.08 21.35
CA ASP B 427 -6.70 51.42 21.12
C ASP B 427 -6.81 52.28 22.34
N ILE B 428 -5.80 53.11 22.59
CA ILE B 428 -5.84 53.94 23.80
C ILE B 428 -5.52 55.37 23.41
N VAL B 429 -6.39 56.30 23.78
CA VAL B 429 -6.17 57.69 23.43
C VAL B 429 -5.40 58.37 24.58
N PRO B 430 -4.24 58.96 24.28
CA PRO B 430 -3.38 59.67 25.24
C PRO B 430 -4.12 60.94 25.75
N PRO B 431 -3.80 61.36 26.97
CA PRO B 431 -4.47 62.55 27.53
C PRO B 431 -4.58 63.79 26.65
N HIS B 432 -3.49 64.21 25.98
CA HIS B 432 -3.62 65.41 25.14
C HIS B 432 -4.45 65.25 23.84
N LEU B 433 -4.87 64.03 23.54
CA LEU B 433 -5.66 63.76 22.34
C LEU B 433 -7.13 63.49 22.71
N LEU B 434 -7.42 63.58 24.01
CA LEU B 434 -8.79 63.41 24.48
C LEU B 434 -9.58 64.63 24.03
N MET C 1 28.46 -33.21 -1.85
CA MET C 1 29.59 -32.15 -1.88
C MET C 1 29.19 -30.89 -2.62
N LEU C 2 29.30 -30.90 -3.95
CA LEU C 2 28.87 -29.67 -4.69
C LEU C 2 27.40 -29.32 -4.27
N GLY C 3 27.18 -28.09 -3.79
CA GLY C 3 25.86 -27.66 -3.35
C GLY C 3 25.58 -27.97 -1.88
N ASN C 4 26.31 -28.92 -1.31
CA ASN C 4 26.08 -29.29 0.09
C ASN C 4 27.12 -28.62 0.98
N ASP C 5 26.89 -27.33 1.16
CA ASP C 5 27.85 -26.48 1.91
C ASP C 5 27.94 -26.68 3.42
N THR C 6 26.96 -27.33 4.05
CA THR C 6 27.04 -27.44 5.49
C THR C 6 27.24 -28.83 6.06
N VAL C 7 27.66 -29.76 5.23
CA VAL C 7 27.82 -31.13 5.73
C VAL C 7 29.28 -31.49 5.61
N GLU C 8 29.68 -32.55 6.27
CA GLU C 8 31.09 -32.93 6.22
C GLU C 8 31.27 -34.30 6.81
N ILE C 9 32.46 -34.84 6.62
CA ILE C 9 32.81 -36.13 7.18
C ILE C 9 33.78 -35.81 8.31
N LYS C 10 33.50 -36.28 9.52
CA LYS C 10 34.39 -36.07 10.67
C LYS C 10 34.54 -37.39 11.39
N ASP C 11 35.79 -37.77 11.68
CA ASP C 11 36.07 -39.04 12.35
C ASP C 11 35.31 -40.16 11.63
N GLY C 12 35.31 -40.09 10.31
CA GLY C 12 34.69 -41.13 9.53
C GLY C 12 33.19 -41.24 9.67
N ARG C 13 32.53 -40.15 10.07
CA ARG C 13 31.05 -40.13 10.20
C ARG C 13 30.50 -38.86 9.54
N PHE C 14 29.30 -38.99 9.00
CA PHE C 14 28.65 -37.87 8.31
C PHE C 14 27.99 -36.87 9.26
N PHE C 15 28.27 -35.59 9.05
CA PHE C 15 27.68 -34.53 9.86
C PHE C 15 26.90 -33.53 9.01
N ILE C 16 25.82 -33.00 9.58
CA ILE C 16 25.00 -31.96 8.93
C ILE C 16 24.96 -30.80 9.94
N ASP C 17 25.48 -29.66 9.55
CA ASP C 17 25.50 -28.50 10.43
C ASP C 17 26.21 -28.82 11.74
N GLY C 18 27.18 -29.72 11.69
CA GLY C 18 27.88 -30.03 12.93
C GLY C 18 27.18 -31.08 13.77
N TYR C 19 26.03 -31.61 13.33
CA TYR C 19 25.34 -32.65 14.14
C TYR C 19 25.62 -34.02 13.53
N ASP C 20 25.98 -34.98 14.37
CA ASP C 20 26.23 -36.34 13.86
C ASP C 20 24.92 -36.91 13.25
N ALA C 21 24.94 -37.29 11.99
CA ALA C 21 23.71 -37.79 11.38
C ALA C 21 23.19 -39.12 11.93
N ILE C 22 24.10 -40.07 12.25
CA ILE C 22 23.66 -41.34 12.82
C ILE C 22 22.99 -41.04 14.16
N GLU C 23 23.54 -40.09 14.90
CA GLU C 23 22.87 -39.76 16.18
C GLU C 23 21.51 -39.09 15.99
N LEU C 24 21.37 -38.26 14.95
CA LEU C 24 20.02 -37.66 14.68
C LEU C 24 19.06 -38.84 14.41
N ALA C 25 19.50 -39.79 13.55
CA ALA C 25 18.68 -40.97 13.23
C ALA C 25 18.31 -41.76 14.49
N GLU C 26 19.30 -41.95 15.38
CA GLU C 26 19.06 -42.69 16.62
C GLU C 26 18.10 -41.94 17.59
N LYS C 27 18.27 -40.64 17.74
CA LYS C 27 17.42 -39.84 18.62
C LYS C 27 15.98 -39.64 18.15
N PHE C 28 15.81 -39.36 16.85
CA PHE C 28 14.50 -39.06 16.31
C PHE C 28 13.85 -40.20 15.56
N GLY C 29 14.61 -41.25 15.26
CA GLY C 29 14.04 -42.39 14.55
C GLY C 29 14.16 -42.24 13.03
N THR C 30 14.04 -43.33 12.29
CA THR C 30 14.13 -43.28 10.83
C THR C 30 12.81 -43.82 10.24
N PRO C 31 12.45 -43.44 9.00
CA PRO C 31 13.18 -42.49 8.14
C PRO C 31 13.07 -41.08 8.72
N LEU C 32 14.01 -40.24 8.34
CA LEU C 32 14.09 -38.91 8.91
C LEU C 32 14.61 -37.89 7.91
N TYR C 33 13.82 -36.85 7.68
CA TYR C 33 14.28 -35.75 6.84
C TYR C 33 15.04 -34.81 7.78
N VAL C 34 16.18 -34.29 7.31
CA VAL C 34 16.95 -33.32 8.05
C VAL C 34 17.08 -32.11 7.12
N MET C 35 16.66 -30.94 7.58
CA MET C 35 16.75 -29.71 6.80
C MET C 35 17.76 -28.77 7.50
N SER C 36 18.73 -28.31 6.72
CA SER C 36 19.77 -27.42 7.24
C SER C 36 19.34 -25.96 7.12
N GLU C 37 19.16 -25.30 8.26
CA GLU C 37 18.77 -23.91 8.24
C GLU C 37 19.85 -23.02 7.56
N GLU C 38 21.12 -23.27 7.87
CA GLU C 38 22.17 -22.46 7.24
C GLU C 38 22.26 -22.69 5.75
N GLN C 39 22.02 -23.91 5.27
CA GLN C 39 22.10 -24.13 3.81
C GLN C 39 21.04 -23.25 3.11
N ILE C 40 19.82 -23.22 3.68
CA ILE C 40 18.77 -22.38 3.10
C ILE C 40 19.20 -20.89 3.07
N LYS C 41 19.79 -20.40 4.18
CA LYS C 41 20.25 -19.02 4.23
C LYS C 41 21.33 -18.79 3.16
N ILE C 42 22.23 -19.76 2.99
CA ILE C 42 23.30 -19.63 1.98
C ILE C 42 22.73 -19.57 0.57
N ASN C 43 21.74 -20.41 0.30
CA ASN C 43 21.13 -20.44 -1.05
C ASN C 43 20.38 -19.15 -1.36
N TYR C 44 19.66 -18.67 -0.36
CA TYR C 44 18.90 -17.42 -0.53
C TYR C 44 19.88 -16.25 -0.70
N ASN C 45 20.92 -16.18 0.16
CA ASN C 45 21.91 -15.10 0.05
C ASN C 45 22.61 -15.14 -1.32
N ARG C 46 22.79 -16.31 -1.94
CA ARG C 46 23.41 -16.33 -3.28
C ARG C 46 22.53 -15.56 -4.30
N TYR C 47 21.20 -15.72 -4.24
CA TYR C 47 20.33 -14.95 -5.14
C TYR C 47 20.40 -13.48 -4.79
N ILE C 48 20.36 -13.17 -3.50
CA ILE C 48 20.39 -11.74 -3.11
C ILE C 48 21.68 -11.06 -3.65
N GLU C 49 22.82 -11.70 -3.42
CA GLU C 49 24.10 -11.16 -3.86
C GLU C 49 24.21 -11.11 -5.38
N ALA C 50 23.72 -12.14 -6.09
CA ALA C 50 23.79 -12.14 -7.57
C ALA C 50 22.90 -11.11 -8.20
N PHE C 51 21.76 -10.81 -7.59
CA PHE C 51 20.85 -9.87 -8.22
C PHE C 51 20.78 -8.45 -7.61
N LYS C 52 21.63 -8.17 -6.62
CA LYS C 52 21.58 -6.83 -6.01
C LYS C 52 21.88 -5.74 -7.05
N ARG C 53 22.57 -6.14 -8.09
CA ARG C 53 22.91 -5.27 -9.18
C ARG C 53 21.62 -4.66 -9.81
N TRP C 54 20.50 -5.42 -9.82
CA TRP C 54 19.28 -4.88 -10.47
C TRP C 54 18.81 -3.55 -9.89
N GLU C 55 18.72 -3.51 -8.57
CA GLU C 55 18.27 -2.33 -7.86
C GLU C 55 19.31 -1.21 -8.03
N GLU C 56 20.58 -1.59 -7.96
CA GLU C 56 21.64 -0.60 -8.11
C GLU C 56 21.64 0.05 -9.48
N GLU C 57 21.35 -0.70 -10.53
CA GLU C 57 21.40 -0.12 -11.85
C GLU C 57 20.10 0.46 -12.37
N THR C 58 18.97 0.00 -11.84
CA THR C 58 17.68 0.50 -12.31
C THR C 58 16.86 1.26 -11.29
N GLY C 59 17.21 1.11 -10.02
CA GLY C 59 16.43 1.75 -8.99
C GLY C 59 15.10 1.03 -8.72
N LYS C 60 14.85 -0.10 -9.41
CA LYS C 60 13.62 -0.87 -9.25
C LYS C 60 13.85 -2.01 -8.21
N GLU C 61 12.78 -2.71 -7.83
CA GLU C 61 12.92 -3.77 -6.85
C GLU C 61 13.21 -5.11 -7.45
N PHE C 62 13.90 -5.94 -6.66
CA PHE C 62 14.15 -7.33 -7.04
C PHE C 62 13.49 -8.17 -5.93
N ILE C 63 12.64 -9.10 -6.32
CA ILE C 63 11.95 -9.91 -5.34
C ILE C 63 12.15 -11.40 -5.61
N VAL C 64 12.46 -12.16 -4.56
CA VAL C 64 12.57 -13.63 -4.68
C VAL C 64 11.20 -14.14 -4.23
N ALA C 65 10.45 -14.76 -5.09
CA ALA C 65 9.16 -15.29 -4.63
C ALA C 65 9.40 -16.79 -4.52
N TYR C 66 9.73 -17.27 -3.31
CA TYR C 66 9.99 -18.71 -3.16
C TYR C 66 8.81 -19.59 -3.58
N ALA C 67 9.10 -20.58 -4.44
CA ALA C 67 8.06 -21.48 -4.94
C ALA C 67 7.68 -22.53 -3.86
N TYR C 68 6.57 -22.26 -3.18
CA TYR C 68 6.05 -23.13 -2.12
C TYR C 68 5.86 -24.60 -2.49
N LYS C 69 5.58 -24.89 -3.77
CA LYS C 69 5.35 -26.27 -4.19
C LYS C 69 6.57 -27.14 -3.88
N ALA C 70 7.74 -26.51 -3.73
CA ALA C 70 8.93 -27.27 -3.41
C ALA C 70 8.95 -27.78 -1.98
N ASN C 71 8.37 -27.01 -1.04
CA ASN C 71 8.41 -27.42 0.37
C ASN C 71 7.68 -26.34 1.11
N ALA C 72 6.49 -26.64 1.63
CA ALA C 72 5.76 -25.63 2.37
C ALA C 72 5.62 -25.97 3.86
N ASN C 73 6.57 -26.72 4.42
CA ASN C 73 6.54 -26.98 5.86
C ASN C 73 6.53 -25.57 6.55
N LEU C 74 5.71 -25.41 7.59
CA LEU C 74 5.51 -24.09 8.19
C LEU C 74 6.76 -23.51 8.80
N ALA C 75 7.67 -24.35 9.27
CA ALA C 75 8.88 -23.83 9.87
C ALA C 75 9.77 -23.31 8.74
N ILE C 76 9.82 -24.05 7.65
CA ILE C 76 10.64 -23.66 6.53
C ILE C 76 10.10 -22.38 5.89
N THR C 77 8.78 -22.25 5.77
CA THR C 77 8.24 -21.04 5.18
C THR C 77 8.40 -19.82 6.11
N ARG C 78 8.30 -20.06 7.43
CA ARG C 78 8.48 -18.95 8.35
C ARG C 78 9.95 -18.49 8.29
N LEU C 79 10.88 -19.44 8.17
CA LEU C 79 12.31 -19.14 8.07
C LEU C 79 12.48 -18.26 6.87
N LEU C 80 12.02 -18.72 5.70
CA LEU C 80 12.17 -17.86 4.49
C LEU C 80 11.50 -16.49 4.61
N ALA C 81 10.32 -16.43 5.20
CA ALA C 81 9.68 -15.12 5.38
C ALA C 81 10.57 -14.20 6.25
N LYS C 82 11.12 -14.76 7.32
CA LYS C 82 11.99 -13.94 8.19
C LYS C 82 13.25 -13.46 7.48
N LEU C 83 13.71 -14.16 6.44
CA LEU C 83 14.88 -13.72 5.71
C LEU C 83 14.53 -12.60 4.74
N GLY C 84 13.23 -12.30 4.59
CA GLY C 84 12.77 -11.21 3.68
C GLY C 84 12.28 -11.73 2.31
N CYS C 85 12.19 -13.06 2.21
CA CYS C 85 11.78 -13.69 0.97
C CYS C 85 10.27 -13.59 0.73
N GLY C 86 9.89 -13.60 -0.54
CA GLY C 86 8.48 -13.56 -0.92
C GLY C 86 7.98 -14.97 -1.19
N ALA C 87 6.84 -15.08 -1.87
CA ALA C 87 6.24 -16.41 -2.11
C ALA C 87 5.48 -16.49 -3.43
N ASP C 88 5.72 -17.59 -4.14
CA ASP C 88 5.01 -17.95 -5.38
C ASP C 88 4.11 -19.08 -4.85
N VAL C 89 2.80 -18.85 -4.81
CA VAL C 89 1.90 -19.88 -4.32
C VAL C 89 1.06 -20.35 -5.50
N VAL C 90 0.70 -21.62 -5.48
CA VAL C 90 -0.09 -22.15 -6.59
C VAL C 90 -1.45 -22.70 -6.17
N SER C 91 -1.85 -22.41 -4.92
CA SER C 91 -3.15 -22.89 -4.43
C SER C 91 -3.61 -22.10 -3.22
N GLY C 92 -4.91 -22.22 -2.90
CA GLY C 92 -5.43 -21.58 -1.71
C GLY C 92 -4.63 -22.07 -0.51
N GLY C 93 -4.25 -23.36 -0.54
CA GLY C 93 -3.49 -23.92 0.56
C GLY C 93 -2.14 -23.25 0.77
N GLU C 94 -1.41 -23.02 -0.33
CA GLU C 94 -0.10 -22.40 -0.17
C GLU C 94 -0.27 -20.91 0.21
N LEU C 95 -1.30 -20.24 -0.32
CA LEU C 95 -1.52 -18.82 0.04
C LEU C 95 -1.79 -18.77 1.56
N TYR C 96 -2.63 -19.69 2.04
CA TYR C 96 -2.94 -19.76 3.47
C TYR C 96 -1.64 -19.88 4.31
N ILE C 97 -0.74 -20.79 3.92
CA ILE C 97 0.51 -20.96 4.62
C ILE C 97 1.39 -19.69 4.51
N ALA C 98 1.40 -19.04 3.33
CA ALA C 98 2.25 -17.86 3.16
C ALA C 98 1.81 -16.73 4.10
N LYS C 99 0.47 -16.54 4.24
CA LYS C 99 -0.06 -15.52 5.13
C LYS C 99 0.18 -15.93 6.57
N LEU C 100 0.00 -17.21 6.92
CA LEU C 100 0.28 -17.60 8.30
C LEU C 100 1.80 -17.58 8.56
N SER C 101 2.59 -17.47 7.51
CA SER C 101 4.04 -17.42 7.72
C SER C 101 4.47 -15.97 7.74
N ASN C 102 3.52 -15.05 7.66
CA ASN C 102 3.87 -13.63 7.66
C ASN C 102 4.63 -13.06 6.44
N VAL C 103 4.42 -13.69 5.29
CA VAL C 103 5.05 -13.16 4.08
C VAL C 103 4.19 -11.92 3.74
N PRO C 104 4.79 -10.76 3.55
CA PRO C 104 4.04 -9.53 3.22
C PRO C 104 3.27 -9.76 1.91
N SER C 105 2.03 -9.34 1.91
CA SER C 105 1.19 -9.51 0.74
C SER C 105 1.79 -8.99 -0.55
N LYS C 106 2.47 -7.86 -0.49
CA LYS C 106 3.03 -7.34 -1.70
C LYS C 106 4.17 -8.20 -2.23
N LYS C 107 4.56 -9.27 -1.52
CA LYS C 107 5.60 -10.15 -2.08
C LYS C 107 5.04 -11.52 -2.39
N ILE C 108 3.71 -11.61 -2.49
CA ILE C 108 3.06 -12.88 -2.85
C ILE C 108 2.49 -12.83 -4.28
N VAL C 109 2.82 -13.81 -5.12
CA VAL C 109 2.24 -13.87 -6.48
C VAL C 109 1.53 -15.24 -6.54
N PHE C 110 0.39 -15.31 -7.21
CA PHE C 110 -0.41 -16.55 -7.23
C PHE C 110 -0.42 -17.15 -8.67
N ASN C 111 0.24 -18.31 -8.85
CA ASN C 111 0.22 -19.00 -10.15
C ASN C 111 -0.82 -20.10 -10.13
N GLY C 112 -1.18 -20.59 -11.31
CA GLY C 112 -2.08 -21.71 -11.37
C GLY C 112 -2.98 -21.67 -12.57
N ASN C 113 -3.22 -22.83 -13.17
CA ASN C 113 -4.10 -22.89 -14.33
C ASN C 113 -5.55 -23.25 -14.07
N CYS C 114 -5.90 -23.54 -12.81
CA CYS C 114 -7.29 -23.83 -12.48
C CYS C 114 -7.64 -23.11 -11.19
N LYS C 115 -7.51 -21.80 -11.19
CA LYS C 115 -7.81 -21.07 -9.95
C LYS C 115 -9.32 -21.02 -9.73
N THR C 116 -9.79 -21.49 -8.57
CA THR C 116 -11.25 -21.50 -8.32
C THR C 116 -11.70 -20.16 -7.74
N LYS C 117 -13.00 -19.94 -7.76
CA LYS C 117 -13.55 -18.74 -7.21
C LYS C 117 -13.17 -18.56 -5.77
N GLU C 118 -13.20 -19.64 -4.99
CA GLU C 118 -12.82 -19.55 -3.58
C GLU C 118 -11.34 -19.06 -3.44
N GLU C 119 -10.47 -19.55 -4.32
CA GLU C 119 -9.07 -19.16 -4.29
C GLU C 119 -8.87 -17.72 -4.68
N ILE C 120 -9.68 -17.26 -5.63
CA ILE C 120 -9.57 -15.88 -6.09
C ILE C 120 -10.08 -14.96 -4.97
N ILE C 121 -11.15 -15.36 -4.28
CA ILE C 121 -11.62 -14.58 -3.14
C ILE C 121 -10.48 -14.47 -2.15
N MET C 122 -9.78 -15.59 -1.83
CA MET C 122 -8.68 -15.45 -0.89
C MET C 122 -7.59 -14.48 -1.32
N GLY C 123 -7.13 -14.61 -2.57
CA GLY C 123 -6.07 -13.73 -3.06
C GLY C 123 -6.47 -12.26 -3.02
N ILE C 124 -7.73 -11.96 -3.38
CA ILE C 124 -8.19 -10.58 -3.35
C ILE C 124 -8.25 -10.06 -1.92
N GLU C 125 -8.86 -10.83 -1.02
CA GLU C 125 -8.95 -10.42 0.38
C GLU C 125 -7.55 -10.28 0.99
N ALA C 126 -6.63 -11.15 0.57
CA ALA C 126 -5.29 -11.07 1.12
C ALA C 126 -4.45 -9.99 0.44
N ASN C 127 -5.00 -9.30 -0.56
CA ASN C 127 -4.33 -8.23 -1.32
C ASN C 127 -2.95 -8.58 -1.82
N ILE C 128 -2.85 -9.73 -2.47
CA ILE C 128 -1.58 -10.19 -2.98
C ILE C 128 -1.07 -9.26 -4.08
N ARG C 129 0.21 -9.37 -4.35
CA ARG C 129 0.82 -8.54 -5.37
C ARG C 129 0.20 -8.77 -6.73
N ALA C 130 -0.06 -10.04 -7.04
CA ALA C 130 -0.66 -10.31 -8.36
C ALA C 130 -1.10 -11.74 -8.55
N PHE C 131 -2.19 -11.90 -9.31
CA PHE C 131 -2.55 -13.23 -9.81
C PHE C 131 -1.78 -13.26 -11.14
N ASN C 132 -1.04 -14.34 -11.38
CA ASN C 132 -0.30 -14.52 -12.62
C ASN C 132 -1.37 -15.30 -13.41
N VAL C 133 -2.14 -14.53 -14.18
CA VAL C 133 -3.27 -15.06 -14.92
C VAL C 133 -2.82 -16.00 -16.04
N ASP C 134 -3.43 -17.17 -16.02
CA ASP C 134 -3.15 -18.26 -16.94
C ASP C 134 -4.00 -18.33 -18.20
N SER C 135 -5.22 -17.79 -18.14
CA SER C 135 -6.19 -17.88 -19.25
C SER C 135 -7.17 -16.71 -19.20
N ILE C 136 -7.83 -16.47 -20.33
CA ILE C 136 -8.84 -15.42 -20.37
C ILE C 136 -9.96 -15.85 -19.45
N SER C 137 -10.22 -17.15 -19.39
CA SER C 137 -11.26 -17.61 -18.47
C SER C 137 -11.00 -17.16 -17.02
N GLU C 138 -9.76 -17.32 -16.59
CA GLU C 138 -9.40 -16.91 -15.26
C GLU C 138 -9.54 -15.39 -15.13
N LEU C 139 -9.10 -14.63 -16.13
CA LEU C 139 -9.20 -13.16 -16.04
C LEU C 139 -10.66 -12.70 -15.79
N ILE C 140 -11.61 -13.27 -16.53
CA ILE C 140 -13.03 -12.91 -16.42
C ILE C 140 -13.52 -13.22 -15.00
N LEU C 141 -13.13 -14.38 -14.47
CA LEU C 141 -13.58 -14.75 -13.11
C LEU C 141 -13.03 -13.79 -12.04
N ILE C 142 -11.75 -13.45 -12.15
CA ILE C 142 -11.11 -12.52 -11.21
C ILE C 142 -11.88 -11.17 -11.24
N ASN C 143 -12.12 -10.67 -12.45
CA ASN C 143 -12.83 -9.39 -12.58
C ASN C 143 -14.24 -9.47 -11.93
N GLU C 144 -14.99 -10.52 -12.23
CA GLU C 144 -16.34 -10.62 -11.66
C GLU C 144 -16.25 -10.81 -10.15
N THR C 145 -15.24 -11.53 -9.69
CA THR C 145 -15.11 -11.74 -8.26
C THR C 145 -14.71 -10.43 -7.59
N ALA C 146 -13.82 -9.64 -8.21
CA ALA C 146 -13.40 -8.38 -7.59
C ALA C 146 -14.63 -7.46 -7.48
N LYS C 147 -15.43 -7.47 -8.53
CA LYS C 147 -16.65 -6.66 -8.55
C LYS C 147 -17.54 -7.05 -7.36
N GLU C 148 -17.76 -8.34 -7.18
CA GLU C 148 -18.57 -8.82 -6.06
C GLU C 148 -17.98 -8.42 -4.73
N LEU C 149 -16.66 -8.42 -4.61
CA LEU C 149 -16.10 -8.08 -3.33
C LEU C 149 -15.97 -6.57 -3.16
N GLY C 150 -16.30 -5.79 -4.18
CA GLY C 150 -16.12 -4.36 -4.04
C GLY C 150 -14.65 -3.95 -4.05
N GLU C 151 -13.78 -4.76 -4.63
CA GLU C 151 -12.35 -4.45 -4.66
C GLU C 151 -11.79 -4.45 -6.06
N THR C 152 -10.49 -4.19 -6.19
CA THR C 152 -9.84 -4.21 -7.50
C THR C 152 -8.68 -5.24 -7.41
N ALA C 153 -8.63 -6.24 -8.30
CA ALA C 153 -7.54 -7.23 -8.21
C ALA C 153 -6.36 -6.88 -9.10
N ASN C 154 -5.16 -7.17 -8.61
CA ASN C 154 -3.91 -6.90 -9.35
C ASN C 154 -3.66 -8.11 -10.24
N VAL C 155 -3.43 -7.92 -11.55
CA VAL C 155 -3.25 -9.09 -12.40
C VAL C 155 -2.01 -8.97 -13.27
N ALA C 156 -1.20 -10.03 -13.29
CA ALA C 156 -0.06 -10.05 -14.17
C ALA C 156 -0.52 -11.15 -15.15
N PHE C 157 0.26 -11.40 -16.20
CA PHE C 157 -0.16 -12.36 -17.19
C PHE C 157 0.93 -13.36 -17.49
N ARG C 158 0.63 -14.63 -17.29
CA ARG C 158 1.59 -15.69 -17.58
C ARG C 158 1.55 -15.93 -19.10
N ILE C 159 2.67 -15.64 -19.74
CA ILE C 159 2.78 -15.76 -21.18
C ILE C 159 3.69 -16.87 -21.63
N ASN C 160 3.41 -17.35 -22.83
CA ASN C 160 4.22 -18.32 -23.52
C ASN C 160 4.82 -17.55 -24.70
N PRO C 161 6.03 -17.03 -24.46
CA PRO C 161 6.81 -16.25 -25.40
C PRO C 161 7.17 -17.07 -26.65
N ASN C 162 7.27 -16.31 -27.74
CA ASN C 162 7.58 -16.81 -29.06
C ASN C 162 9.05 -17.29 -29.16
N VAL C 163 9.36 -18.37 -28.45
CA VAL C 163 10.68 -18.97 -28.42
C VAL C 163 11.04 -19.61 -29.77
N ASN C 164 12.32 -19.49 -30.12
CA ASN C 164 12.85 -20.05 -31.37
C ASN C 164 12.81 -21.60 -31.26
N PRO C 165 11.90 -22.21 -32.02
CA PRO C 165 11.77 -23.68 -31.98
C PRO C 165 13.00 -24.39 -32.54
N LYS C 166 13.79 -23.71 -33.37
CA LYS C 166 14.98 -24.34 -33.96
C LYS C 166 16.11 -24.45 -32.93
N THR C 167 16.33 -23.37 -32.22
CA THR C 167 17.40 -23.31 -31.19
C THR C 167 17.00 -23.90 -29.81
N HIS C 168 15.72 -23.79 -29.47
CA HIS C 168 15.21 -24.31 -28.21
C HIS C 168 13.96 -25.16 -28.45
N PRO C 169 14.12 -26.35 -29.09
CA PRO C 169 12.97 -27.23 -29.37
C PRO C 169 12.19 -27.73 -28.16
N LYS C 170 12.91 -28.15 -27.12
CA LYS C 170 12.27 -28.68 -25.92
C LYS C 170 11.44 -27.59 -25.22
N ILE C 171 12.01 -26.39 -25.15
CA ILE C 171 11.31 -25.32 -24.50
C ILE C 171 10.08 -24.89 -25.29
N SER C 172 10.25 -24.71 -26.60
CA SER C 172 9.16 -24.27 -27.46
C SER C 172 7.99 -25.22 -27.44
N THR C 173 8.28 -26.53 -27.43
CA THR C 173 7.27 -27.58 -27.43
C THR C 173 6.48 -27.56 -26.13
N GLY C 174 7.18 -27.35 -25.01
CA GLY C 174 6.49 -27.30 -23.74
C GLY C 174 5.54 -26.10 -23.75
N LEU C 175 6.10 -24.94 -24.04
CA LEU C 175 5.23 -23.77 -24.07
C LEU C 175 4.00 -23.90 -24.96
N LYS C 176 4.08 -24.67 -26.04
CA LYS C 176 2.90 -24.78 -26.91
C LYS C 176 1.95 -25.86 -26.48
N LYS C 177 2.51 -27.02 -26.19
CA LYS C 177 1.68 -28.14 -25.83
C LYS C 177 1.29 -28.23 -24.36
N ASN C 178 2.00 -27.56 -23.46
CA ASN C 178 1.62 -27.69 -22.04
C ASN C 178 0.35 -26.88 -21.76
N LYS C 179 -0.27 -27.14 -20.61
CA LYS C 179 -1.51 -26.48 -20.30
C LYS C 179 -1.38 -25.05 -19.78
N PHE C 180 -0.16 -24.57 -19.57
CA PHE C 180 -0.02 -23.25 -18.94
C PHE C 180 0.14 -22.02 -19.84
N GLY C 181 -0.29 -20.88 -19.31
CA GLY C 181 0.00 -19.62 -19.96
C GLY C 181 -0.76 -19.20 -21.19
N LEU C 182 -0.54 -17.94 -21.56
CA LEU C 182 -1.20 -17.26 -22.70
C LEU C 182 -0.23 -17.21 -23.89
N ASP C 183 -0.61 -17.87 -24.99
CA ASP C 183 0.25 -17.94 -26.18
C ASP C 183 0.56 -16.56 -26.76
N VAL C 184 1.82 -16.22 -26.91
CA VAL C 184 2.16 -14.88 -27.48
C VAL C 184 2.06 -14.88 -29.00
N GLU C 185 2.64 -15.89 -29.64
CA GLU C 185 2.67 -15.91 -31.14
C GLU C 185 1.30 -15.77 -31.81
N SER C 186 0.29 -16.43 -31.29
CA SER C 186 -1.00 -16.33 -31.92
C SER C 186 -1.79 -15.09 -31.53
N GLY C 187 -1.27 -14.27 -30.65
CA GLY C 187 -2.01 -13.07 -30.24
C GLY C 187 -2.90 -13.24 -28.98
N ILE C 188 -2.98 -14.44 -28.41
CA ILE C 188 -3.84 -14.62 -27.22
C ILE C 188 -3.38 -13.78 -26.00
N ALA C 189 -2.08 -13.71 -25.76
CA ALA C 189 -1.56 -12.95 -24.61
C ALA C 189 -1.95 -11.46 -24.74
N MET C 190 -1.71 -10.89 -25.92
CA MET C 190 -2.07 -9.51 -26.16
C MET C 190 -3.58 -9.32 -26.01
N LYS C 191 -4.39 -10.22 -26.58
CA LYS C 191 -5.83 -10.09 -26.45
C LYS C 191 -6.29 -10.07 -24.96
N ALA C 192 -5.72 -10.93 -24.15
CA ALA C 192 -6.08 -11.04 -22.74
C ALA C 192 -5.76 -9.73 -22.00
N ILE C 193 -4.58 -9.19 -22.26
CA ILE C 193 -4.16 -7.95 -21.62
C ILE C 193 -5.04 -6.77 -22.05
N LYS C 194 -5.32 -6.67 -23.35
CA LYS C 194 -6.23 -5.58 -23.75
C LYS C 194 -7.65 -5.81 -23.17
N MET C 195 -8.04 -7.07 -22.92
CA MET C 195 -9.39 -7.25 -22.35
C MET C 195 -9.33 -6.77 -20.90
N ALA C 196 -8.20 -7.05 -20.24
CA ALA C 196 -8.04 -6.64 -18.82
C ALA C 196 -8.05 -5.09 -18.73
N LEU C 197 -7.49 -4.39 -19.73
CA LEU C 197 -7.48 -2.91 -19.68
C LEU C 197 -8.91 -2.36 -19.81
N GLU C 198 -9.80 -3.08 -20.53
CA GLU C 198 -11.19 -2.62 -20.63
C GLU C 198 -12.05 -3.00 -19.40
N MET C 199 -11.50 -3.85 -18.53
CA MET C 199 -12.27 -4.30 -17.38
C MET C 199 -12.12 -3.31 -16.26
N GLU C 200 -13.17 -3.17 -15.47
CA GLU C 200 -13.13 -2.17 -14.42
C GLU C 200 -12.64 -2.62 -13.06
N TYR C 201 -12.46 -3.92 -12.84
CA TYR C 201 -12.08 -4.32 -11.49
C TYR C 201 -10.74 -5.00 -11.37
N VAL C 202 -9.86 -4.81 -12.34
CA VAL C 202 -8.55 -5.41 -12.25
C VAL C 202 -7.57 -4.31 -12.62
N ASN C 203 -6.34 -4.50 -12.20
CA ASN C 203 -5.22 -3.58 -12.42
C ASN C 203 -4.05 -4.38 -13.05
N VAL C 204 -3.67 -4.06 -14.27
CA VAL C 204 -2.59 -4.75 -14.96
C VAL C 204 -1.24 -4.34 -14.40
N VAL C 205 -0.50 -5.29 -13.83
CA VAL C 205 0.79 -4.95 -13.21
C VAL C 205 2.01 -5.67 -13.73
N GLY C 206 1.82 -6.72 -14.53
CA GLY C 206 3.00 -7.42 -15.01
C GLY C 206 2.82 -8.56 -16.01
N VAL C 207 3.94 -9.16 -16.36
CA VAL C 207 4.03 -10.29 -17.23
C VAL C 207 4.86 -11.31 -16.44
N HIS C 208 4.55 -12.58 -16.65
CA HIS C 208 5.21 -13.66 -15.93
C HIS C 208 5.52 -14.74 -16.96
N CYS C 209 6.55 -15.54 -16.69
CA CYS C 209 6.87 -16.66 -17.56
C CYS C 209 7.62 -17.70 -16.72
N HIS C 210 7.35 -18.97 -16.96
CA HIS C 210 8.07 -20.01 -16.25
C HIS C 210 8.27 -21.10 -17.32
N ILE C 211 9.52 -21.40 -17.63
CA ILE C 211 9.79 -22.34 -18.71
C ILE C 211 10.06 -23.81 -18.44
N GLY C 212 10.35 -24.15 -17.20
CA GLY C 212 10.64 -25.54 -16.90
C GLY C 212 11.38 -25.64 -15.59
N SER C 213 11.89 -26.83 -15.28
CA SER C 213 12.55 -27.02 -13.99
C SER C 213 13.83 -27.86 -14.13
N GLN C 214 14.74 -27.73 -13.18
CA GLN C 214 16.04 -28.43 -13.22
C GLN C 214 16.81 -28.13 -14.54
N LEU C 215 16.87 -26.84 -14.91
CA LEU C 215 17.59 -26.42 -16.13
C LEU C 215 19.05 -26.15 -15.77
N THR C 216 19.97 -26.87 -16.41
CA THR C 216 21.40 -26.65 -16.08
C THR C 216 22.18 -25.99 -17.21
N ASP C 217 21.49 -25.23 -18.05
CA ASP C 217 22.09 -24.49 -19.16
C ASP C 217 21.50 -23.07 -19.06
N ILE C 218 22.30 -22.01 -19.21
CA ILE C 218 21.73 -20.64 -19.09
C ILE C 218 21.00 -20.27 -20.38
N SER C 219 21.30 -21.00 -21.45
CA SER C 219 20.74 -20.70 -22.74
C SER C 219 19.22 -20.51 -22.79
N PRO C 220 18.46 -21.42 -22.19
CA PRO C 220 17.01 -21.22 -22.25
C PRO C 220 16.55 -20.00 -21.49
N PHE C 221 17.30 -19.63 -20.44
CA PHE C 221 16.89 -18.47 -19.66
C PHE C 221 17.16 -17.17 -20.44
N ILE C 222 18.18 -17.17 -21.29
CA ILE C 222 18.44 -16.00 -22.10
C ILE C 222 17.34 -15.91 -23.13
N GLU C 223 16.99 -17.06 -23.72
CA GLU C 223 15.98 -17.06 -24.75
C GLU C 223 14.62 -16.64 -24.11
N GLU C 224 14.34 -17.16 -22.93
CA GLU C 224 13.13 -16.78 -22.22
C GLU C 224 13.10 -15.24 -22.00
N THR C 225 14.20 -14.73 -21.47
CA THR C 225 14.29 -13.31 -21.14
C THR C 225 14.14 -12.40 -22.36
N ARG C 226 14.84 -12.75 -23.45
CA ARG C 226 14.72 -11.93 -24.66
C ARG C 226 13.28 -11.95 -25.20
N LYS C 227 12.64 -13.11 -25.21
CA LYS C 227 11.28 -13.18 -25.76
C LYS C 227 10.21 -12.52 -24.85
N VAL C 228 10.42 -12.60 -23.54
CA VAL C 228 9.51 -11.91 -22.65
C VAL C 228 9.67 -10.36 -22.84
N MET C 229 10.92 -9.88 -22.88
CA MET C 229 11.16 -8.44 -23.08
C MET C 229 10.70 -7.98 -24.47
N ASP C 230 10.82 -8.85 -25.49
CA ASP C 230 10.31 -8.52 -26.83
C ASP C 230 8.80 -8.27 -26.75
N PHE C 231 8.13 -9.06 -25.93
CA PHE C 231 6.69 -8.89 -25.81
C PHE C 231 6.42 -7.61 -25.02
N VAL C 232 7.26 -7.29 -24.03
CA VAL C 232 7.04 -6.05 -23.27
C VAL C 232 7.19 -4.82 -24.23
N VAL C 233 8.06 -4.93 -25.23
CA VAL C 233 8.23 -3.85 -26.22
C VAL C 233 6.96 -3.81 -27.07
N GLU C 234 6.50 -4.98 -27.51
CA GLU C 234 5.26 -5.00 -28.28
C GLU C 234 4.12 -4.35 -27.46
N LEU C 235 4.08 -4.59 -26.15
CA LEU C 235 3.02 -3.99 -25.36
C LEU C 235 3.18 -2.46 -25.30
N LYS C 236 4.42 -2.03 -25.15
CA LYS C 236 4.75 -0.61 -25.09
C LYS C 236 4.25 0.05 -26.40
N GLU C 237 4.43 -0.64 -27.54
CA GLU C 237 4.02 -0.12 -28.87
C GLU C 237 2.53 0.14 -28.89
N GLU C 238 1.81 -0.61 -28.07
CA GLU C 238 0.36 -0.45 -27.99
C GLU C 238 -0.07 0.52 -26.87
N GLY C 239 0.88 1.24 -26.26
CA GLY C 239 0.52 2.15 -25.19
C GLY C 239 0.40 1.48 -23.81
N ILE C 240 0.86 0.23 -23.66
CA ILE C 240 0.74 -0.48 -22.38
C ILE C 240 2.11 -0.60 -21.64
N GLU C 241 2.13 -0.18 -20.38
CA GLU C 241 3.31 -0.20 -19.54
C GLU C 241 3.26 -1.38 -18.57
N ILE C 242 4.43 -1.93 -18.25
CA ILE C 242 4.51 -3.12 -17.42
C ILE C 242 5.34 -2.82 -16.20
N GLU C 243 4.75 -2.85 -15.01
CA GLU C 243 5.50 -2.56 -13.78
C GLU C 243 6.40 -3.70 -13.32
N ASP C 244 5.98 -4.96 -13.50
CA ASP C 244 6.77 -6.10 -13.04
C ASP C 244 7.04 -7.12 -14.15
N VAL C 245 8.24 -7.71 -14.18
CA VAL C 245 8.54 -8.79 -15.11
C VAL C 245 8.96 -9.94 -14.17
N ASN C 246 8.25 -11.07 -14.25
CA ASN C 246 8.55 -12.20 -13.38
C ASN C 246 8.98 -13.34 -14.33
N LEU C 247 10.23 -13.81 -14.20
CA LEU C 247 10.76 -14.83 -15.08
C LEU C 247 10.69 -16.25 -14.54
N GLY C 248 9.95 -16.44 -13.45
CA GLY C 248 9.73 -17.81 -12.97
C GLY C 248 10.91 -18.44 -12.30
N GLY C 249 10.89 -19.75 -12.18
CA GLY C 249 11.99 -20.41 -11.49
C GLY C 249 12.70 -21.35 -12.44
N GLY C 250 13.23 -22.45 -11.90
CA GLY C 250 13.83 -23.46 -12.76
C GLY C 250 15.35 -23.62 -12.77
N LEU C 251 16.10 -22.76 -12.07
CA LEU C 251 17.57 -22.97 -12.09
C LEU C 251 17.82 -24.36 -11.50
N GLY C 252 18.62 -25.18 -12.17
CA GLY C 252 18.87 -26.51 -11.63
C GLY C 252 19.89 -26.58 -10.51
N ILE C 253 19.86 -27.66 -9.74
CA ILE C 253 20.82 -27.81 -8.65
C ILE C 253 21.73 -29.02 -8.97
N PRO C 254 22.88 -29.11 -8.28
CA PRO C 254 23.83 -30.20 -8.53
C PRO C 254 23.52 -31.58 -7.97
N TYR C 255 22.56 -32.27 -8.56
CA TYR C 255 22.25 -33.63 -8.07
C TYR C 255 23.50 -34.50 -8.30
N TYR C 256 24.08 -34.37 -9.47
CA TYR C 256 25.33 -35.08 -9.79
C TYR C 256 26.44 -34.20 -9.22
N LYS C 257 27.36 -34.82 -8.49
CA LYS C 257 28.40 -34.05 -7.82
C LYS C 257 29.71 -33.86 -8.58
N ASP C 258 29.82 -34.47 -9.74
CA ASP C 258 31.03 -34.39 -10.54
C ASP C 258 31.01 -33.39 -11.69
N LYS C 259 30.03 -32.51 -11.73
CA LYS C 259 29.96 -31.53 -12.82
C LYS C 259 29.55 -30.14 -12.34
N GLN C 260 30.33 -29.14 -12.71
CA GLN C 260 30.05 -27.79 -12.33
C GLN C 260 28.86 -27.33 -13.15
N ILE C 261 27.95 -26.56 -12.58
CA ILE C 261 26.78 -26.09 -13.34
C ILE C 261 26.55 -24.58 -13.13
N PRO C 262 25.68 -23.95 -13.93
CA PRO C 262 25.48 -22.51 -13.75
C PRO C 262 24.98 -22.15 -12.34
N THR C 263 25.45 -21.02 -11.82
CA THR C 263 25.07 -20.58 -10.50
C THR C 263 24.11 -19.42 -10.61
N GLN C 264 23.69 -18.89 -9.47
CA GLN C 264 22.79 -17.74 -9.41
C GLN C 264 23.48 -16.54 -10.09
N LYS C 265 24.80 -16.46 -9.94
CA LYS C 265 25.57 -15.35 -10.53
C LYS C 265 25.52 -15.53 -12.05
N ASP C 266 25.68 -16.74 -12.56
CA ASP C 266 25.58 -16.92 -14.02
C ASP C 266 24.15 -16.53 -14.51
N LEU C 267 23.12 -16.95 -13.75
CA LEU C 267 21.76 -16.63 -14.11
C LEU C 267 21.58 -15.10 -14.06
N ALA C 268 22.07 -14.43 -12.99
CA ALA C 268 21.87 -12.97 -12.94
C ALA C 268 22.53 -12.26 -14.11
N ASP C 269 23.76 -12.65 -14.42
CA ASP C 269 24.49 -12.02 -15.52
C ASP C 269 23.66 -12.14 -16.80
N ALA C 270 23.14 -13.34 -17.05
CA ALA C 270 22.37 -13.59 -18.24
C ALA C 270 21.06 -12.81 -18.28
N ILE C 271 20.30 -12.82 -17.19
CA ILE C 271 19.02 -12.14 -17.18
C ILE C 271 19.19 -10.60 -17.16
N ILE C 272 20.02 -10.11 -16.27
CA ILE C 272 20.18 -8.67 -16.19
C ILE C 272 20.84 -8.05 -17.45
N ASN C 273 21.92 -8.65 -17.97
CA ASN C 273 22.50 -8.04 -19.19
C ASN C 273 21.49 -8.08 -20.33
N THR C 274 20.70 -9.14 -20.41
CA THR C 274 19.71 -9.16 -21.47
C THR C 274 18.66 -8.07 -21.28
N MET C 275 18.07 -7.95 -20.10
CA MET C 275 17.01 -6.95 -19.88
C MET C 275 17.45 -5.53 -20.14
N LEU C 276 18.63 -5.17 -19.65
CA LEU C 276 19.12 -3.79 -19.82
C LEU C 276 19.28 -3.37 -21.29
N LYS C 277 19.47 -4.32 -22.20
CA LYS C 277 19.57 -3.95 -23.59
C LYS C 277 18.26 -3.30 -24.03
N TYR C 278 17.17 -3.47 -23.27
CA TYR C 278 15.88 -2.89 -23.71
C TYR C 278 15.56 -1.52 -23.11
N LYS C 279 16.51 -1.00 -22.35
CA LYS C 279 16.24 0.23 -21.64
C LYS C 279 15.95 1.43 -22.51
N ASP C 280 16.20 1.34 -23.82
CA ASP C 280 15.84 2.48 -24.67
C ASP C 280 14.43 2.38 -25.19
N LYS C 281 13.80 1.22 -25.03
CA LYS C 281 12.48 1.02 -25.54
C LYS C 281 11.41 1.03 -24.46
N VAL C 282 11.70 0.44 -23.30
CA VAL C 282 10.74 0.42 -22.20
C VAL C 282 11.45 0.77 -20.91
N GLU C 283 10.68 1.20 -19.92
CA GLU C 283 11.26 1.52 -18.62
C GLU C 283 11.58 0.16 -17.92
N MET C 284 12.73 0.05 -17.25
CA MET C 284 13.07 -1.23 -16.60
C MET C 284 12.07 -1.47 -15.49
N PRO C 285 11.57 -2.70 -15.42
CA PRO C 285 10.59 -2.99 -14.37
C PRO C 285 11.20 -3.58 -13.06
N ASN C 286 10.33 -3.84 -12.09
CA ASN C 286 10.72 -4.60 -10.90
C ASN C 286 10.96 -6.00 -11.49
N LEU C 287 11.93 -6.73 -10.95
CA LEU C 287 12.27 -8.07 -11.45
C LEU C 287 11.91 -9.09 -10.39
N ILE C 288 11.14 -10.10 -10.75
CA ILE C 288 10.77 -11.11 -9.76
C ILE C 288 11.23 -12.47 -10.25
N LEU C 289 11.76 -13.30 -9.36
CA LEU C 289 12.11 -14.69 -9.75
C LEU C 289 11.36 -15.62 -8.79
N GLU C 290 11.12 -16.85 -9.22
CA GLU C 290 10.35 -17.84 -8.43
C GLU C 290 11.15 -19.12 -8.19
N PRO C 291 12.37 -19.00 -7.63
CA PRO C 291 13.10 -20.25 -7.42
C PRO C 291 12.43 -21.11 -6.35
N GLY C 292 12.50 -22.42 -6.53
CA GLY C 292 11.99 -23.35 -5.53
C GLY C 292 13.13 -24.31 -5.22
N ARG C 293 13.42 -25.21 -6.17
CA ARG C 293 14.52 -26.19 -5.96
C ARG C 293 15.86 -25.53 -5.55
N SER C 294 16.23 -24.46 -6.24
CA SER C 294 17.53 -23.84 -5.97
C SER C 294 17.60 -23.11 -4.63
N LEU C 295 16.49 -23.02 -3.91
CA LEU C 295 16.55 -22.43 -2.57
C LEU C 295 16.61 -23.50 -1.48
N VAL C 296 15.87 -24.58 -1.67
CA VAL C 296 15.81 -25.63 -0.63
C VAL C 296 16.29 -27.04 -0.88
N ALA C 297 16.43 -27.47 -2.13
CA ALA C 297 16.86 -28.84 -2.42
C ALA C 297 18.10 -29.33 -1.64
N THR C 298 19.20 -28.58 -1.78
CA THR C 298 20.48 -28.99 -1.18
C THR C 298 20.52 -28.87 0.34
N ALA C 299 19.49 -28.28 0.96
CA ALA C 299 19.42 -28.18 2.43
C ALA C 299 18.80 -29.45 3.04
N GLY C 300 18.22 -30.31 2.22
CA GLY C 300 17.58 -31.51 2.80
C GLY C 300 18.26 -32.86 2.59
N TYR C 301 18.25 -33.67 3.64
CA TYR C 301 18.85 -35.00 3.58
C TYR C 301 17.83 -35.97 4.13
N LEU C 302 17.70 -37.14 3.53
CA LEU C 302 16.74 -38.16 4.06
C LEU C 302 17.59 -39.33 4.65
N LEU C 303 17.43 -39.62 5.93
CA LEU C 303 18.21 -40.70 6.56
C LEU C 303 17.36 -41.95 6.62
N GLY C 304 17.91 -43.08 6.22
CA GLY C 304 17.16 -44.33 6.27
C GLY C 304 18.05 -45.43 6.85
N LYS C 305 17.52 -46.15 7.84
CA LYS C 305 18.28 -47.23 8.46
C LYS C 305 18.18 -48.49 7.62
N VAL C 306 19.28 -49.24 7.56
CA VAL C 306 19.36 -50.49 6.81
C VAL C 306 18.87 -51.62 7.71
N HIS C 307 17.84 -52.31 7.27
CA HIS C 307 17.32 -53.39 8.06
C HIS C 307 17.73 -54.75 7.49
N HIS C 308 18.03 -54.81 6.19
CA HIS C 308 18.39 -56.11 5.59
C HIS C 308 19.35 -55.90 4.43
N ILE C 309 20.20 -56.90 4.23
CA ILE C 309 21.16 -56.91 3.13
C ILE C 309 20.75 -58.20 2.37
N LYS C 310 20.70 -58.15 1.05
CA LYS C 310 20.28 -59.32 0.29
C LYS C 310 21.11 -59.53 -0.97
N GLU C 311 21.89 -60.59 -0.96
CA GLU C 311 22.72 -60.90 -2.12
C GLU C 311 21.89 -61.74 -3.09
N THR C 312 21.79 -61.33 -4.35
CA THR C 312 21.07 -62.12 -5.34
C THR C 312 22.10 -62.38 -6.42
N PRO C 313 21.83 -63.32 -7.33
CA PRO C 313 22.78 -63.62 -8.40
C PRO C 313 23.22 -62.38 -9.19
N VAL C 314 22.33 -61.40 -9.35
CA VAL C 314 22.73 -60.26 -10.14
C VAL C 314 22.93 -58.90 -9.43
N THR C 315 22.54 -58.82 -8.17
CA THR C 315 22.58 -57.54 -7.48
C THR C 315 22.70 -57.70 -5.97
N LYS C 316 23.44 -56.82 -5.30
CA LYS C 316 23.42 -56.88 -3.84
C LYS C 316 22.49 -55.73 -3.45
N TRP C 317 21.35 -56.10 -2.88
CA TRP C 317 20.32 -55.16 -2.42
C TRP C 317 20.49 -54.83 -0.97
N VAL C 318 20.29 -53.57 -0.66
CA VAL C 318 20.34 -53.03 0.70
C VAL C 318 18.96 -52.43 0.89
N MET C 319 18.26 -52.92 1.90
CA MET C 319 16.86 -52.51 2.16
C MET C 319 16.79 -51.53 3.32
N ILE C 320 16.21 -50.36 3.07
CA ILE C 320 16.15 -49.35 4.13
C ILE C 320 14.72 -48.98 4.48
N ASP C 321 14.53 -48.36 5.64
CA ASP C 321 13.20 -47.98 6.07
C ASP C 321 12.65 -46.64 5.49
N ALA C 322 13.44 -45.97 4.63
CA ALA C 322 12.90 -44.83 3.87
C ALA C 322 12.33 -45.49 2.59
N GLY C 323 11.26 -44.93 2.02
CA GLY C 323 10.69 -45.56 0.84
C GLY C 323 10.13 -44.54 -0.11
N MET C 324 9.64 -44.97 -1.27
CA MET C 324 9.13 -44.00 -2.21
C MET C 324 8.02 -43.10 -1.64
N ASN C 325 7.24 -43.58 -0.67
CA ASN C 325 6.16 -42.74 -0.12
C ASN C 325 6.77 -41.59 0.69
N ASP C 326 8.00 -41.75 1.21
CA ASP C 326 8.68 -40.67 1.93
C ASP C 326 9.32 -39.65 0.94
N MET C 327 9.78 -40.13 -0.21
CA MET C 327 10.47 -39.27 -1.19
C MET C 327 10.26 -40.00 -2.55
N MET C 328 9.44 -39.36 -3.37
CA MET C 328 9.00 -39.95 -4.64
C MET C 328 9.80 -39.69 -5.91
N ARG C 329 10.85 -38.88 -5.85
CA ARG C 329 11.50 -38.54 -7.13
C ARG C 329 12.12 -39.68 -7.95
N PRO C 330 12.83 -40.61 -7.31
CA PRO C 330 13.41 -41.70 -8.09
C PRO C 330 12.24 -42.50 -8.72
N ALA C 331 11.22 -42.81 -7.91
CA ALA C 331 10.05 -43.56 -8.40
C ALA C 331 9.23 -42.86 -9.47
N MET C 332 9.11 -41.56 -9.39
CA MET C 332 8.33 -40.79 -10.34
C MET C 332 9.09 -40.45 -11.63
N TYR C 333 10.34 -40.03 -11.50
CA TYR C 333 11.12 -39.59 -12.65
C TYR C 333 12.41 -40.34 -12.92
N GLU C 334 12.66 -41.41 -12.17
CA GLU C 334 13.92 -42.15 -12.25
C GLU C 334 15.05 -41.13 -12.01
N ALA C 335 14.78 -40.17 -11.15
CA ALA C 335 15.75 -39.11 -10.89
C ALA C 335 16.91 -39.60 -10.06
N TYR C 336 18.11 -39.07 -10.32
CA TYR C 336 19.31 -39.42 -9.55
C TYR C 336 19.52 -38.52 -8.30
N HIS C 337 19.74 -39.15 -7.16
CA HIS C 337 20.10 -38.42 -5.94
C HIS C 337 21.41 -39.11 -5.46
N HIS C 338 22.37 -38.36 -4.97
CA HIS C 338 23.57 -38.93 -4.42
C HIS C 338 23.22 -39.64 -3.11
N ILE C 339 23.79 -40.83 -2.89
CA ILE C 339 23.51 -41.60 -1.65
C ILE C 339 24.83 -42.09 -0.99
N ILE C 340 24.94 -42.01 0.33
CA ILE C 340 26.14 -42.50 1.02
C ILE C 340 25.76 -43.23 2.28
N ASN C 341 26.73 -43.96 2.80
CA ASN C 341 26.60 -44.61 4.07
C ASN C 341 27.04 -43.47 5.01
N CYS C 342 26.37 -43.27 6.13
CA CYS C 342 26.81 -42.22 7.05
C CYS C 342 28.13 -42.55 7.74
N LYS C 343 28.57 -43.79 7.59
CA LYS C 343 29.81 -44.22 8.22
C LYS C 343 30.80 -44.67 7.16
N VAL C 344 31.98 -44.04 7.13
CA VAL C 344 33.05 -44.38 6.19
C VAL C 344 33.59 -45.77 6.53
N LYS C 345 33.85 -46.59 5.52
CA LYS C 345 34.37 -47.92 5.80
C LYS C 345 35.61 -48.19 4.94
N ASN C 346 36.38 -49.21 5.30
CA ASN C 346 37.58 -49.51 4.49
C ASN C 346 37.21 -50.15 3.17
N GLU C 347 36.15 -50.93 3.18
CA GLU C 347 35.72 -51.58 1.95
C GLU C 347 34.56 -50.82 1.28
N LYS C 348 34.63 -50.71 -0.04
CA LYS C 348 33.59 -50.06 -0.85
C LYS C 348 32.96 -51.19 -1.67
N GLU C 349 31.64 -51.11 -1.94
CA GLU C 349 31.02 -52.16 -2.76
C GLU C 349 29.92 -51.57 -3.60
N VAL C 350 29.49 -52.31 -4.62
CA VAL C 350 28.46 -51.80 -5.50
C VAL C 350 27.10 -52.41 -5.07
N VAL C 351 26.13 -51.56 -4.78
CA VAL C 351 24.83 -52.07 -4.32
C VAL C 351 23.67 -51.27 -4.91
N SER C 352 22.47 -51.82 -4.78
CA SER C 352 21.27 -51.10 -5.22
C SER C 352 20.51 -50.90 -3.88
N ILE C 353 19.91 -49.73 -3.71
CA ILE C 353 19.26 -49.34 -2.46
C ILE C 353 17.74 -49.23 -2.66
N ALA C 354 16.98 -49.97 -1.87
CA ALA C 354 15.54 -49.92 -2.01
C ALA C 354 14.80 -49.71 -0.71
N GLY C 355 13.56 -49.22 -0.85
CA GLY C 355 12.68 -49.06 0.30
C GLY C 355 11.92 -50.38 0.47
N GLY C 356 10.98 -50.44 1.39
CA GLY C 356 10.25 -51.68 1.60
C GLY C 356 8.86 -51.78 0.96
N LEU C 357 8.55 -50.92 0.02
CA LEU C 357 7.23 -50.95 -0.58
C LEU C 357 7.14 -51.94 -1.72
N CYS C 358 5.91 -52.38 -1.99
CA CYS C 358 5.56 -53.40 -3.02
C CYS C 358 5.89 -53.13 -4.47
N GLU C 359 6.15 -51.89 -4.76
CA GLU C 359 6.40 -51.39 -6.11
C GLU C 359 7.84 -51.64 -6.58
N SER C 360 8.04 -52.15 -7.79
CA SER C 360 9.43 -52.40 -8.18
C SER C 360 10.12 -51.08 -8.42
N SER C 361 9.33 -50.02 -8.58
CA SER C 361 9.87 -48.68 -8.74
C SER C 361 10.32 -48.07 -7.41
N ASP C 362 10.09 -48.76 -6.31
CA ASP C 362 10.55 -48.26 -5.00
C ASP C 362 12.04 -48.63 -4.81
N VAL C 363 12.89 -47.96 -5.59
CA VAL C 363 14.34 -48.18 -5.59
C VAL C 363 14.94 -46.81 -5.65
N PHE C 364 15.80 -46.48 -4.68
CA PHE C 364 16.40 -45.13 -4.68
C PHE C 364 17.60 -45.01 -5.59
N GLY C 365 18.33 -46.11 -5.75
CA GLY C 365 19.46 -46.04 -6.64
C GLY C 365 19.91 -47.43 -7.02
N ARG C 366 20.54 -47.52 -8.19
CA ARG C 366 21.02 -48.79 -8.69
C ARG C 366 22.50 -48.69 -8.98
N ASP C 367 23.23 -49.77 -8.70
CA ASP C 367 24.67 -49.89 -8.96
C ASP C 367 25.46 -48.70 -8.42
N ARG C 368 25.24 -48.38 -7.14
CA ARG C 368 25.91 -47.29 -6.49
C ARG C 368 27.08 -47.85 -5.68
N GLU C 369 28.19 -47.12 -5.72
CA GLU C 369 29.35 -47.55 -4.95
C GLU C 369 29.20 -46.91 -3.58
N LEU C 370 29.09 -47.71 -2.55
CA LEU C 370 28.95 -47.19 -1.19
C LEU C 370 29.96 -47.82 -0.29
N ASP C 371 30.17 -47.13 0.83
CA ASP C 371 31.01 -47.70 1.91
C ASP C 371 30.22 -48.90 2.36
N LYS C 372 30.92 -50.03 2.53
CA LYS C 372 30.36 -51.31 2.90
C LYS C 372 29.13 -51.19 3.81
N VAL C 373 27.99 -51.68 3.30
CA VAL C 373 26.76 -51.56 4.04
C VAL C 373 26.46 -52.73 4.95
N GLU C 374 26.12 -52.41 6.19
CA GLU C 374 25.78 -53.40 7.21
C GLU C 374 24.40 -53.09 7.75
N VAL C 375 23.70 -54.10 8.25
CA VAL C 375 22.40 -53.89 8.91
C VAL C 375 22.67 -52.98 10.11
N GLY C 376 21.81 -51.98 10.37
CA GLY C 376 22.07 -51.09 11.48
C GLY C 376 22.72 -49.79 10.97
N ASP C 377 23.29 -49.82 9.78
CA ASP C 377 23.92 -48.58 9.24
C ASP C 377 22.83 -47.59 8.81
N VAL C 378 23.21 -46.32 8.66
CA VAL C 378 22.25 -45.31 8.20
C VAL C 378 22.74 -44.74 6.88
N LEU C 379 21.85 -44.70 5.89
CA LEU C 379 22.23 -44.11 4.60
C LEU C 379 21.64 -42.72 4.50
N ALA C 380 22.36 -41.82 3.83
CA ALA C 380 21.87 -40.48 3.65
C ALA C 380 21.60 -40.26 2.16
N ILE C 381 20.39 -39.81 1.85
CA ILE C 381 20.03 -39.55 0.45
C ILE C 381 20.07 -38.02 0.37
N PHE C 382 20.90 -37.50 -0.52
CA PHE C 382 21.11 -36.05 -0.63
C PHE C 382 20.07 -35.33 -1.48
N ASP C 383 20.02 -34.03 -1.25
CA ASP C 383 19.25 -33.10 -2.05
C ASP C 383 17.75 -33.41 -2.14
N VAL C 384 17.13 -33.65 -1.00
CA VAL C 384 15.70 -33.95 -0.96
C VAL C 384 14.90 -32.81 -0.30
N GLY C 385 15.48 -31.60 -0.24
CA GLY C 385 14.80 -30.47 0.38
C GLY C 385 13.63 -29.94 -0.43
N ALA C 386 13.64 -30.22 -1.73
CA ALA C 386 12.61 -29.78 -2.68
C ALA C 386 11.88 -31.01 -3.27
N TYR C 387 10.55 -30.95 -3.39
CA TYR C 387 9.79 -32.06 -3.95
C TYR C 387 10.14 -33.37 -3.24
N GLY C 388 10.36 -33.26 -1.93
CA GLY C 388 10.66 -34.38 -1.06
C GLY C 388 9.43 -34.54 -0.15
N ILE C 389 9.41 -33.90 1.01
CA ILE C 389 8.23 -34.06 1.87
C ILE C 389 6.98 -33.50 1.14
N SER C 390 7.16 -32.55 0.21
CA SER C 390 5.97 -31.98 -0.39
C SER C 390 5.18 -32.98 -1.28
N MET C 391 5.80 -34.10 -1.67
CA MET C 391 5.10 -35.11 -2.46
C MET C 391 5.01 -36.41 -1.67
N ALA C 392 5.40 -36.37 -0.39
CA ALA C 392 5.34 -37.59 0.41
C ALA C 392 3.87 -38.02 0.55
N ASN C 393 3.65 -39.28 0.82
CA ASN C 393 2.27 -39.79 0.90
C ASN C 393 2.23 -41.04 1.81
N ASN C 394 1.10 -41.73 1.84
CA ASN C 394 0.98 -42.86 2.74
C ASN C 394 0.90 -44.18 2.01
N TYR C 395 1.34 -44.21 0.75
CA TYR C 395 1.28 -45.45 -0.02
C TYR C 395 1.81 -46.66 0.78
N ASN C 396 1.07 -47.74 0.71
CA ASN C 396 1.38 -48.98 1.45
C ASN C 396 1.05 -48.78 2.97
N ALA C 397 0.11 -47.88 3.29
CA ALA C 397 -0.24 -47.57 4.68
C ALA C 397 0.99 -47.30 5.55
N ARG C 398 1.83 -46.36 5.13
CA ARG C 398 3.04 -45.96 5.89
C ARG C 398 2.91 -44.47 6.28
N GLY C 399 3.15 -44.14 7.53
CA GLY C 399 3.04 -42.72 7.91
C GLY C 399 4.14 -41.87 7.32
N ARG C 400 3.85 -40.59 7.07
CA ARG C 400 4.88 -39.70 6.55
C ARG C 400 5.85 -39.52 7.69
N PRO C 401 7.13 -39.33 7.37
CA PRO C 401 8.16 -39.19 8.41
C PRO C 401 8.31 -37.90 9.16
N ARG C 402 9.08 -38.00 10.23
CA ARG C 402 9.44 -36.83 11.01
C ARG C 402 10.45 -36.06 10.17
N MET C 403 10.61 -34.78 10.51
CA MET C 403 11.56 -33.90 9.87
C MET C 403 12.14 -33.00 10.95
N VAL C 404 13.46 -32.82 10.93
CA VAL C 404 14.07 -31.94 11.93
C VAL C 404 14.82 -30.85 11.19
N LEU C 405 15.02 -29.72 11.87
CA LEU C 405 15.76 -28.59 11.31
C LEU C 405 17.02 -28.46 12.15
N THR C 406 18.18 -28.52 11.51
CA THR C 406 19.44 -28.35 12.21
C THR C 406 19.75 -26.85 12.08
N SER C 407 20.12 -26.24 13.20
CA SER C 407 20.31 -24.81 13.30
C SER C 407 21.44 -24.48 14.24
N LYS C 408 21.97 -23.26 14.15
CA LYS C 408 22.98 -22.84 15.13
C LYS C 408 22.30 -22.84 16.51
N LYS C 409 20.97 -22.63 16.53
CA LYS C 409 20.23 -22.65 17.81
C LYS C 409 19.90 -24.02 18.40
N GLY C 410 20.20 -25.10 17.67
CA GLY C 410 19.95 -26.46 18.19
C GLY C 410 19.28 -27.33 17.11
N VAL C 411 18.73 -28.48 17.46
CA VAL C 411 18.04 -29.31 16.48
C VAL C 411 16.57 -29.33 16.91
N PHE C 412 15.67 -28.99 15.99
CA PHE C 412 14.25 -28.90 16.32
C PHE C 412 13.39 -29.81 15.47
N LEU C 413 12.38 -30.43 16.07
CA LEU C 413 11.50 -31.26 15.29
C LEU C 413 10.51 -30.29 14.62
N ILE C 414 10.50 -30.21 13.30
CA ILE C 414 9.58 -29.33 12.59
C ILE C 414 8.42 -30.07 11.88
N ARG C 415 8.43 -31.40 11.89
CA ARG C 415 7.28 -32.15 11.39
C ARG C 415 7.21 -33.44 12.22
N GLU C 416 6.05 -33.72 12.81
CA GLU C 416 5.92 -34.91 13.61
C GLU C 416 5.55 -36.03 12.64
N ARG C 417 5.83 -37.28 13.03
CA ARG C 417 5.52 -38.40 12.17
C ARG C 417 4.06 -38.84 12.36
N GLU C 418 3.54 -39.60 11.41
CA GLU C 418 2.15 -40.10 11.50
C GLU C 418 2.17 -41.49 12.12
N THR C 419 1.25 -41.75 13.06
CA THR C 419 1.13 -43.03 13.75
C THR C 419 0.13 -43.88 12.98
N TYR C 420 -0.10 -45.11 13.40
CA TYR C 420 -1.12 -45.92 12.73
C TYR C 420 -2.48 -45.29 12.87
N ALA C 421 -2.72 -44.60 13.98
CA ALA C 421 -4.03 -43.96 14.20
C ALA C 421 -4.23 -42.81 13.19
N ASP C 422 -3.13 -42.12 12.84
CA ASP C 422 -3.18 -41.03 11.85
C ASP C 422 -3.57 -41.60 10.50
N LEU C 423 -3.08 -42.80 10.19
CA LEU C 423 -3.41 -43.41 8.89
C LEU C 423 -4.93 -43.53 8.62
N ILE C 424 -5.70 -43.83 9.63
CA ILE C 424 -7.15 -43.99 9.40
C ILE C 424 -7.95 -42.84 10.02
N ALA C 425 -7.27 -41.74 10.34
CA ALA C 425 -7.97 -40.63 11.03
C ALA C 425 -8.98 -39.85 10.17
N LYS C 426 -8.98 -40.08 8.85
CA LYS C 426 -9.99 -39.47 7.98
C LYS C 426 -10.99 -40.53 7.45
N ASP C 427 -10.87 -41.79 7.88
CA ASP C 427 -11.76 -42.81 7.35
C ASP C 427 -12.92 -42.97 8.29
N ILE C 428 -14.10 -43.25 7.74
CA ILE C 428 -15.30 -43.43 8.53
C ILE C 428 -16.02 -44.70 8.10
N VAL C 429 -16.34 -45.58 9.05
CA VAL C 429 -17.00 -46.81 8.68
C VAL C 429 -18.53 -46.59 8.79
N PRO C 430 -19.29 -46.83 7.69
CA PRO C 430 -20.76 -46.63 7.72
C PRO C 430 -21.44 -47.63 8.67
N PRO C 431 -22.71 -47.34 9.03
CA PRO C 431 -23.40 -48.22 9.97
C PRO C 431 -23.43 -49.72 9.65
N HIS C 432 -23.74 -50.09 8.40
CA HIS C 432 -23.84 -51.49 8.06
C HIS C 432 -22.50 -52.23 7.98
N LEU C 433 -21.40 -51.48 8.07
CA LEU C 433 -20.07 -52.10 8.04
C LEU C 433 -19.43 -52.16 9.43
N LEU C 434 -20.13 -51.66 10.45
CA LEU C 434 -19.63 -51.72 11.82
C LEU C 434 -19.65 -53.18 12.24
N MET D 1 -17.90 -49.30 -21.12
CA MET D 1 -18.67 -49.86 -20.02
C MET D 1 -18.09 -51.15 -19.52
N LEU D 2 -17.19 -51.77 -20.29
CA LEU D 2 -16.57 -53.02 -19.87
C LEU D 2 -16.00 -52.89 -18.45
N GLY D 3 -16.47 -53.75 -17.54
CA GLY D 3 -15.99 -53.78 -16.16
C GLY D 3 -16.79 -52.90 -15.18
N ASN D 4 -17.48 -51.88 -15.70
CA ASN D 4 -18.26 -50.97 -14.85
C ASN D 4 -19.69 -51.44 -14.89
N ASP D 5 -19.94 -52.48 -14.11
CA ASP D 5 -21.25 -53.13 -14.07
C ASP D 5 -22.36 -52.41 -13.36
N THR D 6 -22.05 -51.38 -12.60
CA THR D 6 -23.13 -50.79 -11.84
C THR D 6 -23.40 -49.37 -12.18
N VAL D 7 -22.87 -48.90 -13.30
CA VAL D 7 -23.10 -47.53 -13.65
C VAL D 7 -23.92 -47.50 -14.93
N GLU D 8 -24.53 -46.36 -15.24
CA GLU D 8 -25.34 -46.31 -16.47
C GLU D 8 -25.69 -44.87 -16.78
N ILE D 9 -26.19 -44.66 -17.98
CA ILE D 9 -26.68 -43.33 -18.35
C ILE D 9 -28.21 -43.42 -18.23
N LYS D 10 -28.85 -42.66 -17.34
CA LYS D 10 -30.31 -42.66 -17.22
C LYS D 10 -30.75 -41.23 -17.52
N ASP D 11 -31.77 -41.07 -18.37
CA ASP D 11 -32.28 -39.76 -18.78
C ASP D 11 -31.23 -38.66 -18.96
N GLY D 12 -30.23 -39.02 -19.74
CA GLY D 12 -29.16 -38.09 -20.10
C GLY D 12 -28.14 -37.76 -19.04
N ARG D 13 -28.12 -38.48 -17.92
CA ARG D 13 -27.10 -38.22 -16.88
C ARG D 13 -26.49 -39.56 -16.39
N PHE D 14 -25.27 -39.46 -15.85
CA PHE D 14 -24.51 -40.60 -15.36
C PHE D 14 -24.95 -40.98 -13.93
N PHE D 15 -25.12 -42.28 -13.70
CA PHE D 15 -25.53 -42.81 -12.42
C PHE D 15 -24.58 -43.93 -11.98
N ILE D 16 -24.36 -44.02 -10.66
CA ILE D 16 -23.48 -45.04 -10.07
C ILE D 16 -24.34 -45.67 -8.98
N ASP D 17 -24.64 -46.95 -9.14
CA ASP D 17 -25.48 -47.70 -8.18
C ASP D 17 -26.85 -47.04 -8.01
N GLY D 18 -27.31 -46.39 -9.07
CA GLY D 18 -28.63 -45.74 -9.03
C GLY D 18 -28.57 -44.34 -8.45
N TYR D 19 -27.36 -43.83 -8.12
CA TYR D 19 -27.21 -42.47 -7.58
C TYR D 19 -26.70 -41.53 -8.68
N ASP D 20 -27.35 -40.39 -8.82
CA ASP D 20 -27.03 -39.36 -9.82
C ASP D 20 -25.67 -38.77 -9.47
N ALA D 21 -24.71 -38.91 -10.38
CA ALA D 21 -23.35 -38.49 -10.07
C ALA D 21 -23.18 -37.00 -9.85
N ILE D 22 -23.85 -36.19 -10.65
CA ILE D 22 -23.76 -34.76 -10.52
C ILE D 22 -24.31 -34.40 -9.14
N GLU D 23 -25.39 -35.05 -8.74
CA GLU D 23 -25.96 -34.75 -7.43
C GLU D 23 -24.98 -35.20 -6.31
N LEU D 24 -24.22 -36.28 -6.51
CA LEU D 24 -23.24 -36.67 -5.49
C LEU D 24 -22.21 -35.53 -5.42
N ALA D 25 -21.75 -35.03 -6.58
CA ALA D 25 -20.77 -33.93 -6.61
C ALA D 25 -21.28 -32.63 -5.93
N GLU D 26 -22.57 -32.33 -6.13
CA GLU D 26 -23.20 -31.14 -5.53
C GLU D 26 -23.35 -31.33 -4.01
N LYS D 27 -23.79 -32.49 -3.58
CA LYS D 27 -23.96 -32.71 -2.14
C LYS D 27 -22.64 -32.78 -1.31
N PHE D 28 -21.65 -33.50 -1.85
CA PHE D 28 -20.40 -33.76 -1.13
C PHE D 28 -19.22 -32.88 -1.52
N GLY D 29 -19.34 -32.17 -2.63
CA GLY D 29 -18.25 -31.29 -3.09
C GLY D 29 -17.33 -32.10 -3.99
N THR D 30 -16.46 -31.41 -4.74
CA THR D 30 -15.52 -32.05 -5.65
C THR D 30 -14.15 -31.50 -5.27
N PRO D 31 -13.05 -32.23 -5.55
CA PRO D 31 -13.03 -33.54 -6.21
C PRO D 31 -13.64 -34.59 -5.30
N LEU D 32 -14.20 -35.64 -5.87
CA LEU D 32 -14.86 -36.66 -5.02
C LEU D 32 -14.67 -38.09 -5.52
N TYR D 33 -14.11 -38.95 -4.66
CA TYR D 33 -13.98 -40.35 -5.03
C TYR D 33 -15.38 -40.99 -4.70
N VAL D 34 -15.90 -41.81 -5.60
CA VAL D 34 -17.13 -42.55 -5.32
C VAL D 34 -16.76 -44.03 -5.46
N MET D 35 -16.99 -44.84 -4.42
CA MET D 35 -16.69 -46.27 -4.49
C MET D 35 -18.02 -47.04 -4.51
N SER D 36 -18.20 -47.91 -5.52
CA SER D 36 -19.42 -48.74 -5.63
C SER D 36 -19.32 -50.03 -4.81
N GLU D 37 -20.09 -50.15 -3.75
CA GLU D 37 -20.01 -51.37 -2.92
C GLU D 37 -20.47 -52.61 -3.74
N GLU D 38 -21.55 -52.44 -4.51
CA GLU D 38 -22.03 -53.55 -5.32
C GLU D 38 -20.97 -53.97 -6.35
N GLN D 39 -20.22 -53.02 -6.90
CA GLN D 39 -19.20 -53.45 -7.87
C GLN D 39 -18.11 -54.30 -7.17
N ILE D 40 -17.72 -53.88 -5.96
CA ILE D 40 -16.71 -54.68 -5.23
C ILE D 40 -17.26 -56.08 -4.99
N LYS D 41 -18.54 -56.16 -4.58
CA LYS D 41 -19.13 -57.48 -4.32
C LYS D 41 -19.10 -58.35 -5.60
N ILE D 42 -19.44 -57.73 -6.72
CA ILE D 42 -19.42 -58.42 -8.02
C ILE D 42 -18.01 -58.94 -8.38
N ASN D 43 -17.00 -58.09 -8.16
CA ASN D 43 -15.64 -58.47 -8.49
C ASN D 43 -15.16 -59.60 -7.61
N TYR D 44 -15.49 -59.53 -6.32
CA TYR D 44 -15.08 -60.58 -5.40
C TYR D 44 -15.82 -61.92 -5.79
N ASN D 45 -17.12 -61.83 -5.99
CA ASN D 45 -17.91 -62.99 -6.36
C ASN D 45 -17.39 -63.62 -7.63
N ARG D 46 -16.91 -62.84 -8.59
CA ARG D 46 -16.36 -63.45 -9.80
C ARG D 46 -15.16 -64.36 -9.44
N TYR D 47 -14.33 -63.95 -8.47
CA TYR D 47 -13.21 -64.81 -8.07
C TYR D 47 -13.73 -66.06 -7.35
N ILE D 48 -14.61 -65.87 -6.39
CA ILE D 48 -15.11 -67.03 -5.63
C ILE D 48 -15.75 -68.02 -6.59
N GLU D 49 -16.55 -67.55 -7.53
CA GLU D 49 -17.19 -68.48 -8.44
C GLU D 49 -16.26 -69.16 -9.41
N ALA D 50 -15.26 -68.44 -9.87
CA ALA D 50 -14.34 -69.04 -10.81
C ALA D 50 -13.41 -70.05 -10.13
N PHE D 51 -13.09 -69.84 -8.87
CA PHE D 51 -12.16 -70.74 -8.23
C PHE D 51 -12.83 -71.75 -7.32
N LYS D 52 -14.15 -71.72 -7.29
CA LYS D 52 -14.89 -72.68 -6.49
C LYS D 52 -14.49 -74.10 -6.95
N ARG D 53 -14.21 -74.25 -8.25
CA ARG D 53 -13.78 -75.57 -8.79
C ARG D 53 -12.61 -76.13 -8.00
N TRP D 54 -11.70 -75.25 -7.57
CA TRP D 54 -10.56 -75.71 -6.79
C TRP D 54 -10.96 -76.46 -5.52
N GLU D 55 -11.85 -75.84 -4.75
CA GLU D 55 -12.28 -76.43 -3.48
C GLU D 55 -13.08 -77.72 -3.77
N GLU D 56 -13.90 -77.73 -4.82
CA GLU D 56 -14.67 -78.96 -5.12
C GLU D 56 -13.80 -80.11 -5.61
N GLU D 57 -12.86 -79.82 -6.50
CA GLU D 57 -12.02 -80.89 -7.01
C GLU D 57 -10.94 -81.39 -6.08
N THR D 58 -10.40 -80.53 -5.23
CA THR D 58 -9.31 -80.98 -4.38
C THR D 58 -9.75 -81.07 -2.94
N GLY D 59 -10.85 -80.41 -2.56
CA GLY D 59 -11.25 -80.49 -1.15
C GLY D 59 -10.48 -79.45 -0.31
N LYS D 60 -9.46 -78.82 -0.90
CA LYS D 60 -8.66 -77.80 -0.15
C LYS D 60 -9.35 -76.44 -0.19
N GLU D 61 -8.71 -75.43 0.43
CA GLU D 61 -9.30 -74.08 0.42
C GLU D 61 -8.81 -73.18 -0.70
N PHE D 62 -9.68 -72.28 -1.13
CA PHE D 62 -9.27 -71.24 -2.08
C PHE D 62 -9.44 -69.95 -1.23
N ILE D 63 -8.36 -69.17 -1.13
CA ILE D 63 -8.38 -67.94 -0.33
C ILE D 63 -8.02 -66.71 -1.10
N VAL D 64 -8.88 -65.70 -1.00
CA VAL D 64 -8.58 -64.43 -1.65
C VAL D 64 -7.97 -63.54 -0.57
N ALA D 65 -6.71 -63.15 -0.73
CA ALA D 65 -6.07 -62.22 0.21
C ALA D 65 -6.00 -60.89 -0.55
N TYR D 66 -7.01 -60.04 -0.35
CA TYR D 66 -7.10 -58.78 -1.03
C TYR D 66 -5.82 -57.95 -0.78
N ALA D 67 -5.20 -57.43 -1.83
CA ALA D 67 -3.96 -56.67 -1.63
C ALA D 67 -4.30 -55.25 -1.18
N TYR D 68 -4.11 -55.02 0.13
CA TYR D 68 -4.40 -53.72 0.77
C TYR D 68 -3.71 -52.52 0.11
N LYS D 69 -2.57 -52.75 -0.56
CA LYS D 69 -1.85 -51.63 -1.16
C LYS D 69 -2.76 -50.97 -2.16
N ALA D 70 -3.70 -51.73 -2.69
CA ALA D 70 -4.59 -51.12 -3.71
C ALA D 70 -5.56 -50.06 -3.12
N ASN D 71 -5.98 -50.24 -1.86
CA ASN D 71 -6.94 -49.31 -1.22
C ASN D 71 -7.18 -49.88 0.18
N ALA D 72 -6.69 -49.19 1.21
CA ALA D 72 -6.90 -49.69 2.57
C ALA D 72 -7.79 -48.76 3.38
N ASN D 73 -8.65 -48.02 2.71
CA ASN D 73 -9.63 -47.16 3.42
C ASN D 73 -10.40 -48.14 4.37
N LEU D 74 -10.63 -47.73 5.63
CA LEU D 74 -11.22 -48.61 6.63
C LEU D 74 -12.60 -49.15 6.33
N ALA D 75 -13.42 -48.35 5.62
CA ALA D 75 -14.77 -48.84 5.27
C ALA D 75 -14.58 -49.91 4.19
N ILE D 76 -13.67 -49.65 3.25
CA ILE D 76 -13.45 -50.62 2.19
C ILE D 76 -12.90 -51.96 2.73
N THR D 77 -11.95 -51.89 3.68
CA THR D 77 -11.38 -53.15 4.19
C THR D 77 -12.43 -53.89 5.06
N ARG D 78 -13.27 -53.14 5.77
CA ARG D 78 -14.32 -53.79 6.59
C ARG D 78 -15.34 -54.43 5.69
N LEU D 79 -15.63 -53.81 4.53
CA LEU D 79 -16.59 -54.40 3.58
C LEU D 79 -16.01 -55.77 3.11
N LEU D 80 -14.75 -55.76 2.64
CA LEU D 80 -14.16 -56.99 2.13
C LEU D 80 -14.05 -58.07 3.22
N ALA D 81 -13.72 -57.65 4.44
CA ALA D 81 -13.64 -58.55 5.59
C ALA D 81 -15.01 -59.19 5.80
N LYS D 82 -16.07 -58.39 5.76
CA LYS D 82 -17.41 -58.93 5.93
C LYS D 82 -17.85 -59.89 4.79
N LEU D 83 -17.27 -59.77 3.58
CA LEU D 83 -17.62 -60.72 2.52
C LEU D 83 -16.86 -62.04 2.68
N GLY D 84 -15.92 -62.10 3.63
CA GLY D 84 -15.16 -63.33 3.87
C GLY D 84 -13.79 -63.32 3.21
N CYS D 85 -13.42 -62.16 2.68
CA CYS D 85 -12.13 -62.00 2.02
C CYS D 85 -10.96 -61.94 3.01
N GLY D 86 -9.78 -62.43 2.62
CA GLY D 86 -8.63 -62.34 3.50
C GLY D 86 -7.85 -61.07 3.16
N ALA D 87 -6.61 -61.00 3.63
CA ALA D 87 -5.77 -59.81 3.39
C ALA D 87 -4.27 -60.11 3.11
N ASP D 88 -3.73 -59.48 2.05
CA ASP D 88 -2.30 -59.53 1.72
C ASP D 88 -1.86 -58.10 2.25
N VAL D 89 -1.11 -58.06 3.35
CA VAL D 89 -0.69 -56.79 3.89
C VAL D 89 0.82 -56.62 3.66
N VAL D 90 1.28 -55.38 3.49
CA VAL D 90 2.70 -55.25 3.20
C VAL D 90 3.43 -54.30 4.16
N SER D 91 2.76 -53.96 5.26
CA SER D 91 3.41 -53.12 6.26
C SER D 91 2.66 -53.28 7.58
N GLY D 92 3.28 -52.83 8.68
CA GLY D 92 2.59 -52.89 9.97
C GLY D 92 1.31 -52.08 9.90
N GLY D 93 1.35 -50.95 9.20
CA GLY D 93 0.12 -50.17 9.08
C GLY D 93 -1.03 -50.94 8.40
N GLU D 94 -0.74 -51.67 7.34
CA GLU D 94 -1.81 -52.44 6.70
C GLU D 94 -2.27 -53.59 7.62
N LEU D 95 -1.36 -54.18 8.36
CA LEU D 95 -1.73 -55.29 9.24
C LEU D 95 -2.64 -54.72 10.35
N TYR D 96 -2.31 -53.52 10.80
CA TYR D 96 -3.11 -52.85 11.84
C TYR D 96 -4.55 -52.64 11.31
N ILE D 97 -4.64 -52.15 10.08
CA ILE D 97 -5.97 -51.95 9.52
C ILE D 97 -6.70 -53.31 9.34
N ALA D 98 -5.97 -54.32 8.90
CA ALA D 98 -6.64 -55.60 8.69
C ALA D 98 -7.22 -56.14 10.00
N LYS D 99 -6.44 -56.04 11.09
CA LYS D 99 -6.94 -56.47 12.40
C LYS D 99 -8.11 -55.58 12.87
N LEU D 100 -8.02 -54.27 12.70
CA LEU D 100 -9.14 -53.41 13.10
C LEU D 100 -10.34 -53.67 12.17
N SER D 101 -10.11 -54.30 11.02
CA SER D 101 -11.22 -54.58 10.11
C SER D 101 -11.86 -55.97 10.42
N ASN D 102 -11.28 -56.68 11.38
CA ASN D 102 -11.74 -58.01 11.79
C ASN D 102 -11.47 -59.14 10.80
N VAL D 103 -10.43 -59.01 9.96
CA VAL D 103 -10.05 -60.08 9.04
C VAL D 103 -9.47 -61.18 9.95
N PRO D 104 -9.97 -62.40 9.83
CA PRO D 104 -9.44 -63.48 10.69
C PRO D 104 -7.93 -63.64 10.41
N SER D 105 -7.12 -63.83 11.43
CA SER D 105 -5.69 -63.96 11.27
C SER D 105 -5.27 -65.04 10.30
N LYS D 106 -5.99 -66.13 10.27
CA LYS D 106 -5.65 -67.21 9.36
C LYS D 106 -5.86 -66.90 7.87
N LYS D 107 -6.42 -65.74 7.56
CA LYS D 107 -6.58 -65.36 6.17
C LYS D 107 -5.69 -64.11 5.90
N ILE D 108 -4.70 -63.86 6.77
CA ILE D 108 -3.81 -62.71 6.55
C ILE D 108 -2.41 -63.18 6.18
N VAL D 109 -1.85 -62.70 5.08
CA VAL D 109 -0.46 -63.10 4.76
C VAL D 109 0.28 -61.76 4.68
N PHE D 110 1.55 -61.76 5.07
CA PHE D 110 2.35 -60.53 5.15
C PHE D 110 3.53 -60.58 4.15
N ASN D 111 3.46 -59.72 3.14
CA ASN D 111 4.48 -59.56 2.10
C ASN D 111 5.40 -58.35 2.41
N GLY D 112 6.59 -58.32 1.81
CA GLY D 112 7.42 -57.14 1.97
C GLY D 112 8.89 -57.49 1.94
N ASN D 113 9.70 -56.68 1.25
CA ASN D 113 11.15 -56.96 1.15
C ASN D 113 11.95 -56.26 2.27
N CYS D 114 11.29 -55.44 3.11
CA CYS D 114 12.01 -54.80 4.21
C CYS D 114 11.17 -54.84 5.52
N LYS D 115 10.80 -56.04 5.94
CA LYS D 115 10.01 -56.19 7.15
C LYS D 115 10.91 -55.88 8.36
N THR D 116 10.45 -55.01 9.25
CA THR D 116 11.28 -54.62 10.40
C THR D 116 10.91 -55.47 11.58
N LYS D 117 11.76 -55.44 12.59
CA LYS D 117 11.47 -56.24 13.76
C LYS D 117 10.11 -55.86 14.41
N GLU D 118 9.81 -54.57 14.43
CA GLU D 118 8.53 -54.12 15.01
C GLU D 118 7.36 -54.74 14.24
N GLU D 119 7.47 -54.80 12.91
CA GLU D 119 6.39 -55.38 12.12
C GLU D 119 6.29 -56.91 12.35
N ILE D 120 7.44 -57.57 12.53
CA ILE D 120 7.45 -59.01 12.74
C ILE D 120 6.82 -59.34 14.10
N ILE D 121 7.13 -58.58 15.14
CA ILE D 121 6.50 -58.77 16.46
C ILE D 121 5.01 -58.61 16.26
N MET D 122 4.61 -57.59 15.51
CA MET D 122 3.17 -57.40 15.34
C MET D 122 2.53 -58.62 14.63
N GLY D 123 3.17 -59.11 13.58
CA GLY D 123 2.61 -60.26 12.87
C GLY D 123 2.59 -61.55 13.71
N ILE D 124 3.64 -61.80 14.52
CA ILE D 124 3.63 -63.00 15.37
C ILE D 124 2.54 -62.88 16.43
N GLU D 125 2.41 -61.71 17.07
CA GLU D 125 1.39 -61.54 18.09
C GLU D 125 0.00 -61.71 17.52
N ALA D 126 -0.20 -61.25 16.27
CA ALA D 126 -1.49 -61.37 15.60
C ALA D 126 -1.72 -62.78 15.07
N ASN D 127 -0.68 -63.61 15.09
CA ASN D 127 -0.81 -65.00 14.64
C ASN D 127 -1.29 -65.16 13.19
N ILE D 128 -0.68 -64.37 12.32
CA ILE D 128 -1.05 -64.42 10.93
C ILE D 128 -0.74 -65.80 10.32
N ARG D 129 -1.43 -66.08 9.23
CA ARG D 129 -1.30 -67.30 8.48
C ARG D 129 0.13 -67.50 8.05
N ALA D 130 0.75 -66.41 7.59
CA ALA D 130 2.14 -66.50 7.17
C ALA D 130 2.85 -65.19 6.82
N PHE D 131 4.17 -65.15 7.09
CA PHE D 131 5.00 -64.09 6.57
C PHE D 131 5.44 -64.66 5.22
N ASN D 132 5.29 -63.92 4.11
CA ASN D 132 5.78 -64.44 2.83
C ASN D 132 7.23 -63.90 2.82
N VAL D 133 8.17 -64.75 3.25
CA VAL D 133 9.60 -64.38 3.41
C VAL D 133 10.25 -63.99 2.11
N ASP D 134 10.90 -62.83 2.12
CA ASP D 134 11.49 -62.29 0.91
C ASP D 134 13.02 -62.58 0.77
N SER D 135 13.68 -62.77 1.91
CA SER D 135 15.11 -62.93 1.96
C SER D 135 15.53 -63.84 3.12
N ILE D 136 16.75 -64.34 3.05
CA ILE D 136 17.27 -65.15 4.16
C ILE D 136 17.44 -64.24 5.38
N SER D 137 17.85 -62.99 5.13
CA SER D 137 17.96 -62.04 6.23
C SER D 137 16.63 -61.97 7.01
N GLU D 138 15.53 -61.83 6.30
CA GLU D 138 14.25 -61.76 6.97
C GLU D 138 13.93 -63.05 7.78
N LEU D 139 14.16 -64.22 7.16
CA LEU D 139 13.92 -65.49 7.82
C LEU D 139 14.63 -65.52 9.18
N ILE D 140 15.92 -65.14 9.19
CA ILE D 140 16.72 -65.14 10.42
C ILE D 140 16.10 -64.22 11.44
N LEU D 141 15.70 -63.01 11.02
CA LEU D 141 15.07 -62.07 11.97
C LEU D 141 13.74 -62.62 12.54
N ILE D 142 12.92 -63.23 11.67
CA ILE D 142 11.64 -63.80 12.13
C ILE D 142 11.91 -64.90 13.17
N ASN D 143 12.87 -65.75 12.90
CA ASN D 143 13.18 -66.84 13.83
C ASN D 143 13.59 -66.28 15.20
N GLU D 144 14.51 -65.31 15.20
CA GLU D 144 14.99 -64.75 16.45
C GLU D 144 13.90 -64.01 17.24
N THR D 145 13.03 -63.33 16.51
CA THR D 145 11.99 -62.56 17.15
C THR D 145 11.01 -63.55 17.76
N ALA D 146 10.70 -64.60 17.02
CA ALA D 146 9.79 -65.68 17.48
C ALA D 146 10.35 -66.27 18.78
N LYS D 147 11.64 -66.55 18.78
CA LYS D 147 12.26 -67.10 19.97
C LYS D 147 12.09 -66.13 21.15
N GLU D 148 12.42 -64.86 20.90
CA GLU D 148 12.31 -63.87 21.97
C GLU D 148 10.88 -63.73 22.49
N LEU D 149 9.90 -63.97 21.63
CA LEU D 149 8.52 -63.85 22.07
C LEU D 149 7.98 -65.14 22.66
N GLY D 150 8.77 -66.19 22.60
CA GLY D 150 8.30 -67.46 23.12
C GLY D 150 7.18 -68.01 22.23
N GLU D 151 7.31 -67.80 20.92
CA GLU D 151 6.31 -68.27 19.97
C GLU D 151 6.97 -68.93 18.78
N THR D 152 6.14 -69.34 17.83
CA THR D 152 6.62 -69.96 16.62
C THR D 152 5.96 -69.22 15.45
N ALA D 153 6.73 -68.68 14.51
CA ALA D 153 6.07 -67.99 13.40
C ALA D 153 5.82 -68.86 12.18
N ASN D 154 4.72 -68.63 11.49
CA ASN D 154 4.46 -69.35 10.25
C ASN D 154 5.15 -68.63 9.10
N VAL D 155 5.96 -69.36 8.30
CA VAL D 155 6.62 -68.76 7.17
C VAL D 155 6.37 -69.47 5.83
N ALA D 156 6.11 -68.66 4.81
CA ALA D 156 5.96 -69.15 3.45
C ALA D 156 7.18 -68.45 2.80
N PHE D 157 7.47 -68.77 1.56
CA PHE D 157 8.63 -68.22 0.88
C PHE D 157 8.30 -67.65 -0.47
N ARG D 158 8.59 -66.35 -0.63
CA ARG D 158 8.33 -65.71 -1.89
C ARG D 158 9.49 -66.11 -2.80
N ILE D 159 9.17 -66.83 -3.87
CA ILE D 159 10.19 -67.27 -4.81
C ILE D 159 10.09 -66.62 -6.20
N ASN D 160 11.24 -66.63 -6.89
CA ASN D 160 11.39 -66.17 -8.29
C ASN D 160 11.62 -67.46 -9.05
N PRO D 161 10.55 -67.99 -9.63
CA PRO D 161 10.57 -69.22 -10.40
C PRO D 161 11.38 -69.03 -11.67
N ASN D 162 11.91 -70.19 -12.11
CA ASN D 162 12.75 -70.26 -13.29
C ASN D 162 11.93 -70.11 -14.59
N VAL D 163 11.37 -68.92 -14.79
CA VAL D 163 10.55 -68.65 -15.96
C VAL D 163 11.41 -68.68 -17.22
N ASN D 164 10.85 -69.21 -18.31
CA ASN D 164 11.57 -69.29 -19.56
C ASN D 164 11.79 -67.88 -20.12
N PRO D 165 13.04 -67.40 -20.14
CA PRO D 165 13.32 -66.04 -20.66
C PRO D 165 13.08 -65.89 -22.17
N LYS D 166 13.07 -66.99 -22.92
CA LYS D 166 12.84 -66.94 -24.37
C LYS D 166 11.38 -66.83 -24.75
N THR D 167 10.49 -67.26 -23.84
CA THR D 167 9.06 -67.17 -24.10
C THR D 167 8.40 -66.06 -23.24
N HIS D 168 8.98 -65.75 -22.08
CA HIS D 168 8.42 -64.68 -21.24
C HIS D 168 9.55 -63.77 -20.74
N PRO D 169 10.20 -63.04 -21.67
CA PRO D 169 11.32 -62.12 -21.34
C PRO D 169 10.90 -61.00 -20.35
N LYS D 170 9.71 -60.43 -20.51
CA LYS D 170 9.32 -59.38 -19.57
C LYS D 170 9.13 -59.94 -18.16
N ILE D 171 8.55 -61.13 -18.06
CA ILE D 171 8.33 -61.70 -16.76
C ILE D 171 9.59 -62.14 -16.09
N SER D 172 10.43 -62.79 -16.87
CA SER D 172 11.71 -63.30 -16.46
C SER D 172 12.68 -62.17 -16.01
N THR D 173 12.64 -61.04 -16.72
CA THR D 173 13.52 -59.92 -16.42
C THR D 173 13.17 -59.33 -15.03
N GLY D 174 11.89 -59.13 -14.78
CA GLY D 174 11.53 -58.58 -13.49
C GLY D 174 11.93 -59.52 -12.36
N LEU D 175 11.60 -60.79 -12.51
CA LEU D 175 11.94 -61.73 -11.45
C LEU D 175 13.44 -61.77 -11.12
N LYS D 176 14.28 -61.45 -12.09
CA LYS D 176 15.71 -61.52 -11.80
C LYS D 176 16.35 -60.24 -11.32
N LYS D 177 16.02 -59.12 -11.93
CA LYS D 177 16.61 -57.84 -11.57
C LYS D 177 15.82 -57.07 -10.52
N ASN D 178 14.57 -57.47 -10.24
CA ASN D 178 13.81 -56.73 -9.23
C ASN D 178 14.28 -57.10 -7.82
N LYS D 179 13.85 -56.34 -6.83
CA LYS D 179 14.34 -56.54 -5.45
C LYS D 179 13.66 -57.66 -4.66
N PHE D 180 12.58 -58.23 -5.19
CA PHE D 180 11.76 -59.21 -4.47
C PHE D 180 12.09 -60.71 -4.60
N GLY D 181 11.77 -61.46 -3.54
CA GLY D 181 11.89 -62.90 -3.63
C GLY D 181 13.24 -63.60 -3.60
N LEU D 182 13.18 -64.92 -3.45
CA LEU D 182 14.33 -65.84 -3.35
C LEU D 182 14.51 -66.54 -4.71
N ASP D 183 15.69 -66.34 -5.30
CA ASP D 183 15.95 -66.88 -6.62
C ASP D 183 15.91 -68.41 -6.64
N VAL D 184 15.09 -69.02 -7.51
CA VAL D 184 15.04 -70.47 -7.54
C VAL D 184 16.26 -71.12 -8.25
N GLU D 185 16.49 -70.68 -9.47
CA GLU D 185 17.56 -71.24 -10.32
C GLU D 185 18.92 -71.42 -9.66
N SER D 186 19.38 -70.38 -8.96
CA SER D 186 20.68 -70.40 -8.26
C SER D 186 20.69 -71.23 -7.01
N GLY D 187 19.53 -71.65 -6.53
CA GLY D 187 19.50 -72.47 -5.32
C GLY D 187 19.20 -71.71 -4.04
N ILE D 188 19.08 -70.39 -4.13
CA ILE D 188 18.80 -69.59 -2.94
C ILE D 188 17.45 -69.99 -2.29
N ALA D 189 16.43 -70.20 -3.11
CA ALA D 189 15.14 -70.52 -2.52
C ALA D 189 15.19 -71.83 -1.74
N MET D 190 15.76 -72.86 -2.36
CA MET D 190 15.84 -74.15 -1.65
C MET D 190 16.71 -74.01 -0.38
N LYS D 191 17.77 -73.20 -0.45
CA LYS D 191 18.64 -72.97 0.74
C LYS D 191 17.83 -72.32 1.88
N ALA D 192 17.06 -71.30 1.55
CA ALA D 192 16.29 -70.64 2.57
C ALA D 192 15.32 -71.61 3.23
N ILE D 193 14.64 -72.40 2.42
CA ILE D 193 13.66 -73.28 3.02
C ILE D 193 14.31 -74.38 3.88
N LYS D 194 15.45 -74.91 3.44
CA LYS D 194 16.12 -75.93 4.25
C LYS D 194 16.62 -75.29 5.54
N MET D 195 17.07 -74.03 5.50
CA MET D 195 17.48 -73.35 6.73
C MET D 195 16.27 -73.22 7.67
N ALA D 196 15.10 -72.91 7.12
CA ALA D 196 13.93 -72.75 7.98
C ALA D 196 13.53 -74.06 8.66
N LEU D 197 13.63 -75.15 7.93
CA LEU D 197 13.27 -76.45 8.49
C LEU D 197 14.18 -76.78 9.68
N GLU D 198 15.43 -76.31 9.65
CA GLU D 198 16.37 -76.52 10.75
C GLU D 198 16.20 -75.53 11.89
N MET D 199 15.50 -74.42 11.69
CA MET D 199 15.27 -73.47 12.78
C MET D 199 14.18 -73.94 13.69
N GLU D 200 14.25 -73.57 14.96
CA GLU D 200 13.24 -74.07 15.88
C GLU D 200 12.01 -73.23 16.07
N TYR D 201 12.06 -71.96 15.70
CA TYR D 201 10.91 -71.12 15.98
C TYR D 201 10.05 -70.70 14.81
N VAL D 202 10.22 -71.36 13.66
CA VAL D 202 9.40 -71.08 12.48
C VAL D 202 8.76 -72.39 11.97
N ASN D 203 7.66 -72.25 11.28
CA ASN D 203 6.91 -73.39 10.75
C ASN D 203 6.74 -73.12 9.25
N VAL D 204 7.24 -74.03 8.40
CA VAL D 204 7.14 -73.81 6.96
C VAL D 204 5.75 -74.20 6.45
N VAL D 205 4.99 -73.25 5.90
CA VAL D 205 3.65 -73.53 5.39
C VAL D 205 3.36 -73.31 3.89
N GLY D 206 4.24 -72.61 3.14
CA GLY D 206 3.91 -72.39 1.74
C GLY D 206 4.94 -71.75 0.87
N VAL D 207 4.61 -71.60 -0.42
CA VAL D 207 5.47 -70.91 -1.35
C VAL D 207 4.56 -69.83 -1.94
N HIS D 208 5.17 -68.70 -2.28
CA HIS D 208 4.44 -67.55 -2.80
C HIS D 208 5.16 -67.01 -4.02
N CYS D 209 4.41 -66.40 -4.93
CA CYS D 209 5.03 -65.79 -6.10
C CYS D 209 4.14 -64.66 -6.58
N HIS D 210 4.73 -63.54 -6.98
CA HIS D 210 3.91 -62.47 -7.50
C HIS D 210 4.71 -61.93 -8.68
N ILE D 211 4.16 -62.01 -9.89
CA ILE D 211 4.95 -61.64 -11.07
C ILE D 211 4.83 -60.28 -11.70
N GLY D 212 3.79 -59.54 -11.36
CA GLY D 212 3.64 -58.21 -11.94
C GLY D 212 2.21 -57.72 -11.77
N SER D 213 1.88 -56.58 -12.36
CA SER D 213 0.56 -56.01 -12.20
C SER D 213 -0.03 -55.61 -13.55
N GLN D 214 -1.35 -55.49 -13.61
CA GLN D 214 -2.07 -55.17 -14.85
C GLN D 214 -1.65 -56.07 -16.05
N LEU D 215 -1.62 -57.38 -15.82
CA LEU D 215 -1.31 -58.33 -16.86
C LEU D 215 -2.61 -58.68 -17.56
N THR D 216 -2.70 -58.47 -18.87
CA THR D 216 -3.95 -58.80 -19.59
C THR D 216 -3.74 -59.95 -20.59
N ASP D 217 -2.82 -60.85 -20.26
CA ASP D 217 -2.56 -62.03 -21.06
C ASP D 217 -2.50 -63.20 -20.06
N ILE D 218 -3.16 -64.32 -20.36
CA ILE D 218 -3.13 -65.44 -19.41
C ILE D 218 -1.75 -66.16 -19.44
N SER D 219 -1.03 -66.00 -20.54
CA SER D 219 0.23 -66.68 -20.69
C SER D 219 1.27 -66.62 -19.56
N PRO D 220 1.56 -65.42 -19.04
CA PRO D 220 2.55 -65.32 -17.97
C PRO D 220 2.10 -66.03 -16.69
N PHE D 221 0.79 -66.11 -16.50
CA PHE D 221 0.25 -66.78 -15.29
C PHE D 221 0.41 -68.32 -15.44
N ILE D 222 0.25 -68.82 -16.67
CA ILE D 222 0.44 -70.27 -16.86
C ILE D 222 1.92 -70.58 -16.58
N GLU D 223 2.79 -69.75 -17.09
CA GLU D 223 4.21 -69.94 -16.88
C GLU D 223 4.58 -69.87 -15.40
N GLU D 224 4.05 -68.87 -14.70
CA GLU D 224 4.30 -68.73 -13.26
C GLU D 224 3.84 -69.98 -12.50
N THR D 225 2.62 -70.42 -12.81
CA THR D 225 2.07 -71.57 -12.12
C THR D 225 2.92 -72.85 -12.34
N ARG D 226 3.31 -73.04 -13.60
CA ARG D 226 4.12 -74.22 -13.93
C ARG D 226 5.47 -74.19 -13.21
N LYS D 227 6.16 -73.04 -13.20
CA LYS D 227 7.46 -72.93 -12.55
C LYS D 227 7.37 -72.97 -11.04
N VAL D 228 6.27 -72.45 -10.47
CA VAL D 228 6.07 -72.57 -9.03
C VAL D 228 5.84 -74.07 -8.74
N MET D 229 4.90 -74.69 -9.44
CA MET D 229 4.64 -76.11 -9.16
C MET D 229 5.91 -76.99 -9.45
N ASP D 230 6.73 -76.67 -10.47
CA ASP D 230 7.96 -77.46 -10.65
C ASP D 230 8.82 -77.38 -9.39
N PHE D 231 8.80 -76.21 -8.75
CA PHE D 231 9.60 -76.02 -7.53
C PHE D 231 9.02 -76.80 -6.33
N VAL D 232 7.69 -76.89 -6.27
CA VAL D 232 7.01 -77.62 -5.23
C VAL D 232 7.42 -79.12 -5.44
N VAL D 233 7.51 -79.56 -6.68
CA VAL D 233 7.94 -80.97 -6.94
C VAL D 233 9.37 -81.16 -6.41
N GLU D 234 10.23 -80.19 -6.72
CA GLU D 234 11.62 -80.29 -6.25
C GLU D 234 11.68 -80.37 -4.74
N LEU D 235 10.86 -79.55 -4.07
CA LEU D 235 10.84 -79.63 -2.60
C LEU D 235 10.33 -81.01 -2.20
N LYS D 236 9.34 -81.53 -2.90
CA LYS D 236 8.83 -82.88 -2.52
C LYS D 236 10.00 -83.89 -2.67
N GLU D 237 10.78 -83.77 -3.73
CA GLU D 237 11.90 -84.70 -3.88
C GLU D 237 12.81 -84.62 -2.65
N GLU D 238 12.85 -83.45 -2.00
CA GLU D 238 13.71 -83.32 -0.83
C GLU D 238 13.04 -83.70 0.45
N GLY D 239 11.81 -84.23 0.37
CA GLY D 239 11.09 -84.64 1.56
C GLY D 239 10.33 -83.50 2.22
N ILE D 240 10.18 -82.37 1.52
CA ILE D 240 9.51 -81.17 2.06
C ILE D 240 8.10 -81.00 1.43
N GLU D 241 7.05 -80.94 2.25
CA GLU D 241 5.73 -80.80 1.69
C GLU D 241 5.25 -79.37 1.91
N ILE D 242 4.40 -78.91 0.99
CA ILE D 242 3.91 -77.52 1.00
C ILE D 242 2.40 -77.44 1.22
N GLU D 243 1.93 -76.81 2.32
CA GLU D 243 0.50 -76.68 2.59
C GLU D 243 -0.28 -75.71 1.70
N ASP D 244 0.33 -74.55 1.41
CA ASP D 244 -0.28 -73.45 0.64
C ASP D 244 0.57 -73.03 -0.56
N VAL D 245 -0.06 -72.76 -1.69
CA VAL D 245 0.64 -72.20 -2.83
C VAL D 245 -0.10 -70.90 -3.05
N ASN D 246 0.65 -69.80 -3.02
CA ASN D 246 0.03 -68.46 -3.18
C ASN D 246 0.60 -67.90 -4.49
N LEU D 247 -0.23 -67.68 -5.51
CA LEU D 247 0.27 -67.21 -6.78
C LEU D 247 0.19 -65.68 -6.98
N GLY D 248 -0.05 -64.94 -5.92
CA GLY D 248 -0.02 -63.49 -6.03
C GLY D 248 -1.19 -62.85 -6.74
N GLY D 249 -0.97 -61.61 -7.14
CA GLY D 249 -2.04 -60.88 -7.81
C GLY D 249 -1.66 -60.56 -9.25
N GLY D 250 -2.14 -59.45 -9.79
CA GLY D 250 -1.72 -59.04 -11.13
C GLY D 250 -2.72 -59.09 -12.26
N LEU D 251 -3.90 -59.73 -12.10
CA LEU D 251 -4.86 -59.80 -13.22
C LEU D 251 -5.24 -58.36 -13.60
N GLY D 252 -5.17 -58.05 -14.89
CA GLY D 252 -5.46 -56.71 -15.35
C GLY D 252 -6.95 -56.44 -15.43
N ILE D 253 -7.30 -55.14 -15.40
CA ILE D 253 -8.67 -54.72 -15.48
C ILE D 253 -8.79 -53.93 -16.79
N PRO D 254 -10.02 -53.80 -17.30
CA PRO D 254 -10.28 -53.09 -18.55
C PRO D 254 -10.27 -51.56 -18.52
N TYR D 255 -9.09 -50.95 -18.41
CA TYR D 255 -8.98 -49.48 -18.42
C TYR D 255 -9.46 -49.00 -19.82
N TYR D 256 -9.07 -49.73 -20.84
CA TYR D 256 -9.50 -49.47 -22.23
C TYR D 256 -10.82 -50.24 -22.37
N LYS D 257 -11.84 -49.60 -22.92
CA LYS D 257 -13.15 -50.20 -23.01
C LYS D 257 -13.50 -50.89 -24.37
N ASP D 258 -12.56 -50.90 -25.31
CA ASP D 258 -12.77 -51.44 -26.65
C ASP D 258 -12.20 -52.85 -26.88
N LYS D 259 -11.61 -53.44 -25.87
CA LYS D 259 -11.00 -54.75 -26.07
C LYS D 259 -11.35 -55.64 -24.91
N GLN D 260 -11.69 -56.88 -25.22
CA GLN D 260 -12.02 -57.88 -24.21
C GLN D 260 -10.69 -58.42 -23.67
N ILE D 261 -10.64 -58.68 -22.38
CA ILE D 261 -9.39 -59.17 -21.81
C ILE D 261 -9.78 -60.35 -20.94
N PRO D 262 -8.81 -61.14 -20.49
CA PRO D 262 -9.03 -62.33 -19.63
C PRO D 262 -9.79 -62.01 -18.35
N THR D 263 -10.65 -62.93 -17.92
CA THR D 263 -11.50 -62.69 -16.72
C THR D 263 -11.01 -63.62 -15.61
N GLN D 264 -11.65 -63.55 -14.46
CA GLN D 264 -11.27 -64.42 -13.37
C GLN D 264 -11.46 -65.87 -13.83
N LYS D 265 -12.51 -66.14 -14.63
CA LYS D 265 -12.75 -67.51 -15.14
C LYS D 265 -11.57 -67.95 -16.03
N ASP D 266 -11.08 -67.07 -16.92
CA ASP D 266 -9.93 -67.45 -17.75
C ASP D 266 -8.70 -67.76 -16.86
N LEU D 267 -8.52 -66.93 -15.81
CA LEU D 267 -7.42 -67.09 -14.89
C LEU D 267 -7.54 -68.45 -14.14
N ALA D 268 -8.73 -68.80 -13.65
CA ALA D 268 -8.88 -70.06 -12.94
C ALA D 268 -8.66 -71.27 -13.91
N ASP D 269 -9.18 -71.18 -15.13
CA ASP D 269 -8.98 -72.34 -16.06
C ASP D 269 -7.50 -72.64 -16.22
N ALA D 270 -6.75 -71.57 -16.37
CA ALA D 270 -5.34 -71.61 -16.56
C ALA D 270 -4.61 -72.09 -15.32
N ILE D 271 -4.93 -71.52 -14.17
CA ILE D 271 -4.20 -71.93 -12.97
C ILE D 271 -4.62 -73.33 -12.56
N ILE D 272 -5.93 -73.54 -12.51
CA ILE D 272 -6.35 -74.84 -12.04
C ILE D 272 -5.92 -76.01 -12.96
N ASN D 273 -6.10 -75.89 -14.27
CA ASN D 273 -5.69 -76.98 -15.19
C ASN D 273 -4.20 -77.27 -15.07
N THR D 274 -3.39 -76.23 -14.87
CA THR D 274 -1.97 -76.44 -14.74
C THR D 274 -1.62 -77.11 -13.44
N MET D 275 -2.10 -76.59 -12.30
CA MET D 275 -1.78 -77.23 -11.03
C MET D 275 -2.22 -78.72 -10.94
N LEU D 276 -3.40 -79.06 -11.48
CA LEU D 276 -3.86 -80.46 -11.39
C LEU D 276 -2.97 -81.44 -12.16
N LYS D 277 -2.13 -80.92 -13.05
CA LYS D 277 -1.23 -81.81 -13.78
C LYS D 277 -0.20 -82.42 -12.84
N TYR D 278 -0.01 -81.78 -11.67
CA TYR D 278 0.97 -82.28 -10.69
C TYR D 278 0.43 -83.20 -9.59
N LYS D 279 -0.84 -83.57 -9.68
CA LYS D 279 -1.48 -84.36 -8.62
C LYS D 279 -0.89 -85.73 -8.38
N ASP D 280 -0.10 -86.22 -9.33
CA ASP D 280 0.54 -87.52 -9.15
C ASP D 280 1.92 -87.35 -8.48
N LYS D 281 2.41 -86.12 -8.38
CA LYS D 281 3.71 -85.93 -7.75
C LYS D 281 3.64 -85.29 -6.34
N VAL D 282 2.64 -84.42 -6.11
CA VAL D 282 2.49 -83.75 -4.81
C VAL D 282 1.02 -83.67 -4.48
N GLU D 283 0.74 -83.45 -3.21
CA GLU D 283 -0.69 -83.31 -2.82
C GLU D 283 -1.09 -81.89 -3.18
N MET D 284 -2.32 -81.72 -3.67
CA MET D 284 -2.78 -80.38 -4.04
C MET D 284 -2.90 -79.55 -2.78
N PRO D 285 -2.41 -78.32 -2.85
CA PRO D 285 -2.43 -77.41 -1.70
C PRO D 285 -3.64 -76.52 -1.66
N ASN D 286 -3.70 -75.70 -0.61
CA ASN D 286 -4.73 -74.65 -0.51
C ASN D 286 -4.19 -73.67 -1.53
N LEU D 287 -5.05 -72.96 -2.23
CA LEU D 287 -4.60 -72.05 -3.25
C LEU D 287 -4.95 -70.66 -2.76
N ILE D 288 -3.98 -69.74 -2.81
CA ILE D 288 -4.25 -68.37 -2.37
C ILE D 288 -3.95 -67.43 -3.54
N LEU D 289 -4.77 -66.40 -3.76
CA LEU D 289 -4.45 -65.41 -4.78
C LEU D 289 -4.47 -64.08 -4.03
N GLU D 290 -3.74 -63.11 -4.54
CA GLU D 290 -3.63 -61.76 -3.89
C GLU D 290 -4.12 -60.66 -4.80
N PRO D 291 -5.36 -60.74 -5.29
CA PRO D 291 -5.75 -59.66 -6.18
C PRO D 291 -5.96 -58.32 -5.47
N GLY D 292 -5.55 -57.23 -6.12
CA GLY D 292 -5.79 -55.90 -5.59
C GLY D 292 -6.67 -55.12 -6.58
N ARG D 293 -6.04 -54.73 -7.68
CA ARG D 293 -6.70 -53.98 -8.73
C ARG D 293 -7.98 -54.65 -9.20
N SER D 294 -7.92 -55.98 -9.42
CA SER D 294 -9.10 -56.63 -9.96
C SER D 294 -10.26 -56.83 -8.99
N LEU D 295 -10.08 -56.43 -7.72
CA LEU D 295 -11.17 -56.44 -6.76
C LEU D 295 -11.79 -55.05 -6.65
N VAL D 296 -10.96 -53.99 -6.66
CA VAL D 296 -11.50 -52.65 -6.45
C VAL D 296 -11.40 -51.55 -7.48
N ALA D 297 -10.55 -51.71 -8.49
CA ALA D 297 -10.37 -50.65 -9.45
C ALA D 297 -11.65 -50.18 -10.14
N THR D 298 -12.40 -51.13 -10.72
CA THR D 298 -13.60 -50.79 -11.48
C THR D 298 -14.74 -50.30 -10.63
N ALA D 299 -14.56 -50.39 -9.31
CA ALA D 299 -15.62 -49.89 -8.39
C ALA D 299 -15.46 -48.37 -8.08
N GLY D 300 -14.31 -47.77 -8.47
CA GLY D 300 -14.06 -46.38 -8.12
C GLY D 300 -14.16 -45.40 -9.26
N TYR D 301 -14.71 -44.21 -8.98
CA TYR D 301 -14.89 -43.18 -10.00
C TYR D 301 -14.43 -41.89 -9.34
N LEU D 302 -13.77 -41.01 -10.08
CA LEU D 302 -13.35 -39.72 -9.46
C LEU D 302 -14.10 -38.61 -10.20
N LEU D 303 -14.89 -37.81 -9.45
CA LEU D 303 -15.66 -36.72 -10.03
C LEU D 303 -14.94 -35.42 -9.81
N GLY D 304 -14.87 -34.63 -10.87
CA GLY D 304 -14.20 -33.34 -10.78
C GLY D 304 -15.03 -32.33 -11.53
N LYS D 305 -15.25 -31.19 -10.91
CA LYS D 305 -16.02 -30.13 -11.55
C LYS D 305 -15.17 -29.30 -12.48
N VAL D 306 -15.75 -28.85 -13.59
CA VAL D 306 -15.03 -28.04 -14.54
C VAL D 306 -15.09 -26.58 -14.13
N HIS D 307 -13.95 -25.98 -13.83
CA HIS D 307 -13.94 -24.56 -13.42
C HIS D 307 -13.58 -23.61 -14.56
N HIS D 308 -12.81 -24.11 -15.54
CA HIS D 308 -12.39 -23.30 -16.68
C HIS D 308 -12.25 -24.14 -17.94
N ILE D 309 -12.60 -23.51 -19.08
CA ILE D 309 -12.37 -24.09 -20.41
C ILE D 309 -11.35 -23.09 -21.02
N LYS D 310 -10.27 -23.61 -21.61
CA LYS D 310 -9.20 -22.79 -22.17
C LYS D 310 -8.81 -23.25 -23.57
N GLU D 311 -9.20 -22.47 -24.59
CA GLU D 311 -8.87 -22.82 -25.97
C GLU D 311 -7.47 -22.31 -26.30
N THR D 312 -6.61 -23.13 -26.85
CA THR D 312 -5.25 -22.68 -27.16
C THR D 312 -5.02 -23.13 -28.57
N PRO D 313 -3.97 -22.63 -29.22
CA PRO D 313 -3.71 -23.03 -30.61
C PRO D 313 -3.53 -24.49 -30.85
N VAL D 314 -3.18 -25.23 -29.81
CA VAL D 314 -2.90 -26.64 -29.98
C VAL D 314 -3.91 -27.56 -29.37
N THR D 315 -4.57 -27.12 -28.32
CA THR D 315 -5.53 -28.04 -27.69
C THR D 315 -6.61 -27.29 -26.99
N LYS D 316 -7.76 -27.94 -26.83
CA LYS D 316 -8.83 -27.31 -26.05
C LYS D 316 -8.74 -27.97 -24.67
N TRP D 317 -8.25 -27.20 -23.68
CA TRP D 317 -8.11 -27.69 -22.30
C TRP D 317 -9.36 -27.51 -21.48
N VAL D 318 -9.70 -28.53 -20.69
CA VAL D 318 -10.84 -28.44 -19.79
C VAL D 318 -10.15 -28.57 -18.37
N MET D 319 -10.28 -27.55 -17.51
CA MET D 319 -9.61 -27.56 -16.20
C MET D 319 -10.56 -28.02 -15.07
N ILE D 320 -10.23 -29.12 -14.39
CA ILE D 320 -11.10 -29.58 -13.32
C ILE D 320 -10.45 -29.48 -11.94
N ASP D 321 -11.28 -29.55 -10.90
CA ASP D 321 -10.73 -29.44 -9.55
C ASP D 321 -10.15 -30.77 -8.98
N ALA D 322 -10.10 -31.86 -9.77
CA ALA D 322 -9.39 -33.07 -9.32
C ALA D 322 -7.99 -32.82 -9.91
N GLY D 323 -6.95 -33.32 -9.25
CA GLY D 323 -5.58 -33.12 -9.75
C GLY D 323 -4.74 -34.36 -9.47
N MET D 324 -3.50 -34.34 -9.93
CA MET D 324 -2.63 -35.49 -9.78
C MET D 324 -2.48 -35.89 -8.32
N ASN D 325 -2.56 -34.94 -7.38
CA ASN D 325 -2.41 -35.27 -5.98
C ASN D 325 -3.60 -36.14 -5.52
N ASP D 326 -4.74 -36.01 -6.18
CA ASP D 326 -5.91 -36.84 -5.82
C ASP D 326 -5.83 -38.29 -6.40
N MET D 327 -5.24 -38.38 -7.58
CA MET D 327 -5.15 -39.59 -8.38
C MET D 327 -3.91 -39.46 -9.29
N MET D 328 -2.87 -40.19 -8.91
CA MET D 328 -1.55 -40.12 -9.51
C MET D 328 -1.20 -40.97 -10.70
N ARG D 329 -2.10 -41.85 -11.12
CA ARG D 329 -1.71 -42.80 -12.17
C ARG D 329 -1.31 -42.19 -13.51
N PRO D 330 -2.09 -41.23 -14.04
CA PRO D 330 -1.68 -40.63 -15.31
C PRO D 330 -0.35 -39.96 -15.14
N ALA D 331 -0.16 -39.24 -14.02
CA ALA D 331 1.14 -38.54 -13.86
C ALA D 331 2.32 -39.44 -13.73
N MET D 332 2.20 -40.52 -12.96
CA MET D 332 3.32 -41.42 -12.76
C MET D 332 3.59 -42.41 -13.86
N TYR D 333 2.53 -42.89 -14.48
CA TYR D 333 2.73 -43.92 -15.48
C TYR D 333 2.16 -43.56 -16.83
N GLU D 334 1.65 -42.35 -17.01
CA GLU D 334 1.02 -41.96 -18.26
C GLU D 334 -0.11 -42.97 -18.49
N ALA D 335 -0.76 -43.40 -17.41
CA ALA D 335 -1.80 -44.43 -17.55
C ALA D 335 -3.12 -43.92 -18.11
N TYR D 336 -3.79 -44.79 -18.89
CA TYR D 336 -5.06 -44.43 -19.49
C TYR D 336 -6.26 -44.72 -18.58
N HIS D 337 -7.10 -43.72 -18.37
CA HIS D 337 -8.34 -43.94 -17.60
C HIS D 337 -9.45 -43.37 -18.50
N HIS D 338 -10.56 -44.10 -18.63
CA HIS D 338 -11.70 -43.60 -19.42
C HIS D 338 -12.30 -42.35 -18.69
N ILE D 339 -12.66 -41.31 -19.46
CA ILE D 339 -13.20 -40.10 -18.86
C ILE D 339 -14.49 -39.62 -19.59
N ILE D 340 -15.57 -39.32 -18.89
CA ILE D 340 -16.75 -38.86 -19.60
C ILE D 340 -17.28 -37.59 -18.92
N ASN D 341 -18.22 -36.94 -19.62
CA ASN D 341 -18.95 -35.79 -19.05
C ASN D 341 -20.11 -36.52 -18.36
N CYS D 342 -20.49 -36.11 -17.16
CA CYS D 342 -21.61 -36.77 -16.49
C CYS D 342 -22.98 -36.43 -17.14
N LYS D 343 -22.99 -35.45 -18.01
CA LYS D 343 -24.27 -35.02 -18.61
C LYS D 343 -24.15 -35.23 -20.11
N VAL D 344 -25.15 -35.92 -20.69
CA VAL D 344 -25.15 -36.23 -22.14
C VAL D 344 -25.50 -34.97 -22.92
N LYS D 345 -24.77 -34.66 -23.97
CA LYS D 345 -25.10 -33.48 -24.76
C LYS D 345 -25.33 -33.98 -26.18
N ASN D 346 -25.88 -33.13 -27.01
CA ASN D 346 -26.10 -33.49 -28.38
C ASN D 346 -24.88 -33.22 -29.23
N GLU D 347 -23.92 -32.55 -28.66
CA GLU D 347 -22.71 -32.21 -29.38
C GLU D 347 -21.52 -32.84 -28.65
N LYS D 348 -20.51 -33.28 -29.40
CA LYS D 348 -19.31 -33.88 -28.84
C LYS D 348 -18.12 -33.07 -29.34
N GLU D 349 -17.02 -33.10 -28.60
CA GLU D 349 -15.83 -32.35 -28.98
C GLU D 349 -14.62 -33.04 -28.35
N VAL D 350 -13.45 -32.76 -28.90
CA VAL D 350 -12.22 -33.37 -28.44
C VAL D 350 -11.47 -32.39 -27.57
N VAL D 351 -11.07 -32.83 -26.38
CA VAL D 351 -10.40 -31.95 -25.42
C VAL D 351 -9.36 -32.70 -24.59
N SER D 352 -8.52 -31.95 -23.87
CA SER D 352 -7.49 -32.57 -22.98
C SER D 352 -8.00 -32.12 -21.62
N ILE D 353 -7.84 -32.97 -20.62
CA ILE D 353 -8.38 -32.68 -19.29
C ILE D 353 -7.26 -32.57 -18.30
N ALA D 354 -7.21 -31.49 -17.52
CA ALA D 354 -6.10 -31.35 -16.57
C ALA D 354 -6.59 -30.84 -15.22
N GLY D 355 -5.77 -31.07 -14.19
CA GLY D 355 -6.04 -30.54 -12.86
C GLY D 355 -5.34 -29.17 -12.79
N GLY D 356 -5.32 -28.55 -11.60
CA GLY D 356 -4.72 -27.24 -11.45
C GLY D 356 -3.32 -27.17 -10.84
N LEU D 357 -2.61 -28.30 -10.80
CA LEU D 357 -1.28 -28.28 -10.23
C LEU D 357 -0.22 -27.78 -11.22
N CYS D 358 0.90 -27.27 -10.68
CA CYS D 358 2.06 -26.71 -11.41
C CYS D 358 2.87 -27.56 -12.34
N GLU D 359 2.65 -28.88 -12.28
CA GLU D 359 3.39 -29.89 -13.00
C GLU D 359 2.79 -30.14 -14.36
N SER D 360 3.62 -30.14 -15.41
CA SER D 360 3.02 -30.35 -16.71
C SER D 360 2.52 -31.77 -16.75
N SER D 361 2.93 -32.66 -15.84
CA SER D 361 2.37 -34.01 -15.95
C SER D 361 0.97 -34.11 -15.30
N ASP D 362 0.47 -33.01 -14.74
CA ASP D 362 -0.86 -33.07 -14.13
C ASP D 362 -1.92 -32.94 -15.26
N VAL D 363 -2.05 -34.02 -16.03
CA VAL D 363 -2.99 -34.08 -17.14
C VAL D 363 -3.59 -35.46 -17.04
N PHE D 364 -4.92 -35.52 -17.05
CA PHE D 364 -5.64 -36.77 -16.93
C PHE D 364 -5.84 -37.50 -18.25
N GLY D 365 -5.93 -36.75 -19.32
CA GLY D 365 -6.10 -37.38 -20.63
C GLY D 365 -5.96 -36.34 -21.71
N ARG D 366 -5.60 -36.80 -22.90
CA ARG D 366 -5.46 -35.90 -24.03
C ARG D 366 -6.29 -36.41 -25.22
N ASP D 367 -6.77 -35.48 -26.03
CA ASP D 367 -7.51 -35.90 -27.20
C ASP D 367 -8.64 -36.84 -26.88
N ARG D 368 -9.47 -36.48 -25.92
CA ARG D 368 -10.58 -37.32 -25.52
C ARG D 368 -11.85 -36.74 -26.10
N GLU D 369 -12.68 -37.60 -26.66
CA GLU D 369 -13.92 -37.07 -27.22
C GLU D 369 -14.93 -37.12 -26.07
N LEU D 370 -15.44 -35.98 -25.68
CA LEU D 370 -16.44 -35.91 -24.60
C LEU D 370 -17.69 -35.18 -25.09
N ASP D 371 -18.81 -35.45 -24.43
CA ASP D 371 -20.00 -34.65 -24.70
C ASP D 371 -19.59 -33.23 -24.36
N LYS D 372 -20.04 -32.27 -25.16
CA LYS D 372 -19.66 -30.86 -25.00
C LYS D 372 -19.53 -30.34 -23.56
N VAL D 373 -18.32 -29.92 -23.21
CA VAL D 373 -18.06 -29.47 -21.85
C VAL D 373 -18.37 -27.99 -21.52
N GLU D 374 -19.05 -27.77 -20.42
CA GLU D 374 -19.36 -26.41 -20.01
C GLU D 374 -18.85 -26.22 -18.59
N VAL D 375 -18.49 -24.99 -18.21
CA VAL D 375 -18.03 -24.68 -16.84
C VAL D 375 -19.16 -25.14 -15.93
N GLY D 376 -18.84 -25.85 -14.87
CA GLY D 376 -19.92 -26.28 -14.00
C GLY D 376 -20.29 -27.73 -14.25
N ASP D 377 -19.91 -28.28 -15.40
CA ASP D 377 -20.14 -29.69 -15.63
C ASP D 377 -19.25 -30.50 -14.68
N VAL D 378 -19.61 -31.75 -14.49
CA VAL D 378 -18.85 -32.68 -13.65
C VAL D 378 -18.31 -33.79 -14.59
N LEU D 379 -17.01 -34.05 -14.56
CA LEU D 379 -16.49 -35.16 -15.38
C LEU D 379 -16.26 -36.33 -14.43
N ALA D 380 -16.31 -37.54 -14.99
CA ALA D 380 -16.07 -38.77 -14.23
C ALA D 380 -14.88 -39.48 -14.82
N ILE D 381 -13.90 -39.77 -13.96
CA ILE D 381 -12.71 -40.49 -14.39
C ILE D 381 -12.94 -41.88 -13.88
N PHE D 382 -12.98 -42.83 -14.79
CA PHE D 382 -13.26 -44.20 -14.41
C PHE D 382 -12.06 -44.98 -13.88
N ASP D 383 -12.40 -46.06 -13.17
CA ASP D 383 -11.46 -47.07 -12.72
C ASP D 383 -10.31 -46.59 -11.84
N VAL D 384 -10.66 -45.83 -10.80
CA VAL D 384 -9.66 -45.27 -9.84
C VAL D 384 -9.82 -45.88 -8.45
N GLY D 385 -10.51 -47.02 -8.38
CA GLY D 385 -10.72 -47.61 -7.06
C GLY D 385 -9.47 -48.23 -6.46
N ALA D 386 -8.49 -48.50 -7.31
CA ALA D 386 -7.21 -49.11 -6.95
C ALA D 386 -6.07 -48.15 -7.29
N TYR D 387 -5.13 -48.03 -6.36
CA TYR D 387 -3.97 -47.13 -6.50
C TYR D 387 -4.50 -45.74 -6.85
N GLY D 388 -5.59 -45.37 -6.17
CA GLY D 388 -6.19 -44.06 -6.39
C GLY D 388 -5.98 -43.29 -5.09
N ILE D 389 -6.94 -43.40 -4.17
CA ILE D 389 -6.75 -42.72 -2.89
C ILE D 389 -5.48 -43.28 -2.19
N SER D 390 -5.10 -44.54 -2.44
CA SER D 390 -3.95 -45.09 -1.72
C SER D 390 -2.62 -44.43 -2.09
N MET D 391 -2.54 -43.73 -3.24
CA MET D 391 -1.35 -43.00 -3.65
C MET D 391 -1.60 -41.50 -3.64
N ALA D 392 -2.74 -41.04 -3.08
CA ALA D 392 -3.03 -39.58 -3.07
C ALA D 392 -2.06 -38.87 -2.12
N ASN D 393 -1.84 -37.58 -2.32
CA ASN D 393 -0.91 -36.85 -1.44
C ASN D 393 -1.38 -35.40 -1.35
N ASN D 394 -0.55 -34.56 -0.73
CA ASN D 394 -0.89 -33.16 -0.59
C ASN D 394 -0.04 -32.25 -1.43
N TYR D 395 0.49 -32.74 -2.55
CA TYR D 395 1.36 -31.88 -3.38
C TYR D 395 0.64 -30.59 -3.76
N ASN D 396 1.37 -29.46 -3.76
CA ASN D 396 0.84 -28.14 -4.02
C ASN D 396 -0.06 -27.66 -2.89
N ALA D 397 0.13 -28.27 -1.72
CA ALA D 397 -0.63 -27.96 -0.52
C ALA D 397 -2.15 -28.07 -0.77
N ARG D 398 -2.56 -29.23 -1.32
CA ARG D 398 -4.00 -29.51 -1.56
C ARG D 398 -4.44 -30.65 -0.66
N GLY D 399 -5.60 -30.54 -0.02
CA GLY D 399 -6.06 -31.61 0.86
C GLY D 399 -6.48 -32.83 0.07
N ARG D 400 -6.31 -34.02 0.65
CA ARG D 400 -6.72 -35.22 -0.07
C ARG D 400 -8.23 -35.16 -0.09
N PRO D 401 -8.84 -35.73 -1.13
CA PRO D 401 -10.29 -35.64 -1.22
C PRO D 401 -11.25 -36.46 -0.36
N ARG D 402 -12.50 -36.05 -0.41
CA ARG D 402 -13.56 -36.82 0.24
C ARG D 402 -13.78 -38.09 -0.59
N MET D 403 -14.36 -39.11 0.04
CA MET D 403 -14.68 -40.31 -0.68
C MET D 403 -16.02 -40.82 -0.12
N VAL D 404 -16.94 -41.20 -0.99
CA VAL D 404 -18.20 -41.77 -0.53
C VAL D 404 -18.30 -43.21 -1.07
N LEU D 405 -19.12 -43.98 -0.38
CA LEU D 405 -19.41 -45.35 -0.75
C LEU D 405 -20.90 -45.37 -1.18
N THR D 406 -21.23 -45.89 -2.36
CA THR D 406 -22.60 -45.98 -2.76
C THR D 406 -23.00 -47.42 -2.52
N SER D 407 -24.17 -47.62 -1.95
CA SER D 407 -24.65 -48.98 -1.76
C SER D 407 -26.16 -49.06 -1.65
N LYS D 408 -26.66 -50.26 -1.51
CA LYS D 408 -28.11 -50.39 -1.43
C LYS D 408 -28.63 -49.73 -0.16
N LYS D 409 -27.78 -49.60 0.85
CA LYS D 409 -28.13 -49.01 2.13
C LYS D 409 -28.11 -47.47 2.14
N GLY D 410 -27.57 -46.85 1.09
CA GLY D 410 -27.51 -45.41 1.03
C GLY D 410 -26.13 -44.94 0.54
N VAL D 411 -25.85 -43.64 0.57
CA VAL D 411 -24.51 -43.20 0.15
C VAL D 411 -23.89 -42.73 1.44
N PHE D 412 -22.67 -43.18 1.72
CA PHE D 412 -22.02 -42.81 2.98
C PHE D 412 -20.63 -42.20 2.77
N LEU D 413 -20.33 -41.18 3.57
CA LEU D 413 -19.01 -40.53 3.51
C LEU D 413 -18.05 -41.52 4.16
N ILE D 414 -17.05 -42.05 3.44
CA ILE D 414 -16.14 -43.00 4.08
C ILE D 414 -14.75 -42.42 4.21
N ARG D 415 -14.53 -41.24 3.62
CA ARG D 415 -13.27 -40.55 3.88
C ARG D 415 -13.57 -39.04 3.93
N GLU D 416 -13.25 -38.41 5.05
CA GLU D 416 -13.48 -36.95 5.14
C GLU D 416 -12.35 -36.19 4.39
N ARG D 417 -12.65 -34.99 3.89
CA ARG D 417 -11.60 -34.23 3.19
C ARG D 417 -10.68 -33.52 4.16
N GLU D 418 -9.54 -33.12 3.66
CA GLU D 418 -8.60 -32.41 4.53
C GLU D 418 -8.76 -30.90 4.31
N THR D 419 -8.77 -30.16 5.42
CA THR D 419 -8.89 -28.73 5.39
C THR D 419 -7.51 -28.05 5.34
N TYR D 420 -7.49 -26.73 5.21
CA TYR D 420 -6.21 -26.01 5.23
C TYR D 420 -5.53 -26.28 6.57
N ALA D 421 -6.29 -26.33 7.65
CA ALA D 421 -5.66 -26.60 8.96
C ALA D 421 -4.99 -28.00 8.97
N ASP D 422 -5.60 -28.99 8.28
CA ASP D 422 -4.96 -30.30 8.27
C ASP D 422 -3.60 -30.27 7.56
N LEU D 423 -3.46 -29.43 6.55
CA LEU D 423 -2.19 -29.40 5.82
C LEU D 423 -0.99 -29.14 6.72
N ILE D 424 -1.14 -28.30 7.75
CA ILE D 424 -0.04 -27.93 8.64
C ILE D 424 -0.15 -28.54 10.00
N ALA D 425 -1.04 -29.54 10.14
CA ALA D 425 -1.30 -30.14 11.45
C ALA D 425 -0.19 -30.97 12.06
N LYS D 426 0.83 -31.30 11.25
CA LYS D 426 1.99 -32.04 11.76
C LYS D 426 3.24 -31.13 11.81
N ASP D 427 3.09 -29.86 11.38
CA ASP D 427 4.24 -28.93 11.33
C ASP D 427 4.40 -28.20 12.67
N ILE D 428 5.62 -28.07 13.14
CA ILE D 428 5.84 -27.41 14.44
C ILE D 428 6.85 -26.27 14.26
N VAL D 429 6.52 -25.05 14.65
CA VAL D 429 7.46 -23.95 14.42
C VAL D 429 8.32 -23.77 15.67
N PRO D 430 9.67 -23.78 15.51
CA PRO D 430 10.69 -23.63 16.57
C PRO D 430 10.53 -22.23 17.21
N PRO D 431 10.93 -22.08 18.46
CA PRO D 431 10.75 -20.75 19.05
C PRO D 431 11.39 -19.59 18.31
N HIS D 432 12.60 -19.76 17.78
CA HIS D 432 13.23 -18.63 17.08
C HIS D 432 12.58 -18.30 15.73
N LEU D 433 11.63 -19.12 15.28
CA LEU D 433 10.92 -18.87 14.02
C LEU D 433 9.47 -18.39 14.24
N LEU D 434 9.10 -18.19 15.49
CA LEU D 434 7.79 -17.68 15.82
C LEU D 434 7.74 -16.13 15.58
N1 PLP E . -8.67 57.16 -1.82
C2 PLP E . -9.12 55.91 -2.23
C2A PLP E . -10.48 55.88 -2.96
C3 PLP E . -8.32 54.81 -1.92
O3 PLP E . -8.78 53.61 -2.34
C4 PLP E . -7.10 54.91 -1.30
C4A PLP E . -6.28 53.60 -1.01
O4A PLP E . -6.87 52.57 -1.13
C5 PLP E . -6.64 56.18 -0.87
C6 PLP E . -7.44 57.27 -1.18
C5A PLP E . -5.33 56.48 -0.17
O4P PLP E . -4.18 56.04 -0.94
P PLP E . -2.69 56.36 -0.48
O1P PLP E . -1.87 55.72 -1.50
O2P PLP E . -2.55 55.68 0.86
O3P PLP E . -2.53 57.81 -0.43
N1 PLP F . 4.61 21.72 8.57
C2 PLP F . 5.37 22.86 8.51
C2A PLP F . 6.74 22.74 9.16
C3 PLP F . 4.83 23.93 7.82
O3 PLP F . 5.58 25.06 7.76
C4 PLP F . 3.57 23.92 7.26
C4A PLP F . 3.04 25.18 6.50
O4A PLP F . 3.74 26.22 6.54
C5 PLP F . 2.81 22.71 7.33
C6 PLP F . 3.38 21.67 8.03
C5A PLP F . 1.45 22.47 6.78
O4P PLP F . 1.37 22.58 5.35
P PLP F . 0.04 22.21 4.57
O1P PLP F . 0.38 22.50 3.13
O2P PLP F . -1.02 23.11 5.15
O3P PLP F . -0.24 20.77 4.78
MG MG G . 2.62 -11.34 -33.32
N1 PLP H . 7.22 -20.98 -10.80
C2 PLP H . 6.26 -21.82 -11.41
C2A PLP H . 5.12 -21.15 -12.13
C3 PLP H . 6.40 -23.17 -11.27
O3 PLP H . 5.43 -23.94 -11.85
C4 PLP H . 7.46 -23.78 -10.64
C4A PLP H . 7.50 -25.35 -10.60
O4A PLP H . 6.83 -26.08 -10.93
C5 PLP H . 8.45 -22.95 -10.02
C6 PLP H . 8.28 -21.56 -10.13
C5A PLP H . 9.69 -23.43 -9.26
O4P PLP H . 10.56 -24.25 -10.06
P PLP H . 11.94 -24.71 -9.48
O1P PLP H . 12.51 -25.54 -10.55
O2P PLP H . 11.62 -25.47 -8.19
O3P PLP H . 12.77 -23.51 -9.22
N LYS I . -1.99 48.18 0.70
CA LYS I . -0.97 48.64 -0.29
C LYS I . 0.43 48.62 0.34
O LYS I . 1.47 49.07 -0.24
CB LYS I . -1.37 50.02 -0.72
CG LYS I . -2.88 50.11 -0.67
CD LYS I . -3.42 51.26 -1.42
CE LYS I . -4.62 50.78 -2.23
NZ LYS I . -4.09 49.73 -3.21
OXT LYS I . 0.50 48.08 1.44
N LYS J . -0.54 30.78 3.52
CA LYS J . -0.38 29.75 2.43
C LYS J . -1.69 29.69 1.69
O LYS J . -1.82 28.89 0.73
CB LYS J . -0.13 28.37 3.04
CG LYS J . 1.20 28.18 3.69
CD LYS J . 2.28 28.32 2.63
CE LYS J . 3.58 27.65 3.08
NZ LYS J . 3.80 27.66 4.60
OXT LYS J . -2.59 30.46 2.08
N LYS K . 8.00 -32.07 -8.82
CA LYS K . 9.11 -31.91 -9.82
C LYS K . 10.35 -32.70 -9.36
O LYS K . 11.42 -32.66 -10.03
CB LYS K . 9.47 -30.44 -9.95
CG LYS K . 8.29 -29.56 -10.21
CD LYS K . 8.54 -28.67 -11.39
CE LYS K . 7.25 -28.47 -12.20
NZ LYS K . 6.13 -27.97 -11.32
OXT LYS K . 10.21 -33.37 -8.30
N LYS L . 5.88 -24.97 -20.21
CA LYS L . 6.06 -26.05 -19.19
C LYS L . 6.20 -25.47 -17.80
O LYS L . 5.91 -26.13 -16.80
CB LYS L . 7.33 -26.87 -19.46
CG LYS L . 7.43 -28.11 -18.58
CD LYS L . 8.78 -28.81 -18.69
CE LYS L . 9.01 -29.72 -17.48
NZ LYS L . 9.33 -28.97 -16.21
OXT LYS L . 6.62 -24.32 -17.70
N LYS M . 0.94 -48.60 -8.29
CA LYS M . 0.78 -49.35 -9.58
C LYS M . -0.39 -48.75 -10.38
O LYS M . -1.00 -47.79 -9.84
CB LYS M . 0.54 -50.83 -9.27
CG LYS M . 1.21 -51.24 -7.99
CD LYS M . 1.34 -52.74 -7.80
CE LYS M . 2.74 -53.16 -8.15
NZ LYS M . 3.09 -52.82 -9.61
OXT LYS M . -0.66 -49.18 -11.53
N LYS N . 8.60 -59.11 -10.70
CA LYS N . 8.09 -57.76 -10.30
C LYS N . 7.05 -57.83 -9.15
O LYS N . 6.45 -58.89 -8.98
CB LYS N . 7.42 -57.08 -11.51
CG LYS N . 7.69 -55.60 -11.69
CD LYS N . 6.66 -54.96 -12.67
CE LYS N . 5.19 -55.10 -12.18
NZ LYS N . 4.68 -53.88 -11.52
OXT LYS N . 6.82 -56.82 -8.44
N1 PLP O . 0.63 -59.30 -4.18
C2 PLP O . 1.83 -58.67 -4.13
C2A PLP O . 2.99 -59.43 -3.41
C3 PLP O . 1.92 -57.38 -4.69
O3 PLP O . 3.14 -56.78 -4.63
C4 PLP O . 0.92 -56.75 -5.33
C4A PLP O . 1.20 -55.32 -5.93
O4A PLP O . 1.97 -54.75 -5.89
C5 PLP O . -0.37 -57.40 -5.41
C6 PLP O . -0.45 -58.68 -4.83
C5A PLP O . -1.60 -56.87 -6.07
O4P PLP O . -1.45 -56.63 -7.48
P PLP O . -2.71 -56.21 -8.34
O1P PLP O . -2.13 -55.99 -9.63
O2P PLP O . -3.27 -54.97 -7.67
O3P PLP O . -3.64 -57.36 -8.32
#